data_8RHZ
#
_entry.id   8RHZ
#
_cell.length_a   1.00
_cell.length_b   1.00
_cell.length_c   1.00
_cell.angle_alpha   90.00
_cell.angle_beta   90.00
_cell.angle_gamma   90.00
#
_symmetry.space_group_name_H-M   'P 1'
#
loop_
_entity.id
_entity.type
_entity.pdbx_description
1 polymer Cullin-9
2 polymer 'E3 ubiquitin-protein ligase RBX1'
3 non-polymer 'ZINC ION'
#
loop_
_entity_poly.entity_id
_entity_poly.type
_entity_poly.pdbx_seq_one_letter_code
_entity_poly.pdbx_strand_id
1 'polypeptide(L)'
;GPMVGERHAGDLMVPLGPRLQAYPEELIRQRPGHDGHPEYLIRWSVLKCGEVGKVGVEEGKAEHILMWLSAPEVYANCPG
LLGERALSKGLQHEPAGVSGSFPRDPGGLDEVAMGEMEADVQALVRRAARQLAESGTPSLTAAVLHTIHVLSAYASIGPL
TGVFRETGALDLLMHMLCNPEPQIRRSAGKMLQALAAHDAGSRAHVLLSLSQQDGIEQHMDFDSRYTLLELFAETTSSEE
HCMAFEGIHLPQIPGKLLFSLVKRYLCVTSLLDQLNSSPELGAGDQSSPCATREKSRGQRELEFSMAVGNLISELVRSMG
WARNLSEQGMSPPRPTRSIFQPYISGPSLLLPTIVTTPRRQGWVFRQRSEFSSRSGYGEYVQQTLQPGMRVRMLDDYEEI
SAGDEGEFRQSNNGIPPVQVFWQSTGRTYWVHWHMLEILGPEEATEDKASAAVEKGAGATVLGTAFPSWDWNPMDGLYPL
PYLQPEPQKNERVGYLTQAEWWELLFFIKKLDLCEQQPIFQNLWKNLDETLGEKALGEISVSVEMAESLLQVLSSRFEGS
TLNDLLNSQIYTKYGLLSNEPSSSSTSRNHSCTPDPEEESKSEASFSEEETESLKAKAEAPKTEAEPTKTRTETPMAQSD
SQLFNQLLVTEGMTLPTEMKEAASEMARALRGPGPRSSLDQHVAAVVATVQISSLDTNLQLSGLSALSQAVEEVTERDHP
LVRPDRSLREKLVKMLVELLTNQVGEKMVVVQALRLLYLLMTKHEWRPLFAREGGIYAVLVCMQEYKTSVLVQQAGLAAL
KMLAVASSSEIPTFVTGRDSIHSLFDAQMTREIFASIDSATRPGSESLLLTVPAAVILMLNTEGCSSAARNGLLLLNLLL
CNHHTLGDQIITQELRDTLFRHSGIAPRTEPMPTTRTILMMLLNRYSEPPGSPERAALETPIIQGQDGSPELLIRSLVGG
PSAELLLDLERVLCREGSPGGAVRPLLKRLQQETQPFLLLLRTLDAPGPNKTLLLSVLRVITRLLDFPEAMVLPWHEVLE
PCLNCLSGPSSDSEIVQELTCFLHRLASMHKDYAVVLCCLGAKEILSKVLDKHSAQLLLGCELRDLVTECEKYAQLYSNL
TSSILAGCIQMVLGQIEDHRRTHQPINIPFFDVFLRHLCQGSSVEVKEDKCWEKVEVSSNPHRASKLTDHNPKTYWESNG
STGSHYITLHMHRGVLVRQLTLLVASEDSSYMPARVVVFGGDSTSCIGTELNTVNVMPSASRVILLENLNRFWPIIQIRI
KRCQQGGIDTRVRGVEVLGPKPTFWPLFREQLCRRTCLFYTIRAQAWSRDIAEDHRRLLQLCPRLNRVLRHEQNFADRFL
PDDEAAQALGKTCWEALVSPLVQNITSPDAEGVSALGWLLDQYLEQRETSRNPLSRAASFASRVRRLCHLLVHVEPPPGP
SPEPSTRPFSKNSKGRDRSPAPSPVLPSSSLRNITQCWLSVVQEQVSRFLAAAWRAPDFVPRYCKLYEHLQRAGSELFGP
RAAFMLALRSGFSGALLQQSFLTAAHMSEQFARYIDQQIQGGLIGGAPGVEMLGQLQRHLEPIMVLSGLELATTFEHFYQ
HYMADRLLSFGSSWLEGAVLEQIGLCFPNRLPQLMLQSLSTSEELQRQFHLFQLQRLDKLFLEQEDEEEKRLEEEEEEEE
EEEAEKELFIEDPSPAISILVLSPRCWPVSPLCYLYHPRKCLPTEFCDALDRFSSFYSQSQNHPVLDMGPHRRLQWTWLG
RAELQFGKQILHVSTVQMWLLLKFNQTEEVSVETLLKDSDLSPELLLQALVPLTSGNGPLTLHEGQDFPHGGVLRLHEPG
PQRSGEALWLIPPQAYLNVEKDEGRTLEQKRNLLSCLLVRILKAHGEKGLHIDQLVCLVLEAWQKGPNPPGTLGHTVAGG
VACTSTDVLSCILHLLGQGYVKRRDDRPQILMYAAPEPMGPCRGQADVPFCGSQSETSKPSPEAVATLASLQLPAGRTMS
PQEVEGLMKQTVRQVQETLNLEPDVAQHLLAHSHWGAEQLLQSYSEDPEPLLLAAGLCVHQAQAVPVRPDHCPVCVSPLG
CDDDLPSLCCMHYCCKSCWNEYLTTRIEQNLVLNCTCPIADCPAQPTGAFIRAIVSSPEVISKYEKALLRGYVESCSNLT
WCTNPQGCDRILCRQGLGCGTTCSKCGWASCFNCSFPEAHYPASCGHMSQWVDDGGYYDGMSVEAQSKHLAKLISKRCPS
CQAPIEKNEGCLHMTCAKCNHGFCWRCLKSWKPNHKDYYNCSAMVSKAARQEKRFQDYNERCTFHHQAREFAVNLRNRVS
AIHEVPPPRSFTFLNDACQGLEQARKVLAYACVYSFYSQDAEYMDVVEQQTENLELHTNALQILLEETLLRCRDLASSLR
LLRADCLSTGMELLRRIQERLLAILQHSAQDFRVGLQSPSVEAWEAKGPNMPGSQPQASSGPEAEEEEEDDEDDVPEWQQ
DEFDEELDNDSFSYDESENLDQETFFFGDEEEDEDEAYD
;
A,B
2 'polypeptide(L)'
;MAAAMDVDTPSGTNSGAGKKRFEVKKWNAVALWAWDIVVDNCAICRNHIMDLCIECQANQASATSEECTVAWGVCNHAFH
FHCISRWLKTRQVCPLDNREWEFQKYGH
;
C,D
#
# COMPACT_ATOMS: atom_id res chain seq x y z
N LEU A 12 11.13 52.61 21.83
CA LEU A 12 10.70 51.22 21.76
C LEU A 12 10.88 50.52 23.10
N MET A 13 10.54 49.24 23.15
CA MET A 13 10.62 48.45 24.38
C MET A 13 11.20 47.09 24.04
N VAL A 14 12.44 46.87 24.41
CA VAL A 14 13.07 45.58 24.11
C VAL A 14 12.34 44.48 24.87
N PRO A 15 12.02 43.38 24.25
CA PRO A 15 11.33 42.29 24.95
C PRO A 15 12.27 41.51 25.85
N LEU A 16 12.49 42.04 27.06
CA LEU A 16 13.48 41.49 27.98
C LEU A 16 13.12 40.10 28.45
N GLY A 17 12.06 39.52 27.91
CA GLY A 17 11.67 38.17 28.25
C GLY A 17 10.44 37.71 27.51
N PRO A 18 9.80 36.65 28.01
CA PRO A 18 8.57 36.18 27.36
C PRO A 18 7.45 37.18 27.46
N ARG A 19 7.32 37.85 28.59
CA ARG A 19 6.29 38.85 28.76
C ARG A 19 6.85 40.20 29.20
N LEU A 20 7.89 40.20 30.03
CA LEU A 20 8.42 41.45 30.57
C LEU A 20 8.96 42.33 29.43
N GLN A 21 9.24 43.57 29.77
CA GLN A 21 9.79 44.51 28.79
C GLN A 21 10.58 45.58 29.51
N ALA A 22 11.36 46.33 28.76
CA ALA A 22 12.18 47.39 29.32
C ALA A 22 12.15 48.61 28.41
N TYR A 23 12.30 49.79 29.01
CA TYR A 23 12.33 51.05 28.25
C TYR A 23 13.18 52.06 29.00
N PRO A 24 14.00 52.84 28.32
CA PRO A 24 14.92 53.73 29.02
C PRO A 24 14.19 54.86 29.71
N GLU A 25 14.84 55.42 30.74
CA GLU A 25 14.27 56.55 31.47
C GLU A 25 15.05 57.84 31.27
N GLU A 26 16.32 57.89 31.68
CA GLU A 26 17.10 59.11 31.55
C GLU A 26 18.55 58.94 31.97
N LEU A 27 19.43 59.74 31.39
CA LEU A 27 20.85 59.67 31.73
C LEU A 27 21.07 60.00 33.19
N ILE A 28 22.15 59.45 33.75
CA ILE A 28 22.44 59.65 35.16
C ILE A 28 23.88 60.07 35.44
N ARG A 29 24.82 59.87 34.52
CA ARG A 29 26.20 60.24 34.79
C ARG A 29 26.96 60.27 33.47
N GLN A 30 28.28 60.32 33.55
CA GLN A 30 29.12 60.20 32.38
C GLN A 30 30.50 59.75 32.81
N ARG A 31 31.19 59.05 31.92
CA ARG A 31 32.52 58.53 32.23
C ARG A 31 33.32 58.16 30.99
N HIS A 34 36.38 53.85 28.54
CA HIS A 34 36.60 52.45 28.22
C HIS A 34 37.48 52.32 26.99
N ASP A 35 37.35 53.28 26.09
CA ASP A 35 38.19 53.37 24.90
C ASP A 35 38.64 54.80 24.63
N GLY A 36 38.20 55.76 25.44
CA GLY A 36 38.52 57.15 25.23
C GLY A 36 37.39 57.98 24.67
N HIS A 37 36.15 57.60 24.89
CA HIS A 37 35.00 58.28 24.31
C HIS A 37 33.85 58.25 25.29
N PRO A 38 32.91 59.19 25.18
CA PRO A 38 31.86 59.34 26.20
C PRO A 38 30.99 58.10 26.35
N GLU A 39 31.06 57.48 27.51
CA GLU A 39 30.06 56.50 27.90
C GLU A 39 28.86 57.24 28.48
N TYR A 40 27.88 56.48 28.97
CA TYR A 40 26.71 57.11 29.57
C TYR A 40 25.94 56.07 30.37
N LEU A 41 25.68 56.37 31.63
CA LEU A 41 24.87 55.48 32.46
C LEU A 41 23.40 55.78 32.23
N ILE A 42 22.64 54.76 31.88
CA ILE A 42 21.22 54.91 31.58
C ILE A 42 20.44 53.89 32.39
N ARG A 43 19.31 54.32 32.94
CA ARG A 43 18.43 53.46 33.70
C ARG A 43 17.31 52.97 32.80
N TRP A 44 16.86 51.75 33.06
CA TRP A 44 15.90 51.08 32.18
C TRP A 44 14.75 50.58 33.04
N SER A 45 13.59 51.19 32.88
CA SER A 45 12.43 50.76 33.63
C SER A 45 11.92 49.43 33.10
N VAL A 46 11.61 48.51 34.01
CA VAL A 46 11.09 47.20 33.67
C VAL A 46 9.59 47.19 33.90
N LEU A 47 8.83 46.71 32.92
CA LEU A 47 7.38 46.60 33.01
C LEU A 47 6.99 45.15 32.76
N LYS A 48 6.35 44.54 33.74
CA LYS A 48 5.92 43.16 33.61
C LYS A 48 4.71 43.07 32.68
N GLU A 63 13.50 46.09 40.13
CA GLU A 63 13.02 47.42 39.79
C GLU A 63 13.49 47.80 38.38
N HIS A 64 14.33 48.82 38.30
CA HIS A 64 14.92 49.21 37.04
C HIS A 64 16.39 48.81 36.98
N ILE A 65 16.88 48.61 35.77
CA ILE A 65 18.22 48.08 35.54
C ILE A 65 19.13 49.22 35.12
N LEU A 66 20.32 49.26 35.70
CA LEU A 66 21.28 50.30 35.38
C LEU A 66 22.33 49.72 34.43
N MET A 67 22.51 50.36 33.28
CA MET A 67 23.48 49.86 32.30
C MET A 67 24.33 51.00 31.80
N TRP A 68 25.45 50.65 31.20
CA TRP A 68 26.34 51.62 30.59
C TRP A 68 26.29 51.44 29.08
N LEU A 69 26.16 52.54 28.35
CA LEU A 69 26.08 52.49 26.90
C LEU A 69 27.09 53.45 26.29
N SER A 70 27.56 53.12 25.11
CA SER A 70 28.49 53.97 24.39
C SER A 70 27.73 54.97 23.53
N ALA A 71 28.43 55.65 22.61
CA ALA A 71 27.78 56.65 21.77
C ALA A 71 26.98 55.99 20.64
N PRO A 72 27.58 55.11 19.83
CA PRO A 72 26.76 54.39 18.85
C PRO A 72 25.65 53.60 19.50
N GLU A 73 25.94 52.97 20.63
CA GLU A 73 24.92 52.21 21.32
C GLU A 73 23.74 53.08 21.72
N VAL A 74 24.00 54.27 22.26
CA VAL A 74 22.90 55.11 22.71
C VAL A 74 22.12 55.66 21.53
N TYR A 75 22.83 56.11 20.49
CA TYR A 75 22.14 56.60 19.30
C TYR A 75 21.23 55.53 18.73
N ALA A 76 21.70 54.29 18.65
CA ALA A 76 20.93 53.23 18.04
C ALA A 76 19.74 52.86 18.90
N ASN A 77 20.00 52.49 20.16
CA ASN A 77 18.92 51.98 21.00
C ASN A 77 17.96 53.08 21.43
N CYS A 78 18.46 54.08 22.14
CA CYS A 78 17.60 55.12 22.73
C CYS A 78 18.07 56.49 22.29
N PRO A 79 17.46 57.07 21.25
CA PRO A 79 17.88 58.37 20.76
C PRO A 79 17.23 59.56 21.46
N GLY A 80 16.44 59.33 22.50
CA GLY A 80 15.84 60.42 23.24
C GLY A 80 16.89 61.36 23.78
N LEU A 81 17.69 60.89 24.73
CA LEU A 81 18.80 61.67 25.25
C LEU A 81 19.85 61.95 24.18
N GLU A 111 27.72 76.56 32.55
CA GLU A 111 26.93 77.65 31.97
C GLU A 111 26.84 78.83 32.93
N VAL A 112 26.02 79.81 32.59
CA VAL A 112 25.79 80.94 33.48
C VAL A 112 25.12 80.48 34.76
N ALA A 113 24.23 79.50 34.65
CA ALA A 113 23.63 78.91 35.84
C ALA A 113 24.70 78.28 36.73
N MET A 114 25.68 77.62 36.11
CA MET A 114 26.75 77.01 36.90
C MET A 114 27.67 78.06 37.51
N GLY A 115 27.91 79.17 36.81
CA GLY A 115 28.71 80.23 37.39
C GLY A 115 28.03 80.88 38.59
N GLU A 116 26.75 81.20 38.43
CA GLU A 116 25.96 81.65 39.57
C GLU A 116 25.93 80.59 40.65
N MET A 117 25.98 79.31 40.26
CA MET A 117 26.02 78.25 41.25
C MET A 117 27.31 78.29 42.05
N GLU A 118 28.42 78.60 41.38
CA GLU A 118 29.69 78.72 42.07
C GLU A 118 29.68 79.89 43.02
N ALA A 119 29.07 81.00 42.59
CA ALA A 119 28.87 82.12 43.51
C ALA A 119 28.05 81.68 44.73
N ASP A 120 26.97 80.91 44.50
CA ASP A 120 26.15 80.41 45.59
C ASP A 120 26.95 79.51 46.51
N VAL A 121 27.84 78.70 45.93
CA VAL A 121 28.72 77.85 46.73
C VAL A 121 29.57 78.71 47.64
N GLN A 122 30.21 79.72 47.07
CA GLN A 122 31.08 80.58 47.87
C GLN A 122 30.29 81.25 48.99
N ALA A 123 29.13 81.80 48.66
CA ALA A 123 28.35 82.54 49.65
C ALA A 123 27.87 81.64 50.76
N LEU A 124 27.24 80.52 50.40
CA LEU A 124 26.80 79.58 51.42
C LEU A 124 27.97 79.06 52.22
N VAL A 125 29.15 78.96 51.61
CA VAL A 125 30.31 78.45 52.32
C VAL A 125 30.75 79.43 53.38
N ARG A 126 30.91 80.69 52.99
CA ARG A 126 31.30 81.72 53.95
C ARG A 126 30.27 81.83 55.05
N ARG A 127 28.99 81.68 54.70
CA ARG A 127 27.95 81.70 55.72
C ARG A 127 28.09 80.53 56.68
N ALA A 128 28.44 79.35 56.15
CA ALA A 128 28.65 78.21 57.02
C ALA A 128 29.82 78.45 57.94
N ALA A 129 30.89 79.06 57.42
CA ALA A 129 32.04 79.39 58.24
C ALA A 129 31.67 80.37 59.34
N ARG A 130 30.85 81.36 58.99
CA ARG A 130 30.41 82.33 59.99
C ARG A 130 29.53 81.66 61.04
N GLN A 131 28.68 80.74 60.62
CA GLN A 131 27.89 79.97 61.58
C GLN A 131 28.79 79.16 62.49
N LEU A 132 29.90 78.66 61.95
CA LEU A 132 30.81 77.84 62.76
C LEU A 132 31.56 78.71 63.76
N ALA A 133 32.11 79.83 63.31
CA ALA A 133 32.78 80.76 64.21
C ALA A 133 31.80 81.43 65.16
N GLU A 134 30.51 81.34 64.88
CA GLU A 134 29.46 81.85 65.74
C GLU A 134 28.58 80.69 66.18
N SER A 135 29.22 79.61 66.62
CA SER A 135 28.50 78.44 67.08
C SER A 135 28.00 78.65 68.51
N GLY A 136 27.31 79.75 68.74
CA GLY A 136 26.67 80.01 70.02
C GLY A 136 25.24 80.48 69.85
N THR A 137 24.86 80.80 68.61
CA THR A 137 23.52 81.29 68.32
C THR A 137 22.74 80.21 67.58
N PRO A 138 21.83 79.51 68.25
CA PRO A 138 20.98 78.55 67.53
C PRO A 138 20.23 79.20 66.39
N SER A 139 20.00 80.50 66.47
CA SER A 139 19.35 81.21 65.38
C SER A 139 20.17 81.11 64.11
N LEU A 140 21.46 81.49 64.19
CA LEU A 140 22.31 81.43 63.01
C LEU A 140 22.55 79.98 62.59
N THR A 141 22.66 79.09 63.57
CA THR A 141 22.73 77.67 63.26
C THR A 141 21.57 77.27 62.37
N ALA A 142 20.35 77.59 62.79
CA ALA A 142 19.18 77.19 62.01
C ALA A 142 19.13 77.88 60.68
N ALA A 143 19.53 79.15 60.63
CA ALA A 143 19.50 79.86 59.36
C ALA A 143 20.38 79.16 58.34
N VAL A 144 21.67 79.04 58.64
CA VAL A 144 22.54 78.33 57.71
C VAL A 144 22.09 76.89 57.54
N LEU A 145 21.34 76.36 58.50
CA LEU A 145 20.86 74.99 58.38
C LEU A 145 19.87 74.87 57.23
N HIS A 146 18.84 75.71 57.24
CA HIS A 146 17.94 75.76 56.09
C HIS A 146 18.69 76.15 54.84
N THR A 147 19.74 76.94 54.99
CA THR A 147 20.54 77.30 53.82
C THR A 147 21.09 76.05 53.17
N ILE A 148 21.88 75.27 53.92
CA ILE A 148 22.40 73.99 53.44
C ILE A 148 21.27 73.11 52.94
N HIS A 149 20.07 73.29 53.48
CA HIS A 149 18.92 72.60 52.91
C HIS A 149 18.73 72.99 51.46
N VAL A 150 18.69 74.30 51.21
CA VAL A 150 18.53 74.79 49.84
C VAL A 150 19.71 74.37 48.98
N LEU A 151 20.91 74.38 49.57
CA LEU A 151 22.09 73.85 48.90
C LEU A 151 21.83 72.43 48.43
N SER A 152 21.53 71.53 49.36
CA SER A 152 21.26 70.14 49.04
C SER A 152 20.23 70.02 47.93
N ALA A 153 19.19 70.85 47.99
CA ALA A 153 18.21 70.87 46.90
C ALA A 153 18.90 71.17 45.57
N TYR A 154 19.78 72.16 45.56
CA TYR A 154 20.44 72.55 44.32
C TYR A 154 21.42 71.47 43.87
N ALA A 155 22.32 71.06 44.76
CA ALA A 155 23.26 69.98 44.50
C ALA A 155 22.56 68.69 44.15
N SER A 156 21.24 68.61 44.32
CA SER A 156 20.52 67.50 43.75
C SER A 156 20.55 67.51 42.22
N ILE A 157 21.03 68.59 41.60
CA ILE A 157 21.05 68.68 40.15
C ILE A 157 22.10 67.75 39.59
N GLY A 158 21.80 67.13 38.46
CA GLY A 158 22.64 66.11 37.89
C GLY A 158 24.04 66.59 37.56
N PRO A 159 24.16 67.44 36.54
CA PRO A 159 25.49 67.89 36.12
C PRO A 159 26.17 68.82 37.11
N LEU A 160 25.45 69.33 38.11
CA LEU A 160 26.06 70.25 39.05
C LEU A 160 27.10 69.57 39.92
N THR A 161 27.10 68.23 39.95
CA THR A 161 28.07 67.49 40.75
C THR A 161 29.49 67.93 40.46
N GLY A 162 29.76 68.35 39.22
CA GLY A 162 31.07 68.90 38.92
C GLY A 162 31.40 70.08 39.80
N VAL A 163 30.51 71.08 39.83
CA VAL A 163 30.76 72.26 40.64
C VAL A 163 30.80 71.89 42.11
N PHE A 164 29.96 70.94 42.52
CA PHE A 164 29.97 70.50 43.90
C PHE A 164 31.35 69.97 44.28
N ARG A 165 31.79 68.93 43.58
CA ARG A 165 33.08 68.30 43.90
C ARG A 165 34.24 69.26 43.70
N GLU A 166 34.08 70.26 42.85
CA GLU A 166 35.14 71.25 42.66
C GLU A 166 35.18 72.27 43.79
N THR A 167 34.04 72.58 44.40
CA THR A 167 34.03 73.51 45.50
C THR A 167 34.52 72.88 46.80
N GLY A 168 34.43 71.55 46.91
CA GLY A 168 34.86 70.88 48.12
C GLY A 168 33.87 70.96 49.25
N ALA A 169 32.57 70.81 48.95
CA ALA A 169 31.55 70.82 49.98
C ALA A 169 31.73 69.72 51.01
N LEU A 170 32.62 68.76 50.74
CA LEU A 170 32.91 67.71 51.70
C LEU A 170 33.57 68.28 52.96
N ASP A 171 34.40 69.31 52.82
CA ASP A 171 34.98 69.93 54.00
C ASP A 171 33.89 70.43 54.93
N LEU A 172 32.89 71.09 54.38
CA LEU A 172 31.78 71.55 55.20
C LEU A 172 30.97 70.39 55.74
N LEU A 173 30.78 69.35 54.92
CA LEU A 173 30.04 68.19 55.40
C LEU A 173 30.71 67.56 56.61
N MET A 174 32.04 67.53 56.61
CA MET A 174 32.77 66.95 57.72
C MET A 174 32.74 67.87 58.94
N HIS A 175 33.13 69.13 58.76
CA HIS A 175 33.04 70.10 59.82
C HIS A 175 31.61 70.21 60.38
N MET A 176 30.62 69.73 59.65
CA MET A 176 29.25 69.75 60.11
C MET A 176 28.88 68.47 60.86
N LEU A 177 29.19 67.31 60.28
CA LEU A 177 28.85 66.05 60.94
C LEU A 177 29.63 65.87 62.24
N GLU A 181 25.29 69.27 67.04
CA GLU A 181 23.90 69.63 66.99
C GLU A 181 23.06 68.55 66.32
N PRO A 182 21.88 68.28 66.86
CA PRO A 182 20.99 67.35 66.17
C PRO A 182 20.45 67.94 64.90
N GLN A 183 20.21 69.26 64.88
CA GLN A 183 19.76 69.92 63.67
C GLN A 183 20.76 69.71 62.54
N ILE A 184 22.02 70.08 62.79
CA ILE A 184 23.05 69.89 61.78
C ILE A 184 23.25 68.41 61.49
N ARG A 185 23.12 67.56 62.52
CA ARG A 185 23.30 66.13 62.32
C ARG A 185 22.30 65.59 61.30
N ARG A 186 21.02 65.74 61.60
CA ARG A 186 19.98 65.30 60.66
C ARG A 186 20.09 66.03 59.33
N SER A 187 20.49 67.30 59.37
CA SER A 187 20.63 68.06 58.15
C SER A 187 21.67 67.40 57.25
N ALA A 188 22.92 67.40 57.69
CA ALA A 188 24.00 66.86 56.89
C ALA A 188 23.77 65.41 56.54
N GLY A 189 23.03 64.67 57.36
CA GLY A 189 22.65 63.33 56.95
C GLY A 189 21.78 63.34 55.70
N LYS A 190 20.68 64.10 55.75
CA LYS A 190 19.88 64.28 54.55
C LYS A 190 20.73 64.81 53.41
N MET A 191 21.71 65.64 53.73
CA MET A 191 22.57 66.23 52.73
C MET A 191 23.37 65.16 52.03
N LEU A 192 23.95 64.27 52.81
CA LEU A 192 24.70 63.18 52.24
C LEU A 192 23.80 62.32 51.40
N GLN A 193 22.57 62.09 51.85
CA GLN A 193 21.66 61.27 51.07
C GLN A 193 21.44 61.88 49.69
N ALA A 194 21.11 63.17 49.68
CA ALA A 194 20.88 63.87 48.42
C ALA A 194 22.11 63.82 47.54
N LEU A 195 23.27 64.19 48.08
CA LEU A 195 24.49 64.19 47.30
C LEU A 195 24.87 62.80 46.84
N ALA A 196 24.41 61.77 47.53
CA ALA A 196 24.85 60.42 47.24
C ALA A 196 24.03 59.78 46.14
N ALA A 197 22.71 59.99 46.16
CA ALA A 197 21.82 59.31 45.22
C ALA A 197 22.40 59.26 43.80
N HIS A 198 22.82 60.41 43.27
CA HIS A 198 23.33 60.45 41.91
C HIS A 198 24.78 60.00 41.85
N ASP A 199 25.59 60.44 42.82
CA ASP A 199 27.03 60.22 42.80
C ASP A 199 27.44 59.50 44.07
N ALA A 200 28.14 58.38 43.92
CA ALA A 200 28.55 57.57 45.05
C ALA A 200 30.01 57.78 45.46
N GLY A 201 30.85 58.22 44.54
CA GLY A 201 32.28 58.29 44.80
C GLY A 201 32.64 59.15 45.98
N SER A 202 32.46 60.46 45.84
CA SER A 202 32.75 61.35 46.96
C SER A 202 31.93 60.99 48.19
N ARG A 203 30.77 60.36 47.99
CA ARG A 203 30.00 59.91 49.14
C ARG A 203 30.83 58.96 49.98
N ALA A 204 31.19 57.82 49.41
CA ALA A 204 32.03 56.88 50.14
C ALA A 204 33.30 57.56 50.62
N HIS A 205 33.84 58.48 49.84
CA HIS A 205 35.11 59.08 50.20
C HIS A 205 35.00 59.87 51.51
N VAL A 206 34.11 60.86 51.53
CA VAL A 206 33.92 61.66 52.73
C VAL A 206 33.51 60.78 53.89
N LEU A 207 32.72 59.74 53.62
CA LEU A 207 32.32 58.87 54.71
C LEU A 207 33.53 58.17 55.31
N LEU A 208 34.33 57.53 54.46
CA LEU A 208 35.47 56.76 54.97
C LEU A 208 36.55 57.65 55.55
N SER A 209 36.64 58.90 55.09
CA SER A 209 37.62 59.80 55.64
C SER A 209 37.16 60.38 56.98
N LEU A 210 35.85 60.66 57.11
CA LEU A 210 35.30 60.96 58.41
C LEU A 210 35.51 59.79 59.35
N SER A 211 35.40 58.57 58.81
CA SER A 211 35.75 57.39 59.59
C SER A 211 37.22 57.44 60.01
N GLN A 212 38.08 57.90 59.11
CA GLN A 212 39.49 57.99 59.44
C GLN A 212 39.72 58.98 60.57
N GLN A 213 38.85 59.98 60.70
CA GLN A 213 38.96 60.96 61.76
C GLN A 213 38.44 60.37 63.07
N MET A 220 37.43 52.00 69.03
CA MET A 220 36.12 52.28 68.46
C MET A 220 35.01 51.83 69.40
N ASP A 221 34.47 52.78 70.16
CA ASP A 221 33.41 52.47 71.10
C ASP A 221 32.14 52.08 70.35
N PHE A 222 31.20 51.51 71.11
CA PHE A 222 29.91 51.19 70.54
C PHE A 222 29.24 52.43 69.98
N ASP A 223 29.44 53.57 70.63
CA ASP A 223 28.83 54.81 70.16
C ASP A 223 29.35 55.19 68.79
N SER A 224 30.67 55.14 68.62
CA SER A 224 31.25 55.47 67.32
C SER A 224 30.80 54.49 66.26
N ARG A 225 30.87 53.20 66.56
CA ARG A 225 30.41 52.21 65.61
C ARG A 225 28.97 52.47 65.20
N TYR A 226 28.12 52.82 66.17
CA TYR A 226 26.70 52.99 65.85
C TYR A 226 26.47 54.25 65.05
N THR A 227 27.15 55.34 65.40
CA THR A 227 27.06 56.55 64.61
C THR A 227 27.46 56.27 63.17
N LEU A 228 28.59 55.58 62.99
CA LEU A 228 29.07 55.31 61.64
C LEU A 228 28.08 54.47 60.87
N LEU A 229 27.68 53.34 61.42
CA LEU A 229 26.78 52.47 60.71
C LEU A 229 25.46 53.15 60.44
N GLU A 230 25.03 54.07 61.30
CA GLU A 230 23.80 54.77 61.03
C GLU A 230 23.97 55.69 59.84
N LEU A 231 25.06 56.44 59.81
CA LEU A 231 25.33 57.31 58.68
C LEU A 231 25.37 56.52 57.39
N PHE A 232 26.02 55.36 57.39
CA PHE A 232 26.02 54.55 56.18
C PHE A 232 24.61 54.12 55.83
N ALA A 233 23.99 53.33 56.71
CA ALA A 233 22.74 52.67 56.42
C ALA A 233 21.69 53.66 55.96
N GLU A 234 21.75 54.88 56.45
CA GLU A 234 20.85 55.90 55.94
C GLU A 234 21.39 56.53 54.67
N THR A 235 22.54 57.19 54.76
CA THR A 235 22.97 58.11 53.72
C THR A 235 23.14 57.42 52.38
N THR A 236 23.64 56.20 52.37
CA THR A 236 23.91 55.53 51.11
C THR A 236 22.93 54.36 50.99
N SER A 237 21.75 54.65 50.50
CA SER A 237 20.80 53.62 50.13
C SER A 237 20.39 53.91 48.69
N SER A 238 21.21 53.48 47.75
CA SER A 238 20.91 53.69 46.35
C SER A 238 20.06 52.54 45.82
N GLU A 239 19.83 52.57 44.51
CA GLU A 239 19.14 51.44 43.90
C GLU A 239 20.05 50.23 43.82
N GLU A 240 21.37 50.46 43.82
CA GLU A 240 22.31 49.35 43.79
C GLU A 240 22.31 48.60 45.11
N HIS A 241 22.17 49.33 46.22
CA HIS A 241 22.20 48.69 47.53
C HIS A 241 20.84 48.14 47.91
N CYS A 242 19.77 48.64 47.30
CA CYS A 242 18.42 48.26 47.70
C CYS A 242 17.76 47.38 46.65
N MET A 243 17.22 46.25 47.09
CA MET A 243 16.54 45.28 46.23
C MET A 243 15.79 44.31 47.14
N ALA A 244 15.30 43.23 46.56
CA ALA A 244 14.50 42.26 47.30
C ALA A 244 15.34 41.04 47.69
N PHE A 245 14.79 40.25 48.61
CA PHE A 245 15.41 39.02 49.06
C PHE A 245 14.34 38.06 49.54
N GLU A 246 14.41 36.80 49.09
CA GLU A 246 13.37 35.82 49.36
C GLU A 246 13.47 35.23 50.76
N GLY A 247 14.19 35.89 51.66
CA GLY A 247 14.23 35.44 53.04
C GLY A 247 14.95 34.12 53.25
N ILE A 248 16.05 33.89 52.52
CA ILE A 248 16.89 32.75 52.80
C ILE A 248 17.59 33.01 54.13
N HIS A 249 18.22 31.98 54.69
CA HIS A 249 18.82 32.08 56.02
C HIS A 249 20.08 32.95 55.94
N LEU A 250 19.86 34.24 55.86
CA LEU A 250 20.96 35.18 55.90
C LEU A 250 21.42 35.33 57.33
N PRO A 251 22.57 34.76 57.70
CA PRO A 251 22.93 34.67 59.11
C PRO A 251 23.20 36.04 59.70
N GLN A 252 23.39 36.06 61.01
CA GLN A 252 23.75 37.29 61.69
C GLN A 252 25.23 37.56 61.49
N ILE A 253 25.76 38.48 62.28
CA ILE A 253 27.20 38.73 62.29
C ILE A 253 27.47 39.60 63.51
N PRO A 254 28.72 39.82 63.89
CA PRO A 254 29.00 40.76 64.97
C PRO A 254 29.27 42.16 64.45
N GLY A 255 29.28 43.10 65.39
CA GLY A 255 29.39 44.50 65.01
C GLY A 255 30.71 44.82 64.36
N LYS A 256 31.82 44.38 64.96
CA LYS A 256 33.12 44.74 64.42
C LYS A 256 33.32 44.13 63.04
N LEU A 257 32.86 42.89 62.85
CA LEU A 257 32.97 42.26 61.54
C LEU A 257 32.14 42.99 60.51
N LEU A 258 30.91 43.36 60.87
CA LEU A 258 30.09 44.13 59.95
C LEU A 258 30.78 45.44 59.58
N PHE A 259 31.41 46.08 60.55
CA PHE A 259 32.05 47.36 60.29
C PHE A 259 33.22 47.20 59.34
N SER A 260 33.99 46.12 59.51
CA SER A 260 35.11 45.90 58.59
C SER A 260 34.61 45.62 57.18
N LEU A 261 33.54 44.83 57.07
CA LEU A 261 32.95 44.58 55.76
C LEU A 261 32.52 45.89 55.09
N VAL A 262 31.87 46.78 55.85
CA VAL A 262 31.40 48.04 55.29
C VAL A 262 32.58 48.90 54.84
N LYS A 263 33.64 48.95 55.63
CA LYS A 263 34.80 49.75 55.25
C LYS A 263 35.42 49.22 53.95
N ARG A 264 35.49 47.90 53.81
CA ARG A 264 36.01 47.35 52.57
C ARG A 264 35.14 47.71 51.38
N TYR A 265 33.82 47.59 51.55
CA TYR A 265 32.91 47.94 50.46
C TYR A 265 33.06 49.39 50.06
N LEU A 266 33.25 50.25 51.05
CA LEU A 266 33.41 51.66 50.73
C LEU A 266 34.69 51.91 49.95
N CYS A 267 35.78 51.22 50.31
CA CYS A 267 37.00 51.43 49.54
C CYS A 267 36.83 50.95 48.10
N VAL A 268 36.17 49.81 47.93
CA VAL A 268 35.91 49.33 46.58
C VAL A 268 35.22 50.41 45.77
N THR A 269 34.02 50.81 46.21
CA THR A 269 33.31 51.82 45.44
C THR A 269 34.09 53.10 45.32
N SER A 270 35.00 53.37 46.25
CA SER A 270 35.79 54.59 46.16
C SER A 270 36.63 54.58 44.91
N LEU A 271 37.28 53.46 44.63
CA LEU A 271 38.13 53.40 43.44
C LEU A 271 37.42 52.84 42.22
N LEU A 272 36.17 52.41 42.34
CA LEU A 272 35.52 51.62 41.30
C LEU A 272 34.98 52.43 40.14
N ASP A 273 35.35 53.69 40.00
CA ASP A 273 34.88 54.49 38.88
C ASP A 273 36.00 55.13 38.09
N GLN A 274 37.06 55.60 38.76
CA GLN A 274 38.15 56.29 38.10
C GLN A 274 38.93 55.40 37.15
N LEU A 275 38.57 54.12 37.01
CA LEU A 275 39.34 53.22 36.17
C LEU A 275 39.05 53.48 34.70
N SER A 296 50.38 54.15 36.26
CA SER A 296 49.91 53.69 34.96
C SER A 296 48.56 53.00 35.09
N ARG A 297 47.91 52.76 33.96
CA ARG A 297 46.63 52.07 33.98
C ARG A 297 46.76 50.69 34.60
N GLY A 298 47.89 50.03 34.37
CA GLY A 298 48.15 48.77 35.03
C GLY A 298 48.13 48.89 36.54
N GLN A 299 48.59 50.02 37.06
CA GLN A 299 48.52 50.26 38.50
C GLN A 299 47.08 50.31 38.97
N ARG A 300 46.22 51.03 38.23
CA ARG A 300 44.82 51.09 38.63
C ARG A 300 44.17 49.72 38.55
N GLU A 301 44.52 48.93 37.53
CA GLU A 301 43.96 47.60 37.41
C GLU A 301 44.36 46.73 38.60
N LEU A 302 45.65 46.76 38.95
CA LEU A 302 46.12 45.96 40.06
C LEU A 302 45.44 46.39 41.36
N GLU A 303 45.31 47.70 41.55
CA GLU A 303 44.66 48.21 42.76
C GLU A 303 43.23 47.71 42.84
N PHE A 304 42.46 47.87 41.77
CA PHE A 304 41.08 47.44 41.82
C PHE A 304 40.96 45.95 42.03
N SER A 305 41.87 45.17 41.44
CA SER A 305 41.82 43.73 41.61
C SER A 305 42.02 43.37 43.07
N MET A 306 43.05 43.93 43.68
CA MET A 306 43.28 43.64 45.09
C MET A 306 42.11 44.09 45.94
N ALA A 307 41.47 45.20 45.58
CA ALA A 307 40.34 45.70 46.36
C ALA A 307 39.19 44.72 46.36
N VAL A 308 38.75 44.31 45.17
CA VAL A 308 37.62 43.40 45.13
C VAL A 308 37.99 42.08 45.76
N GLY A 309 39.25 41.67 45.63
CA GLY A 309 39.67 40.45 46.31
C GLY A 309 39.46 40.56 47.80
N ASN A 310 39.86 41.67 48.38
CA ASN A 310 39.67 41.85 49.81
C ASN A 310 38.20 41.80 50.18
N LEU A 311 37.34 42.50 49.41
CA LEU A 311 35.92 42.53 49.77
C LEU A 311 35.31 41.14 49.74
N ILE A 312 35.56 40.38 48.67
CA ILE A 312 34.97 39.04 48.58
C ILE A 312 35.56 38.12 49.64
N SER A 313 36.85 38.25 49.93
CA SER A 313 37.46 37.45 50.97
C SER A 313 36.74 37.67 52.30
N GLU A 314 36.72 38.92 52.76
CA GLU A 314 36.11 39.20 54.05
C GLU A 314 34.63 38.87 54.06
N LEU A 315 33.94 39.01 52.93
CA LEU A 315 32.52 38.70 52.90
C LEU A 315 32.28 37.21 53.06
N VAL A 316 33.00 36.40 52.29
CA VAL A 316 32.88 34.95 52.43
C VAL A 316 33.18 34.55 53.85
N ARG A 317 34.21 35.13 54.45
CA ARG A 317 34.54 34.78 55.84
C ARG A 317 33.40 35.13 56.77
N SER A 318 33.06 36.41 56.86
CA SER A 318 32.02 36.88 57.78
C SER A 318 30.73 36.08 57.60
N MET A 319 30.15 36.12 56.40
CA MET A 319 28.93 35.36 56.21
C MET A 319 29.15 33.86 56.29
N GLY A 320 30.38 33.40 56.49
CA GLY A 320 30.57 32.00 56.78
C GLY A 320 30.11 31.09 55.67
N TRP A 321 30.83 31.09 54.55
CA TRP A 321 30.48 30.24 53.42
C TRP A 321 31.67 29.41 52.96
N ALA A 322 32.62 29.14 53.85
CA ALA A 322 33.78 28.35 53.48
C ALA A 322 33.40 26.88 53.30
N PRO A 332 35.51 14.99 37.61
CA PRO A 332 36.04 15.53 36.34
C PRO A 332 35.03 16.41 35.61
N PRO A 333 35.51 17.44 34.93
CA PRO A 333 34.60 18.33 34.21
C PRO A 333 34.02 17.65 32.98
N ARG A 334 32.79 18.06 32.64
CA ARG A 334 32.11 17.50 31.50
C ARG A 334 32.87 17.80 30.22
N PRO A 335 32.69 16.99 29.18
CA PRO A 335 33.33 17.28 27.90
C PRO A 335 32.84 18.58 27.31
N THR A 336 33.61 19.11 26.37
CA THR A 336 33.31 20.41 25.78
C THR A 336 32.12 20.30 24.84
N ARG A 337 30.95 20.70 25.30
CA ARG A 337 29.76 20.77 24.46
C ARG A 337 29.42 22.24 24.24
N SER A 338 28.92 22.55 23.06
CA SER A 338 28.69 23.95 22.71
C SER A 338 27.48 24.46 23.47
N ILE A 339 27.61 25.67 24.03
CA ILE A 339 26.51 26.27 24.76
C ILE A 339 25.29 26.52 23.89
N PHE A 340 25.46 26.53 22.57
CA PHE A 340 24.41 26.99 21.67
C PHE A 340 23.68 25.87 20.95
N GLN A 341 24.38 24.82 20.53
CA GLN A 341 23.75 23.74 19.80
C GLN A 341 22.92 22.89 20.74
N PRO A 342 21.59 22.91 20.65
CA PRO A 342 20.76 22.15 21.58
C PRO A 342 20.61 20.70 21.15
N TYR A 478 30.96 21.35 9.12
CA TYR A 478 31.97 22.39 9.30
C TYR A 478 32.36 22.53 10.77
N PRO A 479 33.66 22.63 11.03
CA PRO A 479 34.11 22.79 12.42
C PRO A 479 33.78 24.18 12.94
N LEU A 480 33.14 24.22 14.10
CA LEU A 480 32.73 25.49 14.67
C LEU A 480 33.94 26.28 15.12
N PRO A 481 34.18 27.48 14.58
CA PRO A 481 35.42 28.21 14.89
C PRO A 481 35.45 28.80 16.29
N TYR A 482 34.42 28.60 17.12
CA TYR A 482 34.43 29.09 18.48
C TYR A 482 34.57 28.01 19.53
N LEU A 483 34.21 26.77 19.22
CA LEU A 483 34.31 25.70 20.20
C LEU A 483 35.76 25.38 20.52
N GLN A 484 36.62 25.39 19.50
CA GLN A 484 38.03 25.09 19.71
C GLN A 484 38.80 26.35 20.08
N THR A 497 49.80 30.93 34.19
CA THR A 497 48.56 31.70 34.14
C THR A 497 48.74 33.04 34.81
N GLN A 498 47.89 34.01 34.45
CA GLN A 498 47.96 35.32 35.07
C GLN A 498 47.18 35.38 36.36
N ALA A 499 46.05 34.67 36.43
CA ALA A 499 45.24 34.71 37.64
C ALA A 499 45.97 34.09 38.81
N GLU A 500 46.66 32.98 38.57
CA GLU A 500 47.40 32.33 39.64
C GLU A 500 48.47 33.27 40.18
N TRP A 501 49.19 33.93 39.28
CA TRP A 501 50.21 34.88 39.71
C TRP A 501 49.58 36.02 40.50
N TRP A 502 48.42 36.50 40.04
CA TRP A 502 47.77 37.59 40.75
C TRP A 502 47.42 37.18 42.17
N GLU A 503 46.86 35.99 42.34
CA GLU A 503 46.50 35.52 43.68
C GLU A 503 47.74 35.38 44.55
N LEU A 504 48.81 34.83 43.99
CA LEU A 504 50.05 34.75 44.74
C LEU A 504 50.51 36.12 45.18
N LEU A 505 50.44 37.10 44.28
CA LEU A 505 50.90 38.43 44.62
C LEU A 505 50.06 39.03 45.71
N PHE A 506 48.76 38.75 45.69
CA PHE A 506 47.88 39.24 46.75
C PHE A 506 48.30 38.68 48.10
N PHE A 507 48.51 37.36 48.16
CA PHE A 507 48.94 36.77 49.42
C PHE A 507 50.27 37.36 49.87
N ILE A 508 51.15 37.67 48.91
CA ILE A 508 52.44 38.26 49.25
C ILE A 508 52.24 39.64 49.85
N LYS A 509 51.41 40.47 49.21
CA LYS A 509 51.09 41.78 49.74
C LYS A 509 50.43 41.69 51.11
N LYS A 510 49.80 40.56 51.41
CA LYS A 510 49.26 40.36 52.75
C LYS A 510 50.34 40.23 53.80
N LEU A 511 51.59 40.01 53.40
CA LEU A 511 52.69 40.01 54.35
C LEU A 511 53.07 41.43 54.73
N ASP A 512 53.86 41.55 55.79
CA ASP A 512 54.27 42.87 56.26
C ASP A 512 55.10 43.57 55.20
N LEU A 513 54.89 44.89 55.07
CA LEU A 513 55.66 45.65 54.08
C LEU A 513 57.14 45.62 54.41
N CYS A 514 57.48 45.65 55.70
CA CYS A 514 58.89 45.58 56.11
C CYS A 514 59.52 44.27 55.65
N GLU A 515 59.02 43.15 56.19
CA GLU A 515 59.58 41.85 55.83
C GLU A 515 59.42 41.52 54.36
N GLN A 516 58.58 42.27 53.65
CA GLN A 516 58.42 42.09 52.21
C GLN A 516 59.42 42.91 51.42
N GLN A 517 59.93 44.00 51.99
CA GLN A 517 61.01 44.75 51.34
C GLN A 517 62.14 43.85 50.86
N PRO A 518 62.70 42.95 51.67
CA PRO A 518 63.65 41.99 51.11
C PRO A 518 63.00 40.99 50.17
N ILE A 519 61.77 40.57 50.45
CA ILE A 519 61.05 39.75 49.48
C ILE A 519 60.83 40.54 48.20
N PHE A 520 60.60 41.85 48.33
CA PHE A 520 60.48 42.69 47.16
C PHE A 520 61.77 42.69 46.35
N GLN A 521 62.91 42.84 47.03
CA GLN A 521 64.19 42.82 46.33
C GLN A 521 64.43 41.48 45.65
N ASN A 522 64.13 40.39 46.35
CA ASN A 522 64.29 39.06 45.77
C ASN A 522 63.40 38.91 44.53
N LEU A 523 62.20 39.49 44.57
CA LEU A 523 61.34 39.47 43.39
C LEU A 523 61.98 40.25 42.24
N TRP A 524 62.47 41.44 42.54
CA TRP A 524 63.10 42.28 41.52
C TRP A 524 64.54 41.84 41.26
N GLY A 537 54.51 44.09 38.11
CA GLY A 537 54.13 42.89 38.83
C GLY A 537 53.37 41.90 37.97
N GLU A 538 53.89 41.64 36.78
CA GLU A 538 53.27 40.70 35.84
C GLU A 538 54.32 39.77 35.25
N ILE A 539 55.28 39.35 36.06
CA ILE A 539 56.36 38.48 35.61
C ILE A 539 55.91 37.04 35.79
N SER A 540 55.80 36.31 34.67
CA SER A 540 55.38 34.91 34.73
C SER A 540 56.38 34.10 35.55
N VAL A 541 55.91 32.97 36.07
CA VAL A 541 56.69 32.17 36.99
C VAL A 541 56.75 30.73 36.50
N SER A 542 57.62 29.97 37.15
CA SER A 542 57.70 28.53 36.97
C SER A 542 57.26 27.84 38.25
N VAL A 543 56.77 26.60 38.10
CA VAL A 543 56.18 25.89 39.23
C VAL A 543 57.17 25.78 40.38
N GLU A 544 58.45 25.64 40.06
CA GLU A 544 59.46 25.56 41.11
C GLU A 544 59.56 26.87 41.87
N MET A 545 59.60 27.99 41.13
CA MET A 545 59.64 29.28 41.79
C MET A 545 58.40 29.48 42.65
N ALA A 546 57.26 28.96 42.19
CA ALA A 546 56.03 29.12 42.96
C ALA A 546 56.07 28.29 44.24
N GLU A 547 56.56 27.07 44.15
CA GLU A 547 56.71 26.25 45.35
C GLU A 547 57.64 26.93 46.35
N SER A 548 58.74 27.49 45.85
CA SER A 548 59.65 28.24 46.71
C SER A 548 58.93 29.40 47.36
N LEU A 549 58.09 30.10 46.59
CA LEU A 549 57.37 31.24 47.13
C LEU A 549 56.44 30.81 48.27
N LEU A 550 55.66 29.74 48.03
CA LEU A 550 54.73 29.27 49.06
C LEU A 550 55.48 28.80 50.30
N GLN A 551 56.62 28.14 50.11
CA GLN A 551 57.39 27.68 51.25
C GLN A 551 57.94 28.84 52.06
N VAL A 552 58.50 29.84 51.38
CA VAL A 552 59.11 30.96 52.10
C VAL A 552 58.03 31.83 52.74
N LEU A 553 56.83 31.87 52.16
CA LEU A 553 55.75 32.64 52.76
C LEU A 553 55.14 31.91 53.95
N SER A 554 55.14 30.58 53.93
CA SER A 554 54.58 29.83 55.04
C SER A 554 55.32 30.09 56.34
N SER A 555 56.53 30.66 56.27
CA SER A 555 57.35 30.86 57.46
C SER A 555 56.95 32.10 58.25
N ARG A 556 56.42 33.13 57.60
CA ARG A 556 56.09 34.36 58.32
C ARG A 556 54.90 34.16 59.22
N PHE A 557 53.77 33.70 58.68
CA PHE A 557 52.56 33.50 59.46
C PHE A 557 51.56 32.60 58.75
N THR A 561 44.83 33.26 60.14
CA THR A 561 44.88 33.99 58.88
C THR A 561 45.03 33.03 57.72
N LEU A 562 46.11 32.26 57.76
CA LEU A 562 46.46 31.37 56.66
C LEU A 562 45.60 30.13 56.59
N ASN A 563 44.48 30.07 57.33
CA ASN A 563 43.54 28.97 57.13
C ASN A 563 42.97 29.00 55.73
N ASP A 564 42.58 30.18 55.26
CA ASP A 564 42.16 30.32 53.87
C ASP A 564 43.33 30.06 52.92
N LEU A 565 44.53 30.48 53.29
CA LEU A 565 45.70 30.18 52.46
C LEU A 565 45.84 28.69 52.25
N LEU A 566 45.67 27.92 53.31
CA LEU A 566 45.77 26.47 53.21
C LEU A 566 44.58 25.89 52.45
N ASN A 567 43.40 26.50 52.58
CA ASN A 567 42.24 25.99 51.87
C ASN A 567 42.18 26.47 50.43
N SER A 568 43.14 27.28 50.00
CA SER A 568 43.14 27.88 48.68
C SER A 568 43.50 26.85 47.61
N GLN A 569 43.20 27.21 46.36
CA GLN A 569 43.55 26.36 45.22
C GLN A 569 45.00 26.55 44.81
N ILE A 570 45.63 27.65 45.20
CA ILE A 570 47.02 27.88 44.83
C ILE A 570 47.93 26.83 45.47
N TYR A 571 47.65 26.46 46.72
CA TYR A 571 48.43 25.38 47.35
C TYR A 571 47.98 24.01 46.85
N THR A 572 46.69 23.87 46.53
CA THR A 572 46.22 22.60 46.00
C THR A 572 46.94 22.23 44.71
N LYS A 573 47.15 23.20 43.83
CA LYS A 573 47.93 22.95 42.63
C LYS A 573 49.42 23.14 42.83
N TYR A 574 49.83 23.82 43.90
CA TYR A 574 51.25 24.02 44.19
C TYR A 574 51.49 24.04 45.69
N ARG A 984 48.06 29.09 76.56
CA ARG A 984 48.62 30.33 76.03
C ARG A 984 49.17 30.10 74.63
N PRO A 985 50.48 29.84 74.54
CA PRO A 985 51.04 29.46 73.24
C PRO A 985 50.35 28.24 72.64
N LEU A 986 49.91 27.30 73.48
CA LEU A 986 49.09 26.21 72.98
C LEU A 986 47.69 26.71 72.62
N LEU A 987 47.12 27.58 73.46
CA LEU A 987 45.90 28.27 73.07
C LEU A 987 46.14 29.09 71.81
N LYS A 988 47.30 29.73 71.72
CA LYS A 988 47.65 30.45 70.49
C LYS A 988 47.63 29.50 69.31
N ARG A 989 48.10 28.27 69.49
CA ARG A 989 48.12 27.31 68.40
C ARG A 989 46.72 26.92 68.00
N LEU A 990 45.92 26.50 68.98
CA LEU A 990 44.54 26.11 68.70
C LEU A 990 43.76 27.25 68.07
N GLN A 991 44.18 28.48 68.32
CA GLN A 991 43.49 29.62 67.73
C GLN A 991 43.95 29.87 66.30
N GLN A 992 45.23 30.19 66.13
CA GLN A 992 45.77 30.50 64.81
C GLN A 992 45.44 29.41 63.81
N GLU A 993 45.57 28.15 64.22
CA GLU A 993 45.11 27.06 63.37
C GLU A 993 43.59 27.04 63.40
N THR A 994 42.96 27.71 62.42
CA THR A 994 41.50 27.71 62.37
C THR A 994 40.94 26.33 62.04
N GLN A 995 41.79 25.40 61.60
CA GLN A 995 41.40 24.00 61.67
C GLN A 995 41.01 23.62 63.08
N PRO A 996 41.77 23.99 64.12
CA PRO A 996 41.27 23.77 65.49
C PRO A 996 40.03 24.59 65.81
N PHE A 997 39.78 25.69 65.11
CA PHE A 997 38.53 26.43 65.31
C PHE A 997 37.34 25.63 64.82
N LEU A 998 37.35 25.24 63.55
CA LEU A 998 36.32 24.36 63.04
C LEU A 998 36.26 23.05 63.80
N LEU A 999 37.36 22.64 64.44
CA LEU A 999 37.32 21.46 65.29
C LEU A 999 36.58 21.75 66.60
N LEU A 1000 36.77 22.95 67.16
CA LEU A 1000 35.93 23.39 68.27
C LEU A 1000 34.47 23.36 67.87
N LEU A 1001 34.18 23.74 66.63
CA LEU A 1001 32.81 23.69 66.13
C LEU A 1001 32.31 22.25 66.06
N ARG A 1002 33.13 21.36 65.50
CA ARG A 1002 32.73 19.96 65.37
C ARG A 1002 32.56 19.29 66.72
N THR A 1003 33.28 19.77 67.74
CA THR A 1003 33.09 19.26 69.10
C THR A 1003 31.79 19.79 69.69
N LEU A 1004 31.58 21.10 69.61
CA LEU A 1004 30.32 21.67 70.07
C LEU A 1004 29.12 21.13 69.30
N ASP A 1005 29.35 20.44 68.18
CA ASP A 1005 28.27 19.86 67.40
C ASP A 1005 27.39 18.90 68.18
N ALA A 1006 27.78 18.54 69.40
CA ALA A 1006 26.93 17.73 70.27
C ALA A 1006 25.64 18.47 70.61
N PRO A 1009 22.71 13.70 74.37
CA PRO A 1009 23.08 12.67 75.35
C PRO A 1009 24.45 12.93 75.95
N ASN A 1010 25.20 13.85 75.34
CA ASN A 1010 26.60 14.08 75.72
C ASN A 1010 26.66 14.88 77.02
N LYS A 1011 26.09 14.30 78.06
CA LYS A 1011 25.90 15.02 79.31
C LYS A 1011 27.22 15.53 79.87
N THR A 1012 28.08 14.60 80.30
CA THR A 1012 29.29 14.99 81.01
C THR A 1012 30.25 15.75 80.11
N LEU A 1013 30.43 15.28 78.88
CA LEU A 1013 31.33 15.95 77.95
C LEU A 1013 30.89 17.39 77.71
N LEU A 1014 29.65 17.57 77.29
CA LEU A 1014 29.18 18.91 76.98
C LEU A 1014 29.21 19.79 78.21
N LEU A 1015 28.86 19.25 79.38
CA LEU A 1015 28.81 20.07 80.58
C LEU A 1015 30.19 20.57 80.95
N SER A 1016 31.18 19.68 80.92
CA SER A 1016 32.54 20.09 81.27
C SER A 1016 33.09 21.06 80.23
N VAL A 1017 32.80 20.83 78.95
CA VAL A 1017 33.32 21.72 77.91
C VAL A 1017 32.69 23.10 78.04
N LEU A 1018 31.40 23.16 78.37
CA LEU A 1018 30.76 24.44 78.61
C LEU A 1018 31.40 25.15 79.79
N ARG A 1019 31.69 24.41 80.86
CA ARG A 1019 32.42 25.00 81.98
C ARG A 1019 33.79 25.52 81.54
N VAL A 1020 34.44 24.79 80.63
CA VAL A 1020 35.77 25.19 80.19
C VAL A 1020 35.68 26.48 79.41
N ILE A 1021 34.88 26.49 78.34
CA ILE A 1021 34.76 27.68 77.52
C ILE A 1021 34.24 28.85 78.35
N THR A 1022 33.53 28.56 79.44
CA THR A 1022 33.06 29.61 80.33
C THR A 1022 34.21 30.23 81.11
N ARG A 1023 34.98 29.42 81.82
CA ARG A 1023 36.19 29.94 82.46
C ARG A 1023 37.06 30.67 81.44
N LEU A 1024 36.98 30.25 80.19
CA LEU A 1024 37.66 30.95 79.12
C LEU A 1024 36.94 32.24 78.74
N LEU A 1025 35.66 32.35 79.04
CA LEU A 1025 34.88 33.51 78.63
C LEU A 1025 35.26 34.76 79.43
N ASP A 1026 35.95 34.60 80.55
CA ASP A 1026 36.54 35.72 81.28
C ASP A 1026 38.04 35.83 81.01
N PHE A 1027 38.53 35.18 79.97
CA PHE A 1027 39.94 35.27 79.64
C PHE A 1027 40.30 36.73 79.35
N PRO A 1028 41.49 37.18 79.79
CA PRO A 1028 41.82 38.61 79.62
C PRO A 1028 42.04 39.02 78.19
N GLU A 1029 42.25 38.07 77.28
CA GLU A 1029 42.51 38.37 75.87
C GLU A 1029 42.00 37.20 75.04
N ALA A 1030 42.48 37.10 73.80
CA ALA A 1030 42.22 35.95 72.94
C ALA A 1030 40.75 35.85 72.55
N MET A 1031 40.12 36.99 72.37
CA MET A 1031 38.78 37.00 71.80
C MET A 1031 38.78 36.64 70.34
N VAL A 1032 39.94 36.31 69.78
CA VAL A 1032 40.02 35.90 68.40
C VAL A 1032 39.15 34.69 68.11
N LEU A 1033 38.68 34.00 69.15
CA LEU A 1033 37.73 32.91 69.04
C LEU A 1033 36.58 33.34 68.15
N PRO A 1034 35.89 32.43 67.48
CA PRO A 1034 34.91 32.87 66.48
C PRO A 1034 33.79 33.69 67.09
N TRP A 1035 33.32 33.31 68.27
CA TRP A 1035 32.31 34.07 69.02
C TRP A 1035 31.06 34.35 68.20
N HIS A 1036 30.87 33.64 67.09
CA HIS A 1036 29.68 33.83 66.29
C HIS A 1036 28.79 32.59 66.32
N GLU A 1037 29.34 31.43 65.96
CA GLU A 1037 28.57 30.20 66.12
C GLU A 1037 28.41 29.84 67.60
N VAL A 1038 29.10 30.54 68.49
CA VAL A 1038 29.05 30.24 69.90
C VAL A 1038 27.68 30.55 70.50
N LEU A 1039 26.77 31.14 69.71
CA LEU A 1039 25.45 31.47 70.21
C LEU A 1039 24.32 30.72 69.51
N GLU A 1040 24.21 30.83 68.19
CA GLU A 1040 23.03 30.36 67.50
C GLU A 1040 22.74 28.89 67.74
N PRO A 1041 23.74 28.01 67.86
CA PRO A 1041 23.42 26.60 68.14
C PRO A 1041 22.67 26.40 69.43
N CYS A 1042 23.17 26.92 70.55
CA CYS A 1042 22.47 26.76 71.81
C CYS A 1042 21.13 27.50 71.79
N LEU A 1043 21.11 28.68 71.16
CA LEU A 1043 19.87 29.45 71.09
C LEU A 1043 18.79 28.67 70.36
N ASN A 1044 19.17 27.89 69.35
CA ASN A 1044 18.19 27.05 68.67
C ASN A 1044 17.91 25.76 69.45
N CYS A 1045 18.89 25.30 70.22
CA CYS A 1045 18.74 24.03 70.91
C CYS A 1045 17.72 24.14 72.05
N LEU A 1046 17.86 25.16 72.88
CA LEU A 1046 16.91 25.32 73.98
C LEU A 1046 16.89 26.72 74.55
N SER A 1051 16.21 18.44 77.96
CA SER A 1051 15.29 19.25 78.74
C SER A 1051 15.73 19.33 80.20
N ASP A 1052 17.02 19.12 80.42
CA ASP A 1052 17.55 19.01 81.78
C ASP A 1052 17.48 20.34 82.51
N SER A 1053 17.32 20.25 83.84
CA SER A 1053 17.53 21.42 84.67
C SER A 1053 18.97 21.90 84.57
N GLU A 1054 19.92 20.96 84.49
CA GLU A 1054 21.29 21.32 84.19
C GLU A 1054 21.39 21.94 82.79
N ILE A 1055 20.58 21.48 81.85
CA ILE A 1055 20.58 22.10 80.52
C ILE A 1055 20.17 23.56 80.64
N VAL A 1056 19.08 23.83 81.36
CA VAL A 1056 18.60 25.20 81.50
C VAL A 1056 19.64 26.05 82.20
N GLN A 1057 20.19 25.55 83.31
CA GLN A 1057 21.17 26.34 84.05
C GLN A 1057 22.42 26.58 83.22
N GLU A 1058 22.78 25.61 82.38
CA GLU A 1058 23.94 25.79 81.52
C GLU A 1058 23.67 26.88 80.50
N LEU A 1059 22.49 26.89 79.90
CA LEU A 1059 22.15 27.98 78.99
C LEU A 1059 22.15 29.31 79.72
N THR A 1060 21.73 29.30 80.98
CA THR A 1060 21.72 30.53 81.76
C THR A 1060 23.13 31.06 81.95
N CYS A 1061 24.05 30.19 82.37
CA CYS A 1061 25.45 30.60 82.50
C CYS A 1061 26.01 31.01 81.14
N PHE A 1062 25.58 30.33 80.09
CA PHE A 1062 26.05 30.62 78.73
C PHE A 1062 25.73 32.06 78.35
N LEU A 1063 24.44 32.42 78.40
CA LEU A 1063 24.06 33.79 78.14
C LEU A 1063 24.78 34.75 79.08
N HIS A 1064 24.63 34.53 80.39
CA HIS A 1064 25.16 35.46 81.39
C HIS A 1064 26.62 35.77 81.15
N ARG A 1065 27.38 34.78 80.69
CA ARG A 1065 28.75 35.05 80.30
C ARG A 1065 28.81 35.75 78.96
N LEU A 1066 27.87 35.45 78.05
CA LEU A 1066 27.95 35.98 76.69
C LEU A 1066 27.77 37.50 76.67
N ALA A 1067 26.75 37.99 77.36
CA ALA A 1067 26.53 39.43 77.43
C ALA A 1067 27.36 40.11 78.49
N SER A 1068 28.41 39.45 79.00
CA SER A 1068 29.14 39.98 80.14
C SER A 1068 30.30 40.87 79.74
N MET A 1069 30.99 40.54 78.66
CA MET A 1069 32.18 41.29 78.23
C MET A 1069 31.86 42.25 77.09
N HIS A 1070 31.31 41.74 75.99
CA HIS A 1070 31.04 42.55 74.81
C HIS A 1070 29.59 42.33 74.41
N LYS A 1071 28.83 43.43 74.35
CA LYS A 1071 27.40 43.36 74.05
C LYS A 1071 27.10 42.83 72.67
N ASP A 1072 28.13 42.48 71.91
CA ASP A 1072 27.92 42.18 70.50
C ASP A 1072 26.99 40.99 70.32
N TYR A 1073 27.46 39.80 70.70
CA TYR A 1073 26.66 38.61 70.48
C TYR A 1073 25.37 38.67 71.26
N ALA A 1074 25.33 39.39 72.37
CA ALA A 1074 24.06 39.61 73.04
C ALA A 1074 23.10 40.32 72.12
N VAL A 1075 23.56 41.39 71.47
CA VAL A 1075 22.74 42.08 70.48
C VAL A 1075 22.36 41.13 69.37
N VAL A 1076 23.26 40.22 69.03
CA VAL A 1076 22.94 39.22 68.00
C VAL A 1076 21.79 38.36 68.46
N LEU A 1077 21.81 37.94 69.71
CA LEU A 1077 20.70 37.16 70.24
C LEU A 1077 19.42 37.97 70.18
N CYS A 1078 19.51 39.25 70.56
CA CYS A 1078 18.37 40.15 70.50
C CYS A 1078 17.73 40.10 69.13
N CYS A 1079 18.53 40.33 68.10
CA CYS A 1079 18.04 40.19 66.74
C CYS A 1079 17.53 38.79 66.49
N LEU A 1080 18.10 37.79 67.15
CA LEU A 1080 17.72 36.42 66.91
C LEU A 1080 16.42 36.04 67.60
N GLY A 1081 15.91 36.90 68.47
CA GLY A 1081 14.69 36.60 69.20
C GLY A 1081 14.92 36.24 70.66
N ALA A 1082 15.83 36.96 71.32
CA ALA A 1082 16.20 36.62 72.69
C ALA A 1082 15.10 36.98 73.68
N LYS A 1083 14.67 38.24 73.70
CA LYS A 1083 13.62 38.65 74.61
C LYS A 1083 12.31 37.93 74.35
N GLU A 1084 12.17 37.30 73.19
CA GLU A 1084 11.00 36.46 72.94
C GLU A 1084 11.09 35.17 73.73
N ILE A 1085 12.21 34.46 73.62
CA ILE A 1085 12.38 33.25 74.39
C ILE A 1085 12.50 33.54 75.87
N LEU A 1086 12.77 34.79 76.25
CA LEU A 1086 12.75 35.17 77.66
C LEU A 1086 11.33 35.28 78.20
N SER A 1087 10.33 34.99 77.37
CA SER A 1087 8.94 34.94 77.80
C SER A 1087 8.42 33.53 77.95
N LYS A 1088 8.88 32.59 77.12
CA LYS A 1088 8.57 31.19 77.30
C LYS A 1088 9.35 30.56 78.44
N VAL A 1089 10.02 31.37 79.25
CA VAL A 1089 10.77 30.88 80.39
C VAL A 1089 9.81 30.41 81.47
N GLY A 1100 17.36 34.29 83.65
CA GLY A 1100 15.92 34.40 83.75
C GLY A 1100 15.44 35.82 83.83
N CYS A 1101 16.25 36.69 84.40
CA CYS A 1101 15.93 38.10 84.50
C CYS A 1101 16.92 38.98 83.74
N GLU A 1102 18.21 38.90 84.08
CA GLU A 1102 19.20 39.70 83.35
C GLU A 1102 19.29 39.27 81.91
N LEU A 1103 18.96 38.01 81.61
CA LEU A 1103 18.85 37.57 80.23
C LEU A 1103 17.98 38.53 79.43
N ARG A 1104 16.73 38.72 79.87
CA ARG A 1104 15.85 39.64 79.16
C ARG A 1104 16.30 41.08 79.33
N ASP A 1105 16.85 41.42 80.50
CA ASP A 1105 17.29 42.78 80.75
C ASP A 1105 18.28 43.25 79.70
N LEU A 1106 19.26 42.41 79.39
CA LEU A 1106 20.19 42.71 78.31
C LEU A 1106 19.62 42.36 76.95
N VAL A 1107 18.59 41.51 76.89
CA VAL A 1107 18.01 41.14 75.60
C VAL A 1107 17.19 42.30 75.05
N THR A 1108 16.16 42.70 75.77
CA THR A 1108 15.43 43.90 75.38
C THR A 1108 15.98 45.12 76.11
N GLU A 1109 17.30 45.29 76.09
CA GLU A 1109 17.85 46.56 76.51
C GLU A 1109 17.50 47.64 75.51
N CYS A 1110 17.60 47.32 74.22
CA CYS A 1110 17.04 48.15 73.15
C CYS A 1110 17.00 47.31 71.89
N GLU A 1111 15.82 47.16 71.32
CA GLU A 1111 15.65 46.50 70.03
C GLU A 1111 15.71 47.49 68.89
N LYS A 1112 16.21 48.69 69.13
CA LYS A 1112 16.34 49.69 68.11
C LYS A 1112 17.50 49.41 67.17
N TYR A 1113 18.06 48.21 67.21
CA TYR A 1113 19.21 47.91 66.39
C TYR A 1113 19.09 46.62 65.60
N ALA A 1114 18.13 45.76 65.90
CA ALA A 1114 18.01 44.54 65.11
C ALA A 1114 17.68 44.87 63.67
N GLN A 1115 16.73 45.78 63.47
CA GLN A 1115 16.40 46.23 62.13
C GLN A 1115 17.64 46.79 61.45
N LEU A 1116 18.43 47.59 62.16
CA LEU A 1116 19.57 48.24 61.53
C LEU A 1116 20.67 47.26 61.17
N TYR A 1117 20.97 46.33 62.08
CA TYR A 1117 21.97 45.32 61.77
C TYR A 1117 21.55 44.48 60.59
N SER A 1118 20.31 43.99 60.59
CA SER A 1118 19.85 43.18 59.46
C SER A 1118 19.83 44.00 58.18
N ASN A 1119 19.51 45.28 58.28
CA ASN A 1119 19.53 46.15 57.12
C ASN A 1119 20.93 46.24 56.55
N LEU A 1120 21.93 46.43 57.41
CA LEU A 1120 23.29 46.52 56.92
C LEU A 1120 23.70 45.23 56.22
N THR A 1121 23.26 44.09 56.75
CA THR A 1121 23.63 42.82 56.13
C THR A 1121 23.07 42.71 54.72
N SER A 1122 21.75 42.87 54.58
CA SER A 1122 21.15 42.77 53.26
C SER A 1122 21.74 43.80 52.29
N SER A 1123 22.03 45.00 52.77
CA SER A 1123 22.57 46.03 51.89
C SER A 1123 23.93 45.62 51.37
N ILE A 1124 24.83 45.20 52.24
CA ILE A 1124 26.17 44.87 51.77
C ILE A 1124 26.11 43.74 50.77
N LEU A 1125 25.18 42.79 50.97
CA LEU A 1125 25.14 41.68 50.01
C LEU A 1125 24.64 42.15 48.65
N ALA A 1126 23.60 42.97 48.62
CA ALA A 1126 23.14 43.47 47.34
C ALA A 1126 24.23 44.24 46.62
N GLY A 1127 25.01 45.01 47.36
CA GLY A 1127 26.06 45.78 46.72
C GLY A 1127 27.12 44.90 46.08
N CYS A 1128 27.53 43.84 46.77
CA CYS A 1128 28.58 43.01 46.20
C CYS A 1128 28.07 42.18 45.03
N ILE A 1129 26.83 41.71 45.09
CA ILE A 1129 26.32 41.02 43.90
C ILE A 1129 26.22 41.98 42.72
N GLN A 1130 25.96 43.26 42.99
CA GLN A 1130 25.93 44.22 41.91
C GLN A 1130 27.30 44.43 41.29
N MET A 1131 28.34 44.56 42.12
CA MET A 1131 29.68 44.70 41.56
C MET A 1131 30.04 43.51 40.70
N VAL A 1132 29.64 42.31 41.12
CA VAL A 1132 29.92 41.12 40.31
C VAL A 1132 29.28 41.24 38.93
N LEU A 1133 27.99 41.56 38.89
CA LEU A 1133 27.33 41.67 37.60
C LEU A 1133 27.96 42.75 36.73
N GLY A 1134 28.32 43.87 37.34
CA GLY A 1134 28.91 44.94 36.55
C GLY A 1134 30.23 44.54 35.94
N GLN A 1135 31.04 43.77 36.67
CA GLN A 1135 32.29 43.32 36.10
C GLN A 1135 32.06 42.37 34.94
N ILE A 1136 31.11 41.45 35.07
CA ILE A 1136 30.83 40.55 33.94
C ILE A 1136 30.46 41.36 32.72
N GLU A 1137 29.66 42.42 32.88
CA GLU A 1137 29.27 43.22 31.72
C GLU A 1137 30.45 43.97 31.12
N ASP A 1138 31.29 44.58 31.96
CA ASP A 1138 32.41 45.34 31.41
C ASP A 1138 33.37 44.43 30.66
N HIS A 1139 33.57 43.22 31.16
CA HIS A 1139 34.49 42.34 30.45
C HIS A 1139 33.86 41.80 29.18
N ARG A 1140 32.54 41.67 29.14
CA ARG A 1140 31.90 41.44 27.85
C ARG A 1140 32.24 42.54 26.88
N ARG A 1141 32.17 43.79 27.35
CA ARG A 1141 32.41 44.90 26.43
C ARG A 1141 33.86 44.96 25.96
N THR A 1142 34.80 44.50 26.78
CA THR A 1142 36.22 44.67 26.46
C THR A 1142 36.90 43.42 25.91
N HIS A 1143 36.26 42.26 25.98
CA HIS A 1143 36.79 41.02 25.41
C HIS A 1143 38.14 40.64 26.02
N GLN A 1144 38.10 40.33 27.32
CA GLN A 1144 39.29 39.82 28.02
C GLN A 1144 38.90 39.05 29.26
N ASN A 1147 39.89 38.30 34.90
CA ASN A 1147 40.08 37.38 36.02
C ASN A 1147 40.74 38.04 37.22
N ILE A 1148 39.97 38.23 38.28
CA ILE A 1148 40.41 38.85 39.52
C ILE A 1148 40.48 37.76 40.59
N PRO A 1149 41.11 37.99 41.74
CA PRO A 1149 41.19 36.95 42.76
C PRO A 1149 39.83 36.58 43.33
N PHE A 1150 39.70 35.30 43.66
CA PHE A 1150 38.58 34.75 44.40
C PHE A 1150 37.26 34.87 43.67
N PHE A 1151 37.30 35.44 42.47
CA PHE A 1151 36.07 35.56 41.69
C PHE A 1151 35.48 34.19 41.41
N ASP A 1152 36.33 33.20 41.20
CA ASP A 1152 35.84 31.85 41.00
C ASP A 1152 35.13 31.34 42.24
N VAL A 1153 35.68 31.62 43.42
CA VAL A 1153 35.05 31.21 44.67
C VAL A 1153 33.66 31.80 44.78
N PHE A 1154 33.54 33.11 44.58
CA PHE A 1154 32.24 33.75 44.69
C PHE A 1154 31.28 33.20 43.65
N LEU A 1155 31.70 33.13 42.39
CA LEU A 1155 30.79 32.69 41.36
C LEU A 1155 30.30 31.27 41.63
N ARG A 1156 31.21 30.37 41.99
CA ARG A 1156 30.82 29.00 42.25
C ARG A 1156 29.85 28.92 43.42
N HIS A 1157 30.17 29.60 44.52
CA HIS A 1157 29.30 29.49 45.68
C HIS A 1157 27.99 30.23 45.50
N LEU A 1158 27.90 31.14 44.54
CA LEU A 1158 26.61 31.74 44.26
C LEU A 1158 25.80 30.88 43.31
N CYS A 1159 26.49 30.11 42.47
CA CYS A 1159 25.77 29.25 41.55
C CYS A 1159 25.33 27.95 42.20
N GLN A 1160 25.96 27.55 43.31
CA GLN A 1160 25.61 26.30 43.97
C GLN A 1160 24.15 26.25 44.37
N PHE A 1304 20.32 30.42 47.02
CA PHE A 1304 20.39 31.79 46.58
C PHE A 1304 20.63 31.87 45.08
N TRP A 1305 20.53 30.73 44.41
CA TRP A 1305 20.93 30.71 42.99
C TRP A 1305 19.87 31.25 42.04
N PRO A 1306 18.60 30.84 42.13
CA PRO A 1306 17.63 31.30 41.12
C PRO A 1306 17.47 32.81 41.07
N LEU A 1307 17.73 33.50 42.17
CA LEU A 1307 17.81 34.96 42.11
C LEU A 1307 18.87 35.40 41.10
N PHE A 1308 20.10 34.91 41.28
CA PHE A 1308 21.19 35.25 40.37
C PHE A 1308 20.88 34.84 38.95
N ARG A 1309 20.24 33.69 38.76
CA ARG A 1309 19.92 33.23 37.43
C ARG A 1309 19.02 34.22 36.72
N GLU A 1310 17.90 34.57 37.36
CA GLU A 1310 17.00 35.53 36.75
C GLU A 1310 17.72 36.85 36.46
N GLN A 1311 18.49 37.33 37.42
CA GLN A 1311 19.13 38.63 37.25
C GLN A 1311 20.09 38.63 36.07
N LEU A 1312 20.99 37.65 36.04
CA LEU A 1312 22.00 37.58 34.99
C LEU A 1312 21.36 37.41 33.63
N CYS A 1313 20.39 36.51 33.52
CA CYS A 1313 19.74 36.32 32.23
C CYS A 1313 19.12 37.62 31.74
N ARG A 1314 18.46 38.37 32.61
CA ARG A 1314 17.86 39.62 32.18
C ARG A 1314 18.93 40.60 31.69
N ARG A 1315 20.01 40.73 32.44
CA ARG A 1315 21.05 41.67 32.04
C ARG A 1315 21.64 41.33 30.68
N THR A 1316 21.93 40.04 30.46
CA THR A 1316 22.52 39.65 29.18
C THR A 1316 21.55 39.85 28.03
N CYS A 1317 20.29 39.45 28.20
CA CYS A 1317 19.33 39.65 27.14
C CYS A 1317 19.29 41.11 26.73
N LEU A 1318 19.25 42.02 27.70
CA LEU A 1318 19.18 43.43 27.36
C LEU A 1318 20.45 43.89 26.66
N PHE A 1319 21.61 43.57 27.23
CA PHE A 1319 22.86 44.08 26.67
C PHE A 1319 23.07 43.61 25.25
N TYR A 1320 22.79 42.35 24.98
CA TYR A 1320 23.02 41.85 23.64
C TYR A 1320 21.97 42.33 22.66
N THR A 1321 20.74 42.59 23.10
CA THR A 1321 19.79 43.21 22.19
C THR A 1321 20.26 44.59 21.78
N ILE A 1322 20.73 45.40 22.73
CA ILE A 1322 21.25 46.70 22.36
C ILE A 1322 22.39 46.56 21.37
N ARG A 1323 23.29 45.61 21.62
CA ARG A 1323 24.42 45.44 20.71
C ARG A 1323 23.94 45.05 19.32
N ALA A 1324 22.89 44.23 19.24
CA ALA A 1324 22.37 43.80 17.95
C ALA A 1324 21.83 44.98 17.17
N GLN A 1325 21.06 45.83 17.82
CA GLN A 1325 20.55 47.00 17.12
C GLN A 1325 21.70 47.88 16.63
N ALA A 1326 22.76 47.99 17.42
CA ALA A 1326 23.89 48.81 17.00
C ALA A 1326 24.53 48.25 15.72
N TRP A 1327 24.83 46.95 15.72
CA TRP A 1327 25.41 46.34 14.53
C TRP A 1327 24.50 46.46 13.33
N SER A 1328 23.20 46.31 13.54
CA SER A 1328 22.27 46.37 12.43
C SER A 1328 22.24 47.76 11.80
N ARG A 1329 22.17 48.79 12.62
CA ARG A 1329 22.20 50.13 12.07
C ARG A 1329 23.57 50.44 11.48
N ASP A 1330 24.61 49.72 11.87
CA ASP A 1330 25.89 49.89 11.20
C ASP A 1330 25.86 49.28 9.80
N ILE A 1331 25.20 48.12 9.66
CA ILE A 1331 25.14 47.46 8.36
C ILE A 1331 24.19 48.19 7.42
N ALA A 1332 23.11 48.75 7.95
CA ALA A 1332 22.12 49.41 7.11
C ALA A 1332 22.69 50.57 6.31
N GLU A 1333 23.94 50.95 6.53
CA GLU A 1333 24.54 52.04 5.77
C GLU A 1333 25.27 51.52 4.55
N ASP A 1334 26.24 50.63 4.74
CA ASP A 1334 27.04 50.09 3.67
C ASP A 1334 26.86 48.58 3.68
N HIS A 1335 26.16 48.05 2.68
CA HIS A 1335 25.87 46.63 2.64
C HIS A 1335 27.10 45.76 2.50
N ARG A 1336 28.25 46.35 2.26
CA ARG A 1336 29.45 45.54 2.08
C ARG A 1336 30.06 45.12 3.39
N ARG A 1337 29.29 45.13 4.46
CA ARG A 1337 29.84 44.94 5.78
C ARG A 1337 29.54 43.57 6.39
N LEU A 1338 28.73 42.75 5.73
CA LEU A 1338 28.44 41.44 6.30
C LEU A 1338 29.67 40.55 6.29
N LEU A 1339 30.49 40.69 5.25
CA LEU A 1339 31.74 39.97 5.16
C LEU A 1339 32.63 40.25 6.36
N GLN A 1340 32.43 41.39 7.02
CA GLN A 1340 33.07 41.65 8.30
C GLN A 1340 32.16 41.34 9.49
N LEU A 1341 30.86 41.17 9.25
CA LEU A 1341 29.94 40.84 10.33
C LEU A 1341 29.96 39.38 10.69
N CYS A 1342 30.77 38.58 10.02
CA CYS A 1342 30.96 37.23 10.53
C CYS A 1342 31.96 37.13 11.69
N PRO A 1343 33.19 37.65 11.56
CA PRO A 1343 34.16 37.46 12.64
C PRO A 1343 33.75 38.08 13.97
N ARG A 1344 32.99 39.16 13.96
CA ARG A 1344 32.50 39.71 15.21
C ARG A 1344 31.66 38.68 15.95
N LEU A 1345 30.76 38.02 15.23
CA LEU A 1345 29.95 37.00 15.86
C LEU A 1345 30.83 35.89 16.39
N ASN A 1346 31.87 35.51 15.66
CA ASN A 1346 32.76 34.48 16.16
C ASN A 1346 33.39 34.88 17.49
N ARG A 1347 33.87 36.13 17.59
CA ARG A 1347 34.47 36.59 18.84
C ARG A 1347 33.49 36.53 19.99
N VAL A 1348 32.29 37.07 19.79
CA VAL A 1348 31.30 37.11 20.86
C VAL A 1348 30.96 35.71 21.33
N LEU A 1349 30.74 34.79 20.38
CA LEU A 1349 30.38 33.44 20.77
C LEU A 1349 31.52 32.77 21.53
N ARG A 1350 32.76 33.00 21.10
CA ARG A 1350 33.88 32.40 21.83
C ARG A 1350 33.91 32.90 23.26
N HIS A 1351 33.73 34.20 23.46
CA HIS A 1351 33.77 34.74 24.81
C HIS A 1351 32.69 34.13 25.69
N GLU A 1352 31.44 34.15 25.22
CA GLU A 1352 30.37 33.65 26.07
C GLU A 1352 30.54 32.16 26.36
N GLN A 1353 31.06 31.39 25.39
CA GLN A 1353 31.25 29.97 25.66
C GLN A 1353 32.34 29.74 26.68
N ASN A 1354 33.45 30.48 26.57
CA ASN A 1354 34.52 30.30 27.55
C ASN A 1354 34.05 30.66 28.96
N PHE A 1355 33.28 31.73 29.09
CA PHE A 1355 32.74 32.08 30.40
C PHE A 1355 31.82 30.99 30.92
N ALA A 1356 30.94 30.47 30.07
CA ALA A 1356 30.00 29.45 30.51
C ALA A 1356 30.68 28.12 30.78
N ASP A 1357 31.90 27.93 30.30
CA ASP A 1357 32.64 26.73 30.64
C ASP A 1357 33.46 26.90 31.90
N ARG A 1358 33.84 28.12 32.23
CA ARG A 1358 34.63 28.32 33.44
C ARG A 1358 33.77 28.47 34.69
N PHE A 1359 32.74 29.32 34.64
CA PHE A 1359 32.04 29.74 35.85
C PHE A 1359 30.58 29.30 35.89
N LEU A 1360 30.27 28.06 35.53
CA LEU A 1360 28.88 27.64 35.60
C LEU A 1360 28.83 26.17 35.99
N PRO A 1361 27.76 25.75 36.65
CA PRO A 1361 27.74 24.40 37.22
C PRO A 1361 27.75 23.29 36.19
N ASP A 1362 26.78 23.29 35.28
CA ASP A 1362 26.54 22.10 34.48
C ASP A 1362 25.74 22.47 33.23
N ASP A 1363 25.22 21.42 32.58
CA ASP A 1363 24.64 21.56 31.25
C ASP A 1363 23.40 22.44 31.27
N GLU A 1364 22.61 22.37 32.33
CA GLU A 1364 21.39 23.15 32.37
C GLU A 1364 21.69 24.64 32.29
N ALA A 1365 22.55 25.13 33.18
CA ALA A 1365 22.86 26.55 33.19
C ALA A 1365 23.61 26.94 31.92
N ALA A 1366 24.51 26.09 31.44
CA ALA A 1366 25.22 26.39 30.20
C ALA A 1366 24.24 26.59 29.05
N GLN A 1367 23.28 25.67 28.92
CA GLN A 1367 22.32 25.76 27.83
C GLN A 1367 21.44 26.99 27.98
N ALA A 1368 21.09 27.35 29.21
CA ALA A 1368 20.26 28.53 29.41
C ALA A 1368 21.00 29.78 28.94
N LEU A 1369 22.24 29.96 29.38
CA LEU A 1369 22.99 31.13 28.97
C LEU A 1369 23.17 31.17 27.45
N GLY A 1370 23.46 30.01 26.86
CA GLY A 1370 23.63 29.97 25.42
C GLY A 1370 22.37 30.37 24.67
N LYS A 1371 21.23 29.83 25.10
CA LYS A 1371 19.99 30.14 24.41
C LYS A 1371 19.67 31.62 24.51
N THR A 1372 19.86 32.21 25.68
CA THR A 1372 19.51 33.62 25.79
C THR A 1372 20.46 34.49 24.97
N CYS A 1373 21.76 34.16 24.96
CA CYS A 1373 22.70 34.92 24.15
C CYS A 1373 22.35 34.83 22.67
N TRP A 1374 22.08 33.63 22.17
CA TRP A 1374 21.76 33.46 20.76
C TRP A 1374 20.48 34.19 20.40
N GLU A 1375 19.39 33.90 21.10
CA GLU A 1375 18.13 34.54 20.74
C GLU A 1375 18.13 36.03 21.02
N ALA A 1376 19.13 36.56 21.73
CA ALA A 1376 19.18 37.99 21.91
C ALA A 1376 20.04 38.69 20.86
N LEU A 1377 21.07 38.03 20.34
CA LEU A 1377 21.95 38.68 19.38
C LEU A 1377 21.70 38.27 17.94
N VAL A 1378 21.64 36.97 17.65
CA VAL A 1378 21.60 36.55 16.26
C VAL A 1378 20.22 36.75 15.65
N SER A 1379 19.15 36.73 16.44
CA SER A 1379 17.82 36.80 15.85
C SER A 1379 17.47 38.20 15.35
N PRO A 1380 17.56 39.26 16.15
CA PRO A 1380 17.24 40.58 15.61
C PRO A 1380 18.18 41.00 14.50
N LEU A 1381 19.43 40.55 14.52
CA LEU A 1381 20.35 40.85 13.43
C LEU A 1381 19.86 40.24 12.12
N VAL A 1382 19.51 38.95 12.16
CA VAL A 1382 18.98 38.30 10.96
C VAL A 1382 17.74 39.01 10.47
N GLN A 1383 16.81 39.28 11.38
CA GLN A 1383 15.56 39.89 10.95
C GLN A 1383 15.80 41.26 10.33
N ASN A 1384 16.76 42.01 10.87
CA ASN A 1384 17.00 43.34 10.34
C ASN A 1384 17.67 43.27 8.97
N ILE A 1385 18.67 42.41 8.82
CA ILE A 1385 19.37 42.34 7.53
C ILE A 1385 18.63 41.51 6.51
N THR A 1386 17.46 40.98 6.83
CA THR A 1386 16.66 40.23 5.88
C THR A 1386 15.39 40.96 5.45
N SER A 1387 15.20 42.21 5.86
CA SER A 1387 13.93 42.84 5.53
C SER A 1387 14.09 43.80 4.36
N PRO A 1388 13.10 43.87 3.49
CA PRO A 1388 13.29 44.57 2.22
C PRO A 1388 13.27 46.09 2.35
N ASP A 1389 13.96 46.72 1.42
CA ASP A 1389 14.01 48.17 1.30
C ASP A 1389 12.90 48.63 0.36
N ALA A 1390 12.97 49.89 -0.07
CA ALA A 1390 12.00 50.40 -1.03
C ALA A 1390 12.05 49.62 -2.33
N GLU A 1391 13.23 49.58 -2.96
CA GLU A 1391 13.39 48.84 -4.19
C GLU A 1391 13.26 47.33 -4.00
N GLY A 1392 13.10 46.85 -2.78
CA GLY A 1392 12.93 45.43 -2.55
C GLY A 1392 14.21 44.64 -2.46
N VAL A 1393 15.32 45.27 -2.09
CA VAL A 1393 16.60 44.60 -1.96
C VAL A 1393 17.03 44.66 -0.51
N SER A 1394 17.26 43.51 0.09
CA SER A 1394 17.78 43.43 1.44
C SER A 1394 19.29 43.20 1.41
N ALA A 1395 19.90 43.24 2.58
CA ALA A 1395 21.34 43.04 2.64
C ALA A 1395 21.72 41.62 2.25
N LEU A 1396 21.09 40.63 2.88
CA LEU A 1396 21.40 39.26 2.54
C LEU A 1396 20.96 38.93 1.13
N GLY A 1397 19.88 39.57 0.66
CA GLY A 1397 19.50 39.39 -0.73
C GLY A 1397 20.58 39.86 -1.68
N TRP A 1398 21.13 41.04 -1.44
CA TRP A 1398 22.22 41.54 -2.26
C TRP A 1398 23.40 40.60 -2.22
N LEU A 1399 23.75 40.11 -1.03
CA LEU A 1399 24.92 39.24 -0.90
C LEU A 1399 24.74 37.96 -1.69
N LEU A 1400 23.58 37.33 -1.57
CA LEU A 1400 23.37 36.06 -2.25
C LEU A 1400 23.25 36.25 -3.75
N ASP A 1401 22.62 37.34 -4.19
CA ASP A 1401 22.56 37.61 -5.62
C ASP A 1401 23.94 37.79 -6.20
N GLN A 1402 24.82 38.48 -5.48
CA GLN A 1402 26.18 38.65 -5.97
C GLN A 1402 26.92 37.32 -5.98
N TYR A 1403 26.70 36.49 -4.96
CA TYR A 1403 27.32 35.16 -4.96
C TYR A 1403 26.95 34.39 -6.22
N LEU A 1404 25.65 34.34 -6.51
CA LEU A 1404 25.20 33.60 -7.69
C LEU A 1404 25.77 34.21 -8.96
N GLU A 1405 25.72 35.53 -9.09
CA GLU A 1405 26.17 36.16 -10.33
C GLU A 1405 27.67 36.10 -10.51
N GLN A 1406 28.43 35.82 -9.46
CA GLN A 1406 29.88 35.70 -9.59
C GLN A 1406 30.37 34.27 -9.57
N ARG A 1407 29.52 33.29 -9.25
CA ARG A 1407 29.98 31.91 -9.07
C ARG A 1407 30.73 31.37 -10.28
N GLU A 1408 30.44 31.88 -11.46
CA GLU A 1408 31.12 31.36 -12.66
C GLU A 1408 32.62 31.58 -12.59
N THR A 1409 33.04 32.79 -12.21
CA THR A 1409 34.45 33.12 -12.16
C THR A 1409 35.17 32.59 -10.93
N SER A 1410 34.43 32.04 -9.97
CA SER A 1410 35.01 31.69 -8.68
C SER A 1410 35.91 30.48 -8.74
N ARG A 1411 36.08 29.85 -9.89
CA ARG A 1411 36.88 28.64 -9.96
C ARG A 1411 38.38 28.91 -9.99
N ASN A 1412 38.79 30.16 -10.12
CA ASN A 1412 40.20 30.50 -10.06
C ASN A 1412 40.64 30.53 -8.60
N PRO A 1413 41.56 29.66 -8.18
CA PRO A 1413 41.90 29.60 -6.75
C PRO A 1413 42.74 30.77 -6.29
N LEU A 1414 42.84 31.80 -7.12
CA LEU A 1414 43.53 33.04 -6.72
C LEU A 1414 42.86 34.19 -7.48
N SER A 1415 41.89 34.82 -6.82
CA SER A 1415 41.15 35.92 -7.43
C SER A 1415 40.32 36.57 -6.35
N ARG A 1416 39.51 37.56 -6.75
CA ARG A 1416 38.63 38.20 -5.78
C ARG A 1416 37.36 37.38 -5.56
N ALA A 1417 36.88 36.73 -6.61
CA ALA A 1417 35.68 35.92 -6.49
C ALA A 1417 35.87 34.79 -5.50
N ALA A 1418 37.06 34.21 -5.43
CA ALA A 1418 37.30 33.10 -4.52
C ALA A 1418 37.10 33.55 -3.07
N SER A 1419 37.74 34.66 -2.70
CA SER A 1419 37.59 35.18 -1.36
C SER A 1419 36.14 35.56 -1.06
N PHE A 1420 35.48 36.21 -2.02
CA PHE A 1420 34.10 36.61 -1.78
C PHE A 1420 33.21 35.40 -1.54
N ALA A 1421 33.36 34.37 -2.35
CA ALA A 1421 32.55 33.17 -2.17
C ALA A 1421 32.84 32.52 -0.82
N SER A 1422 34.11 32.44 -0.44
CA SER A 1422 34.43 31.81 0.83
C SER A 1422 33.78 32.54 1.98
N ARG A 1423 33.81 33.88 1.94
CA ARG A 1423 33.23 34.65 3.02
C ARG A 1423 31.73 34.44 3.12
N VAL A 1424 31.03 34.51 1.98
CA VAL A 1424 29.59 34.32 2.03
C VAL A 1424 29.25 32.94 2.57
N ARG A 1425 30.00 31.92 2.13
CA ARG A 1425 29.73 30.57 2.58
C ARG A 1425 29.87 30.45 4.08
N ARG A 1426 30.95 30.98 4.62
CA ARG A 1426 31.18 30.88 6.06
C ARG A 1426 30.07 31.57 6.83
N LEU A 1427 29.68 32.77 6.40
CA LEU A 1427 28.66 33.50 7.11
C LEU A 1427 27.36 32.72 7.15
N CYS A 1428 26.94 32.16 6.01
CA CYS A 1428 25.66 31.48 5.98
C CYS A 1428 25.68 30.22 6.84
N HIS A 1429 26.76 29.44 6.74
CA HIS A 1429 26.87 28.25 7.58
C HIS A 1429 26.74 28.61 9.04
N LEU A 1430 27.41 29.66 9.48
CA LEU A 1430 27.31 30.07 10.88
C LEU A 1430 25.89 30.46 11.23
N LEU A 1431 25.23 31.22 10.37
CA LEU A 1431 23.89 31.70 10.73
C LEU A 1431 22.90 30.56 10.86
N VAL A 1432 23.07 29.46 10.12
CA VAL A 1432 22.10 28.38 10.19
C VAL A 1432 22.61 27.18 10.98
N HIS A 1433 23.76 27.31 11.65
CA HIS A 1433 24.33 26.16 12.34
C HIS A 1433 23.60 25.78 13.63
N VAL A 1434 22.80 26.69 14.20
CA VAL A 1434 22.21 26.44 15.51
C VAL A 1434 20.79 25.93 15.36
N GLU A 1435 20.48 25.39 14.19
CA GLU A 1435 19.16 24.86 13.92
C GLU A 1435 19.15 23.36 14.23
N PRO A 1436 17.97 22.72 14.13
CA PRO A 1436 17.90 21.29 14.43
C PRO A 1436 18.62 20.43 13.40
N PRO A 1467 8.86 26.08 13.18
CA PRO A 1467 10.27 26.23 12.81
C PRO A 1467 11.03 27.11 13.80
N SER A 1468 11.41 28.30 13.38
CA SER A 1468 12.13 29.24 14.23
C SER A 1468 11.77 30.64 13.76
N SER A 1469 12.54 31.63 14.19
CA SER A 1469 12.38 32.99 13.72
C SER A 1469 13.56 33.48 12.91
N SER A 1470 14.63 32.70 12.83
CA SER A 1470 15.75 33.01 11.94
C SER A 1470 15.72 32.17 10.69
N LEU A 1471 15.50 30.87 10.84
CA LEU A 1471 15.44 29.98 9.70
C LEU A 1471 14.33 30.39 8.74
N ARG A 1472 13.21 30.85 9.27
CA ARG A 1472 12.10 31.22 8.41
C ARG A 1472 12.44 32.43 7.55
N ASN A 1473 13.09 33.43 8.16
CA ASN A 1473 13.43 34.61 7.38
C ASN A 1473 14.51 34.29 6.34
N ILE A 1474 15.48 33.45 6.70
CA ILE A 1474 16.49 33.08 5.73
C ILE A 1474 15.88 32.31 4.58
N THR A 1475 14.90 31.45 4.88
CA THR A 1475 14.20 30.73 3.82
C THR A 1475 13.46 31.68 2.89
N GLN A 1476 12.75 32.65 3.47
CA GLN A 1476 12.02 33.60 2.63
C GLN A 1476 12.98 34.41 1.75
N CYS A 1477 14.16 34.74 2.27
CA CYS A 1477 15.10 35.50 1.46
C CYS A 1477 15.65 34.67 0.32
N TRP A 1478 15.96 33.40 0.59
CA TRP A 1478 16.39 32.50 -0.49
C TRP A 1478 15.31 32.39 -1.56
N LEU A 1479 14.06 32.28 -1.13
CA LEU A 1479 12.97 32.22 -2.09
C LEU A 1479 12.95 33.46 -2.97
N SER A 1480 13.10 34.63 -2.35
CA SER A 1480 13.03 35.87 -3.14
C SER A 1480 14.17 35.95 -4.14
N VAL A 1481 15.38 35.58 -3.74
CA VAL A 1481 16.49 35.71 -4.69
C VAL A 1481 16.35 34.72 -5.83
N VAL A 1482 15.96 33.49 -5.53
CA VAL A 1482 15.73 32.51 -6.60
C VAL A 1482 14.66 33.01 -7.56
N GLN A 1483 13.57 33.56 -7.02
CA GLN A 1483 12.49 34.01 -7.88
C GLN A 1483 12.94 35.13 -8.80
N GLU A 1484 13.71 36.08 -8.27
CA GLU A 1484 14.20 37.15 -9.14
C GLU A 1484 15.08 36.59 -10.24
N GLN A 1485 15.97 35.66 -9.91
CA GLN A 1485 16.86 35.11 -10.93
C GLN A 1485 16.08 34.42 -12.04
N VAL A 1486 15.16 33.53 -11.66
CA VAL A 1486 14.45 32.76 -12.67
C VAL A 1486 13.51 33.63 -13.47
N SER A 1487 12.90 34.66 -12.87
CA SER A 1487 12.05 35.53 -13.67
C SER A 1487 12.86 36.35 -14.65
N ARG A 1488 14.03 36.82 -14.24
CA ARG A 1488 14.92 37.48 -15.18
C ARG A 1488 15.20 36.59 -16.38
N PHE A 1489 15.54 35.32 -16.11
CA PHE A 1489 15.85 34.42 -17.20
C PHE A 1489 14.65 34.20 -18.12
N LEU A 1490 13.49 33.94 -17.54
CA LEU A 1490 12.29 33.67 -18.34
C LEU A 1490 11.99 34.84 -19.27
N ALA A 1491 11.85 36.04 -18.69
CA ALA A 1491 11.59 37.19 -19.54
C ALA A 1491 12.74 37.46 -20.49
N ALA A 1492 13.93 36.94 -20.22
CA ALA A 1492 15.05 37.23 -21.09
C ALA A 1492 15.04 36.35 -22.33
N ALA A 1493 14.80 35.05 -22.18
CA ALA A 1493 14.86 34.14 -23.31
C ALA A 1493 13.77 33.08 -23.21
N TRP A 1494 12.61 33.37 -23.80
CA TRP A 1494 11.56 32.38 -23.98
C TRP A 1494 11.31 32.07 -25.44
N ARG A 1495 11.99 32.75 -26.36
CA ARG A 1495 11.82 32.49 -27.78
C ARG A 1495 12.92 31.64 -28.38
N ALA A 1496 14.12 31.69 -27.81
CA ALA A 1496 15.21 30.92 -28.36
C ALA A 1496 14.91 29.43 -28.28
N PRO A 1497 15.41 28.64 -29.22
CA PRO A 1497 15.08 27.21 -29.24
C PRO A 1497 15.80 26.38 -28.19
N ASP A 1498 16.72 26.95 -27.42
CA ASP A 1498 17.41 26.23 -26.36
C ASP A 1498 16.76 26.43 -25.00
N PHE A 1499 15.48 26.80 -24.99
CA PHE A 1499 14.85 27.28 -23.77
C PHE A 1499 14.81 26.21 -22.69
N VAL A 1500 14.43 24.99 -23.06
CA VAL A 1500 14.26 23.94 -22.06
C VAL A 1500 15.60 23.47 -21.52
N PRO A 1501 16.62 23.23 -22.36
CA PRO A 1501 17.93 22.92 -21.80
C PRO A 1501 18.47 24.01 -20.89
N ARG A 1502 18.33 25.28 -21.27
CA ARG A 1502 18.83 26.34 -20.41
C ARG A 1502 18.06 26.39 -19.10
N TYR A 1503 16.74 26.20 -19.15
CA TYR A 1503 15.95 26.18 -17.93
C TYR A 1503 16.39 25.07 -16.99
N CYS A 1504 16.64 23.88 -17.53
CA CYS A 1504 17.05 22.78 -16.66
C CYS A 1504 18.45 23.01 -16.10
N LYS A 1505 19.35 23.55 -16.91
CA LYS A 1505 20.69 23.87 -16.40
C LYS A 1505 20.61 24.90 -15.28
N LEU A 1506 19.72 25.88 -15.42
CA LEU A 1506 19.52 26.86 -14.36
C LEU A 1506 19.05 26.20 -13.07
N TYR A 1507 18.08 25.28 -13.19
CA TYR A 1507 17.60 24.59 -12.00
C TYR A 1507 18.73 23.85 -11.31
N GLU A 1508 19.53 23.11 -12.08
CA GLU A 1508 20.62 22.35 -11.46
C GLU A 1508 21.63 23.26 -10.79
N HIS A 1509 21.99 24.35 -11.44
CA HIS A 1509 22.98 25.27 -10.88
C HIS A 1509 22.47 25.90 -9.59
N LEU A 1510 21.22 26.32 -9.56
CA LEU A 1510 20.71 26.95 -8.34
C LEU A 1510 20.58 25.94 -7.21
N GLN A 1511 20.22 24.70 -7.53
CA GLN A 1511 20.13 23.70 -6.48
C GLN A 1511 21.50 23.41 -5.88
N ARG A 1512 22.51 23.26 -6.74
CA ARG A 1512 23.86 23.04 -6.23
C ARG A 1512 24.33 24.21 -5.38
N ALA A 1513 24.02 25.44 -5.81
CA ALA A 1513 24.45 26.60 -5.04
C ALA A 1513 23.78 26.64 -3.69
N GLY A 1514 22.47 26.40 -3.63
CA GLY A 1514 21.79 26.37 -2.36
C GLY A 1514 22.37 25.32 -1.43
N SER A 1515 22.72 24.16 -1.97
CA SER A 1515 23.33 23.14 -1.14
C SER A 1515 24.67 23.60 -0.61
N GLU A 1516 25.51 24.16 -1.49
CA GLU A 1516 26.82 24.62 -1.06
C GLU A 1516 26.73 25.70 0.01
N LEU A 1517 25.68 26.51 -0.03
CA LEU A 1517 25.56 27.58 0.96
C LEU A 1517 25.00 27.06 2.28
N PHE A 1518 23.78 26.55 2.26
CA PHE A 1518 23.07 26.24 3.49
C PHE A 1518 23.11 24.78 3.88
N GLY A 1519 23.97 23.97 3.27
CA GLY A 1519 23.99 22.56 3.56
C GLY A 1519 22.74 21.86 3.06
N PRO A 1520 22.73 20.54 3.11
CA PRO A 1520 21.58 19.79 2.60
C PRO A 1520 20.43 19.82 3.58
N ARG A 1521 19.38 20.55 3.22
CA ARG A 1521 18.18 20.64 4.04
C ARG A 1521 16.97 20.59 3.14
N ALA A 1522 15.80 20.40 3.74
CA ALA A 1522 14.57 20.27 2.98
C ALA A 1522 13.80 21.56 2.84
N ALA A 1523 13.86 22.42 3.85
CA ALA A 1523 13.17 23.71 3.76
C ALA A 1523 13.68 24.49 2.56
N PHE A 1524 14.96 24.37 2.26
CA PHE A 1524 15.52 25.16 1.17
C PHE A 1524 15.16 24.59 -0.19
N MET A 1525 15.04 23.27 -0.31
CA MET A 1525 14.52 22.70 -1.54
C MET A 1525 13.08 23.14 -1.78
N LEU A 1526 12.28 23.15 -0.72
CA LEU A 1526 10.91 23.65 -0.86
C LEU A 1526 10.92 25.11 -1.31
N ALA A 1527 11.84 25.91 -0.76
CA ALA A 1527 11.93 27.30 -1.17
C ALA A 1527 12.27 27.43 -2.64
N LEU A 1528 13.18 26.59 -3.13
CA LEU A 1528 13.55 26.63 -4.54
C LEU A 1528 12.36 26.32 -5.42
N ARG A 1529 11.63 25.26 -5.09
CA ARG A 1529 10.47 24.91 -5.90
C ARG A 1529 9.43 26.02 -5.89
N SER A 1530 9.20 26.63 -4.73
CA SER A 1530 8.21 27.70 -4.66
C SER A 1530 8.66 28.91 -5.45
N GLY A 1531 9.96 29.20 -5.47
CA GLY A 1531 10.44 30.32 -6.25
C GLY A 1531 10.21 30.12 -7.73
N PHE A 1532 10.54 28.92 -8.23
CA PHE A 1532 10.28 28.62 -9.62
C PHE A 1532 8.80 28.73 -9.95
N SER A 1533 7.95 28.22 -9.07
CA SER A 1533 6.51 28.27 -9.32
C SER A 1533 6.03 29.71 -9.40
N GLY A 1534 6.45 30.54 -8.45
CA GLY A 1534 6.03 31.92 -8.46
C GLY A 1534 6.47 32.65 -9.72
N ALA A 1535 7.70 32.41 -10.16
CA ALA A 1535 8.15 33.12 -11.35
C ALA A 1535 7.40 32.65 -12.59
N LEU A 1536 7.10 31.35 -12.67
CA LEU A 1536 6.28 30.88 -13.78
C LEU A 1536 4.93 31.58 -13.79
N LEU A 1537 4.25 31.60 -12.64
CA LEU A 1537 2.92 32.19 -12.59
C LEU A 1537 2.95 33.67 -12.96
N GLN A 1538 3.96 34.40 -12.51
CA GLN A 1538 3.98 35.83 -12.76
C GLN A 1538 4.29 36.10 -14.22
N GLN A 1539 3.41 35.69 -15.13
CA GLN A 1539 3.68 35.77 -16.55
C GLN A 1539 2.40 35.99 -17.32
N SER A 1540 2.54 36.23 -18.62
CA SER A 1540 1.40 36.44 -19.49
C SER A 1540 0.89 35.11 -20.03
N PHE A 1541 -0.32 35.15 -20.59
CA PHE A 1541 -0.95 33.91 -21.02
C PHE A 1541 -0.34 33.37 -22.30
N LEU A 1542 -0.12 34.22 -23.30
CA LEU A 1542 0.48 33.74 -24.53
C LEU A 1542 1.86 33.16 -24.25
N THR A 1543 2.61 33.77 -23.36
CA THR A 1543 3.93 33.26 -23.02
C THR A 1543 3.85 31.95 -22.26
N ALA A 1544 2.87 31.83 -21.36
CA ALA A 1544 2.71 30.56 -20.64
C ALA A 1544 2.36 29.44 -21.62
N ALA A 1545 1.49 29.72 -22.59
CA ALA A 1545 1.16 28.72 -23.59
C ALA A 1545 2.38 28.33 -24.40
N HIS A 1546 3.19 29.31 -24.79
CA HIS A 1546 4.41 29.00 -25.52
C HIS A 1546 5.32 28.10 -24.71
N MET A 1547 5.49 28.38 -23.42
CA MET A 1547 6.36 27.57 -22.58
C MET A 1547 5.84 26.15 -22.46
N SER A 1548 4.53 25.98 -22.33
CA SER A 1548 3.96 24.65 -22.24
C SER A 1548 4.22 23.85 -23.50
N GLU A 1549 3.98 24.46 -24.67
CA GLU A 1549 4.26 23.77 -25.92
C GLU A 1549 5.71 23.36 -26.00
N GLN A 1550 6.61 24.23 -25.54
CA GLN A 1550 8.03 23.91 -25.63
C GLN A 1550 8.38 22.72 -24.75
N PHE A 1551 7.85 22.66 -23.53
CA PHE A 1551 8.12 21.52 -22.67
C PHE A 1551 7.67 20.23 -23.35
N ALA A 1552 6.44 20.21 -23.86
CA ALA A 1552 5.93 19.01 -24.49
C ALA A 1552 6.79 18.60 -25.67
N ARG A 1553 7.18 19.57 -26.49
CA ARG A 1553 7.98 19.27 -27.66
C ARG A 1553 9.33 18.69 -27.27
N TYR A 1554 9.95 19.22 -26.22
CA TYR A 1554 11.25 18.71 -25.80
C TYR A 1554 11.13 17.26 -25.36
N ILE A 1555 10.13 16.95 -24.54
CA ILE A 1555 9.97 15.57 -24.12
C ILE A 1555 9.77 14.65 -25.31
N ASP A 1556 8.98 15.09 -26.28
CA ASP A 1556 8.72 14.24 -27.43
C ASP A 1556 9.97 14.00 -28.25
N GLN A 1557 10.76 15.04 -28.48
CA GLN A 1557 11.99 14.86 -29.25
C GLN A 1557 12.93 13.91 -28.56
N GLN A 1558 13.06 14.04 -27.24
CA GLN A 1558 13.97 13.13 -26.52
C GLN A 1558 13.50 11.70 -26.62
N ILE A 1559 12.20 11.45 -26.43
CA ILE A 1559 11.69 10.09 -26.51
C ILE A 1559 11.94 9.51 -27.89
N GLN A 1560 11.59 10.26 -28.93
CA GLN A 1560 11.75 9.74 -30.29
C GLN A 1560 13.21 9.43 -30.60
N GLY A 1561 14.10 10.36 -30.28
CA GLY A 1561 15.50 10.14 -30.57
C GLY A 1561 16.06 8.97 -29.79
N GLY A 1562 15.74 8.89 -28.51
CA GLY A 1562 16.25 7.80 -27.70
C GLY A 1562 15.78 6.44 -28.18
N LEU A 1563 14.58 6.38 -28.75
CA LEU A 1563 14.12 5.11 -29.31
C LEU A 1563 14.83 4.80 -30.61
N ILE A 1564 14.91 5.78 -31.51
CA ILE A 1564 15.37 5.49 -32.87
C ILE A 1564 16.88 5.33 -32.92
N GLY A 1565 17.62 6.32 -32.45
CA GLY A 1565 19.06 6.33 -32.59
C GLY A 1565 19.78 5.20 -31.88
N GLY A 1566 21.10 5.14 -32.04
CA GLY A 1566 21.88 4.09 -31.42
C GLY A 1566 22.65 4.55 -30.19
N ALA A 1567 23.95 4.72 -30.35
CA ALA A 1567 24.78 5.13 -29.21
C ALA A 1567 24.39 6.49 -28.63
N PRO A 1568 24.09 7.52 -29.42
CA PRO A 1568 23.65 8.79 -28.80
C PRO A 1568 22.29 8.68 -28.11
N GLY A 1569 21.44 7.78 -28.57
CA GLY A 1569 20.11 7.68 -27.98
C GLY A 1569 20.14 7.33 -26.51
N VAL A 1570 21.09 6.50 -26.10
CA VAL A 1570 21.17 6.14 -24.69
C VAL A 1570 21.56 7.35 -23.85
N GLU A 1571 22.53 8.13 -24.31
CA GLU A 1571 22.90 9.35 -23.60
C GLU A 1571 21.72 10.30 -23.53
N MET A 1572 20.94 10.39 -24.60
CA MET A 1572 19.78 11.28 -24.59
C MET A 1572 18.75 10.83 -23.57
N LEU A 1573 18.49 9.52 -23.51
CA LEU A 1573 17.52 9.01 -22.54
C LEU A 1573 18.00 9.26 -21.12
N GLY A 1574 19.31 9.15 -20.89
CA GLY A 1574 19.82 9.48 -19.58
C GLY A 1574 19.60 10.93 -19.21
N GLN A 1575 19.96 11.83 -20.13
CA GLN A 1575 19.74 13.25 -19.87
C GLN A 1575 18.28 13.55 -19.62
N LEU A 1576 17.37 12.82 -20.26
CA LEU A 1576 15.95 13.08 -20.07
C LEU A 1576 15.48 12.61 -18.70
N GLN A 1577 15.83 11.38 -18.32
CA GLN A 1577 15.42 10.90 -17.01
C GLN A 1577 16.04 11.73 -15.91
N ARG A 1578 17.09 12.49 -16.22
CA ARG A 1578 17.59 13.50 -15.30
C ARG A 1578 16.72 14.76 -15.31
N HIS A 1579 16.53 15.36 -16.49
CA HIS A 1579 15.86 16.63 -16.62
C HIS A 1579 14.39 16.60 -16.28
N LEU A 1580 13.81 15.43 -16.05
CA LEU A 1580 12.38 15.42 -15.78
C LEU A 1580 11.98 16.03 -14.44
N GLU A 1581 12.93 16.33 -13.56
CA GLU A 1581 12.58 16.89 -12.25
C GLU A 1581 12.27 18.38 -12.32
N PRO A 1582 12.99 19.19 -13.10
CA PRO A 1582 12.58 20.57 -13.26
C PRO A 1582 11.18 20.75 -13.79
N ILE A 1583 10.70 19.85 -14.62
CA ILE A 1583 9.40 20.02 -15.24
C ILE A 1583 8.25 19.69 -14.30
N MET A 1584 8.51 18.90 -13.26
CA MET A 1584 7.45 18.64 -12.30
C MET A 1584 7.07 19.87 -11.49
N VAL A 1585 7.77 21.00 -11.65
CA VAL A 1585 7.35 22.24 -11.03
C VAL A 1585 6.04 22.77 -11.59
N LEU A 1586 5.55 22.17 -12.67
CA LEU A 1586 4.26 22.51 -13.24
C LEU A 1586 3.12 21.79 -12.58
N SER A 1587 3.38 21.04 -11.52
CA SER A 1587 2.32 20.28 -10.86
C SER A 1587 1.43 21.21 -10.05
N GLY A 1588 0.14 21.17 -10.31
CA GLY A 1588 -0.82 21.94 -9.56
C GLY A 1588 -0.98 23.37 -9.98
N LEU A 1589 -0.17 23.87 -10.90
CA LEU A 1589 -0.25 25.26 -11.31
C LEU A 1589 -1.44 25.44 -12.24
N GLU A 1590 -1.55 26.62 -12.84
CA GLU A 1590 -2.57 26.91 -13.83
C GLU A 1590 -2.10 26.69 -15.25
N LEU A 1591 -0.94 26.06 -15.43
CA LEU A 1591 -0.43 25.73 -16.75
C LEU A 1591 -0.58 24.25 -17.09
N ALA A 1592 -0.93 23.43 -16.10
CA ALA A 1592 -0.96 22.00 -16.30
C ALA A 1592 -1.96 21.59 -17.37
N THR A 1593 -3.07 22.32 -17.47
CA THR A 1593 -4.06 21.97 -18.48
C THR A 1593 -3.53 22.17 -19.89
N THR A 1594 -2.89 23.30 -20.16
CA THR A 1594 -2.36 23.51 -21.49
C THR A 1594 -1.19 22.57 -21.77
N PHE A 1595 -0.36 22.32 -20.75
CA PHE A 1595 0.71 21.33 -20.91
C PHE A 1595 0.15 19.99 -21.32
N GLU A 1596 -0.94 19.57 -20.70
CA GLU A 1596 -1.51 18.27 -21.01
C GLU A 1596 -2.17 18.25 -22.38
N HIS A 1597 -2.88 19.33 -22.72
CA HIS A 1597 -3.54 19.40 -24.01
C HIS A 1597 -2.54 19.40 -25.15
N PHE A 1598 -1.33 19.87 -24.91
CA PHE A 1598 -0.32 19.77 -25.95
C PHE A 1598 0.45 18.47 -25.90
N TYR A 1599 0.56 17.84 -24.73
CA TYR A 1599 1.21 16.54 -24.66
C TYR A 1599 0.38 15.46 -25.33
N GLN A 1600 -0.94 15.64 -25.35
CA GLN A 1600 -1.83 14.63 -25.93
C GLN A 1600 -1.54 14.42 -27.41
N HIS A 1601 -1.41 15.50 -28.18
CA HIS A 1601 -1.17 15.37 -29.61
C HIS A 1601 0.07 14.53 -29.90
N TYR A 1602 1.18 14.89 -29.27
CA TYR A 1602 2.43 14.22 -29.56
C TYR A 1602 2.39 12.77 -29.09
N MET A 1603 1.76 12.51 -27.95
CA MET A 1603 1.66 11.12 -27.52
C MET A 1603 0.81 10.32 -28.50
N ALA A 1604 -0.19 10.95 -29.10
CA ALA A 1604 -1.01 10.23 -30.06
C ALA A 1604 -0.22 9.86 -31.29
N ASP A 1605 0.48 10.84 -31.87
CA ASP A 1605 1.32 10.54 -33.03
C ASP A 1605 2.34 9.47 -32.72
N ARG A 1606 2.94 9.51 -31.53
CA ARG A 1606 3.93 8.50 -31.17
C ARG A 1606 3.30 7.11 -31.08
N LEU A 1607 2.22 6.99 -30.32
CA LEU A 1607 1.61 5.68 -30.13
C LEU A 1607 1.09 5.11 -31.44
N LEU A 1608 0.76 5.95 -32.41
CA LEU A 1608 0.28 5.41 -33.67
C LEU A 1608 1.41 5.09 -34.64
N SER A 1609 2.54 5.81 -34.58
CA SER A 1609 3.65 5.47 -35.45
C SER A 1609 4.47 4.32 -34.89
N PHE A 1610 5.05 4.51 -33.72
CA PHE A 1610 5.70 3.42 -33.02
C PHE A 1610 4.67 2.68 -32.17
N GLY A 1611 5.13 1.82 -31.26
CA GLY A 1611 4.24 1.10 -30.38
C GLY A 1611 4.21 1.68 -28.98
N SER A 1612 3.35 1.11 -28.15
CA SER A 1612 3.14 1.64 -26.81
C SER A 1612 4.32 1.31 -25.93
N SER A 1613 5.50 1.76 -26.36
CA SER A 1613 6.75 1.30 -25.78
C SER A 1613 6.76 1.52 -24.27
N TRP A 1614 7.63 0.78 -23.60
CA TRP A 1614 7.82 0.96 -22.17
C TRP A 1614 8.25 2.37 -21.83
N LEU A 1615 8.80 3.11 -22.79
CA LEU A 1615 9.28 4.46 -22.51
C LEU A 1615 8.15 5.36 -22.04
N GLU A 1616 7.00 5.27 -22.69
CA GLU A 1616 5.88 6.10 -22.29
C GLU A 1616 5.44 5.76 -20.88
N GLY A 1617 5.43 4.47 -20.54
CA GLY A 1617 5.03 4.07 -19.21
C GLY A 1617 5.99 4.56 -18.15
N ALA A 1618 7.30 4.52 -18.44
CA ALA A 1618 8.27 5.01 -17.47
C ALA A 1618 8.13 6.52 -17.28
N VAL A 1619 8.05 7.26 -18.37
CA VAL A 1619 7.92 8.71 -18.26
C VAL A 1619 6.66 9.07 -17.51
N LEU A 1620 5.59 8.30 -17.68
CA LEU A 1620 4.35 8.63 -16.99
C LEU A 1620 4.40 8.23 -15.52
N GLU A 1621 5.07 7.13 -15.19
CA GLU A 1621 5.27 6.83 -13.78
C GLU A 1621 6.13 7.88 -13.11
N GLN A 1622 6.92 8.62 -13.88
CA GLN A 1622 7.73 9.68 -13.30
C GLN A 1622 6.96 10.98 -13.13
N ILE A 1623 6.33 11.47 -14.20
CA ILE A 1623 5.72 12.79 -14.16
C ILE A 1623 4.20 12.72 -14.28
N GLY A 1624 3.62 11.63 -13.82
CA GLY A 1624 2.22 11.40 -14.11
C GLY A 1624 1.23 12.24 -13.32
N LEU A 1625 1.71 13.00 -12.36
CA LEU A 1625 0.81 13.81 -11.55
C LEU A 1625 0.67 15.23 -12.06
N CYS A 1626 1.45 15.63 -13.06
CA CYS A 1626 1.29 16.97 -13.61
C CYS A 1626 -0.03 17.11 -14.34
N PHE A 1627 -0.59 16.01 -14.85
CA PHE A 1627 -1.79 16.07 -15.66
C PHE A 1627 -3.03 16.08 -14.77
N PRO A 1628 -3.87 17.07 -14.86
CA PRO A 1628 -5.05 17.13 -13.98
C PRO A 1628 -6.06 16.03 -14.28
N ASN A 1629 -6.44 15.88 -15.54
CA ASN A 1629 -7.48 14.96 -15.95
C ASN A 1629 -7.00 13.54 -16.14
N ARG A 1630 -5.69 13.32 -16.23
CA ARG A 1630 -5.11 11.99 -16.39
C ARG A 1630 -5.55 11.34 -17.70
N LEU A 1631 -5.30 12.05 -18.79
CA LEU A 1631 -5.64 11.56 -20.12
C LEU A 1631 -4.64 10.58 -20.70
N PRO A 1632 -3.32 10.80 -20.55
CA PRO A 1632 -2.38 9.83 -21.11
C PRO A 1632 -2.50 8.44 -20.52
N GLN A 1633 -2.77 8.32 -19.22
CA GLN A 1633 -2.99 7.02 -18.65
C GLN A 1633 -4.20 6.35 -19.28
N LEU A 1634 -5.22 7.13 -19.62
CA LEU A 1634 -6.39 6.56 -20.28
C LEU A 1634 -6.04 6.07 -21.67
N MET A 1635 -5.17 6.78 -22.37
CA MET A 1635 -4.73 6.30 -23.69
C MET A 1635 -4.02 4.95 -23.56
N LEU A 1636 -3.07 4.86 -22.63
CA LEU A 1636 -2.35 3.61 -22.45
C LEU A 1636 -3.30 2.49 -22.06
N GLN A 1637 -4.36 2.79 -21.32
CA GLN A 1637 -5.33 1.75 -21.00
C GLN A 1637 -6.14 1.34 -22.23
N SER A 1638 -6.39 2.29 -23.13
CA SER A 1638 -7.16 1.97 -24.33
C SER A 1638 -6.44 0.92 -25.16
N LEU A 1639 -5.12 1.02 -25.24
CA LEU A 1639 -4.39 0.02 -26.04
C LEU A 1639 -4.58 -1.40 -25.51
N SER A 1640 -4.46 -1.57 -24.18
CA SER A 1640 -4.64 -2.89 -23.60
C SER A 1640 -6.06 -3.39 -23.77
N THR A 1641 -7.04 -2.49 -23.63
CA THR A 1641 -8.42 -2.89 -23.89
C THR A 1641 -8.59 -3.42 -25.29
N SER A 1642 -7.93 -2.79 -26.27
CA SER A 1642 -8.02 -3.29 -27.63
C SER A 1642 -7.45 -4.70 -27.77
N GLU A 1643 -6.34 -4.97 -27.07
CA GLU A 1643 -5.78 -6.32 -27.12
C GLU A 1643 -6.77 -7.37 -26.57
N GLU A 1644 -7.38 -7.05 -25.42
CA GLU A 1644 -8.39 -7.96 -24.87
C GLU A 1644 -9.54 -8.17 -25.85
N LEU A 1645 -9.93 -7.10 -26.55
CA LEU A 1645 -10.99 -7.24 -27.55
C LEU A 1645 -10.57 -8.21 -28.64
N GLN A 1646 -9.31 -8.18 -29.04
CA GLN A 1646 -8.84 -9.12 -30.06
C GLN A 1646 -9.02 -10.56 -29.60
N ARG A 1647 -8.61 -10.85 -28.37
CA ARG A 1647 -8.77 -12.22 -27.87
C ARG A 1647 -10.23 -12.65 -27.87
N GLN A 1648 -11.10 -11.80 -27.32
CA GLN A 1648 -12.51 -12.14 -27.29
C GLN A 1648 -13.08 -12.33 -28.69
N PHE A 1649 -12.60 -11.57 -29.67
CA PHE A 1649 -13.11 -11.72 -31.02
C PHE A 1649 -12.76 -13.09 -31.58
N HIS A 1650 -11.54 -13.54 -31.32
CA HIS A 1650 -11.16 -14.88 -31.78
C HIS A 1650 -12.10 -15.93 -31.18
N LEU A 1651 -12.35 -15.83 -29.88
CA LEU A 1651 -13.23 -16.82 -29.25
C LEU A 1651 -14.64 -16.77 -29.84
N PHE A 1652 -15.14 -15.56 -30.10
CA PHE A 1652 -16.48 -15.42 -30.64
C PHE A 1652 -16.59 -16.06 -32.01
N GLN A 1653 -15.59 -15.84 -32.86
CA GLN A 1653 -15.62 -16.47 -34.18
C GLN A 1653 -15.63 -17.98 -34.05
N LEU A 1654 -14.82 -18.51 -33.13
CA LEU A 1654 -14.82 -19.97 -32.95
C LEU A 1654 -16.19 -20.47 -32.55
N GLN A 1655 -16.87 -19.75 -31.66
CA GLN A 1655 -18.18 -20.21 -31.21
C GLN A 1655 -19.20 -20.19 -32.35
N ARG A 1656 -19.17 -19.15 -33.18
CA ARG A 1656 -20.07 -19.13 -34.33
C ARG A 1656 -19.82 -20.32 -35.25
N LEU A 1657 -18.55 -20.62 -35.50
CA LEU A 1657 -18.24 -21.78 -36.35
C LEU A 1657 -18.76 -23.07 -35.72
N ASP A 1658 -18.60 -23.22 -34.41
CA ASP A 1658 -19.07 -24.44 -33.75
C ASP A 1658 -20.58 -24.58 -33.87
N LYS A 1659 -21.31 -23.49 -33.66
CA LYS A 1659 -22.76 -23.54 -33.81
C LYS A 1659 -23.14 -23.96 -35.23
N LEU A 1660 -22.50 -23.39 -36.23
CA LEU A 1660 -22.88 -23.73 -37.60
C LEU A 1660 -22.57 -25.20 -37.90
N PHE A 1661 -21.44 -25.69 -37.42
CA PHE A 1661 -21.11 -27.10 -37.67
C PHE A 1661 -22.10 -28.02 -36.98
N LEU A 1662 -22.54 -27.65 -35.77
CA LEU A 1662 -23.55 -28.46 -35.10
C LEU A 1662 -24.87 -28.45 -35.86
N GLU A 1663 -25.26 -27.29 -36.38
CA GLU A 1663 -26.49 -27.23 -37.16
C GLU A 1663 -26.40 -28.13 -38.38
N GLN A 1664 -25.29 -28.04 -39.11
CA GLN A 1664 -25.15 -28.86 -40.31
C GLN A 1664 -25.01 -30.33 -39.99
N GLU A 1665 -24.59 -30.69 -38.79
CA GLU A 1665 -24.43 -32.10 -38.45
C GLU A 1665 -25.71 -32.72 -37.89
N ASP A 1666 -26.45 -31.97 -37.08
CA ASP A 1666 -27.66 -32.52 -36.45
C ASP A 1666 -28.78 -32.70 -37.47
N GLU A 1667 -28.97 -31.71 -38.35
CA GLU A 1667 -29.98 -31.85 -39.38
C GLU A 1667 -29.66 -32.99 -40.33
N GLU A 1668 -28.38 -33.20 -40.63
CA GLU A 1668 -27.99 -34.32 -41.48
C GLU A 1668 -28.20 -35.64 -40.77
N GLU A 1669 -27.91 -35.70 -39.48
CA GLU A 1669 -28.09 -36.92 -38.70
C GLU A 1669 -29.54 -37.09 -38.29
N PRO A 1693 -0.51 -16.29 -46.87
CA PRO A 1693 -1.26 -15.99 -48.10
C PRO A 1693 -2.44 -15.06 -47.84
N SER A 1694 -2.39 -14.31 -46.75
CA SER A 1694 -3.46 -13.40 -46.39
C SER A 1694 -2.89 -12.31 -45.50
N PRO A 1695 -3.47 -11.12 -45.52
CA PRO A 1695 -2.93 -10.03 -44.69
C PRO A 1695 -3.47 -10.02 -43.28
N ALA A 1696 -2.58 -10.06 -42.30
CA ALA A 1696 -3.01 -9.98 -40.92
C ALA A 1696 -3.50 -8.57 -40.62
N ILE A 1697 -4.70 -8.47 -40.06
CA ILE A 1697 -5.32 -7.20 -39.74
C ILE A 1697 -5.49 -7.11 -38.24
N SER A 1698 -5.04 -6.03 -37.65
CA SER A 1698 -5.24 -5.76 -36.23
C SER A 1698 -6.06 -4.50 -36.08
N ILE A 1699 -7.14 -4.57 -35.32
CA ILE A 1699 -8.05 -3.46 -35.17
C ILE A 1699 -7.80 -2.81 -33.83
N LEU A 1700 -7.91 -1.47 -33.79
CA LEU A 1700 -7.66 -0.71 -32.58
C LEU A 1700 -8.84 0.24 -32.36
N VAL A 1701 -9.55 0.06 -31.25
CA VAL A 1701 -10.70 0.88 -30.93
C VAL A 1701 -10.27 1.96 -29.96
N LEU A 1702 -10.66 3.20 -30.24
CA LEU A 1702 -10.27 4.34 -29.43
C LEU A 1702 -11.49 4.98 -28.79
N SER A 1703 -11.26 5.68 -27.69
CA SER A 1703 -12.34 6.31 -26.94
C SER A 1703 -12.24 7.82 -27.06
N PRO A 1704 -13.20 8.49 -27.69
CA PRO A 1704 -13.06 9.94 -27.93
C PRO A 1704 -13.07 10.78 -26.69
N ARG A 1705 -13.18 10.18 -25.50
CA ARG A 1705 -12.97 10.93 -24.27
C ARG A 1705 -11.50 11.22 -24.01
N CYS A 1706 -10.60 10.43 -24.58
CA CYS A 1706 -9.19 10.54 -24.29
C CYS A 1706 -8.30 10.75 -25.50
N TRP A 1707 -8.77 10.48 -26.70
CA TRP A 1707 -7.94 10.65 -27.88
C TRP A 1707 -8.42 11.84 -28.68
N PRO A 1708 -7.53 12.69 -29.13
CA PRO A 1708 -7.93 13.87 -29.91
C PRO A 1708 -7.94 13.58 -31.41
N VAL A 1709 -8.83 12.70 -31.86
CA VAL A 1709 -8.92 12.42 -33.28
C VAL A 1709 -9.64 13.57 -33.97
N SER A 1710 -9.14 13.94 -35.11
CA SER A 1710 -9.71 15.09 -35.78
C SER A 1710 -10.96 14.68 -36.56
N PRO A 1711 -11.88 15.60 -36.76
CA PRO A 1711 -13.09 15.26 -37.52
C PRO A 1711 -12.83 15.32 -39.01
N LEU A 1712 -11.58 15.50 -39.38
CA LEU A 1712 -11.18 15.45 -40.78
C LEU A 1712 -10.52 14.13 -41.15
N CYS A 1713 -10.04 13.37 -40.17
CA CYS A 1713 -9.44 12.07 -40.42
C CYS A 1713 -10.49 10.98 -40.18
N TYR A 1714 -11.47 10.92 -41.07
CA TYR A 1714 -12.54 9.94 -41.00
C TYR A 1714 -12.67 9.26 -42.35
N LEU A 1715 -13.12 8.01 -42.34
CA LEU A 1715 -13.49 7.30 -43.56
C LEU A 1715 -14.98 7.05 -43.50
N TYR A 1716 -15.72 7.63 -44.43
CA TYR A 1716 -17.16 7.60 -44.37
C TYR A 1716 -17.73 6.37 -45.08
N HIS A 1717 -17.43 6.22 -46.37
CA HIS A 1717 -17.85 5.05 -47.13
C HIS A 1717 -16.63 4.17 -47.37
N PRO A 1718 -16.34 3.23 -46.48
CA PRO A 1718 -15.08 2.47 -46.62
C PRO A 1718 -15.03 1.62 -47.87
N ARG A 1719 -16.18 1.11 -48.32
CA ARG A 1719 -16.19 0.19 -49.44
C ARG A 1719 -15.74 0.86 -50.73
N LYS A 1720 -15.96 2.16 -50.87
CA LYS A 1720 -15.60 2.85 -52.10
C LYS A 1720 -14.10 3.13 -52.19
N CYS A 1721 -13.33 2.88 -51.14
CA CYS A 1721 -11.90 3.17 -51.15
C CYS A 1721 -11.03 1.93 -51.02
N LEU A 1722 -11.20 1.15 -49.98
CA LEU A 1722 -10.30 0.04 -49.75
C LEU A 1722 -10.78 -1.22 -50.45
N PRO A 1723 -9.91 -2.20 -50.66
CA PRO A 1723 -10.32 -3.41 -51.38
C PRO A 1723 -11.38 -4.21 -50.63
N THR A 1724 -11.96 -5.15 -51.38
CA THR A 1724 -13.11 -5.90 -50.87
C THR A 1724 -12.73 -6.77 -49.68
N GLU A 1725 -11.54 -7.37 -49.70
CA GLU A 1725 -11.12 -8.23 -48.59
C GLU A 1725 -11.06 -7.45 -47.29
N PHE A 1726 -10.38 -6.29 -47.33
CA PHE A 1726 -10.27 -5.50 -46.12
C PHE A 1726 -11.62 -4.97 -45.68
N CYS A 1727 -12.46 -4.57 -46.63
CA CYS A 1727 -13.81 -4.12 -46.26
C CYS A 1727 -14.58 -5.22 -45.55
N ASP A 1728 -14.41 -6.46 -46.01
CA ASP A 1728 -15.09 -7.57 -45.37
C ASP A 1728 -14.59 -7.81 -43.96
N ALA A 1729 -13.28 -7.71 -43.77
CA ALA A 1729 -12.74 -7.87 -42.42
C ALA A 1729 -13.29 -6.82 -41.48
N LEU A 1730 -13.31 -5.57 -41.93
CA LEU A 1730 -13.88 -4.51 -41.13
C LEU A 1730 -15.34 -4.80 -40.79
N ASP A 1731 -16.11 -5.28 -41.76
CA ASP A 1731 -17.51 -5.56 -41.51
C ASP A 1731 -17.68 -6.65 -40.46
N ARG A 1732 -16.83 -7.68 -40.51
CA ARG A 1732 -16.93 -8.74 -39.52
C ARG A 1732 -16.65 -8.22 -38.13
N PHE A 1733 -15.61 -7.42 -37.96
CA PHE A 1733 -15.34 -6.90 -36.63
C PHE A 1733 -16.45 -5.97 -36.16
N SER A 1734 -17.04 -5.20 -37.07
CA SER A 1734 -18.14 -4.34 -36.69
C SER A 1734 -19.32 -5.16 -36.20
N SER A 1735 -19.63 -6.25 -36.88
CA SER A 1735 -20.69 -7.14 -36.44
C SER A 1735 -20.41 -7.67 -35.04
N PHE A 1736 -19.16 -8.06 -34.78
CA PHE A 1736 -18.85 -8.56 -33.44
C PHE A 1736 -19.03 -7.47 -32.39
N TYR A 1737 -18.54 -6.27 -32.67
CA TYR A 1737 -18.64 -5.21 -31.70
C TYR A 1737 -20.09 -4.92 -31.37
N SER A 1738 -20.95 -4.90 -32.39
CA SER A 1738 -22.36 -4.65 -32.14
C SER A 1738 -22.98 -5.78 -31.32
N GLN A 1739 -22.80 -7.03 -31.77
CA GLN A 1739 -23.42 -8.15 -31.08
C GLN A 1739 -22.88 -8.36 -29.68
N SER A 1740 -21.76 -7.73 -29.32
CA SER A 1740 -21.28 -7.85 -27.95
C SER A 1740 -21.38 -6.57 -27.15
N GLN A 1741 -21.78 -5.46 -27.75
CA GLN A 1741 -21.91 -4.21 -27.01
C GLN A 1741 -23.12 -4.25 -26.09
N ARG A 1752 -22.95 1.66 -29.07
CA ARG A 1752 -21.65 2.18 -29.47
C ARG A 1752 -21.30 1.74 -30.88
N ARG A 1753 -21.37 2.67 -31.82
CA ARG A 1753 -21.09 2.38 -33.21
C ARG A 1753 -19.57 2.31 -33.43
N LEU A 1754 -19.14 2.34 -34.68
CA LEU A 1754 -17.72 2.34 -35.00
C LEU A 1754 -17.49 3.19 -36.25
N GLN A 1755 -16.67 4.24 -36.12
CA GLN A 1755 -16.33 5.12 -37.22
C GLN A 1755 -14.86 4.91 -37.55
N TRP A 1756 -14.57 4.39 -38.74
CA TRP A 1756 -13.21 4.07 -39.12
C TRP A 1756 -12.46 5.32 -39.50
N THR A 1757 -11.14 5.31 -39.29
CA THR A 1757 -10.34 6.48 -39.56
C THR A 1757 -9.15 6.13 -40.43
N TRP A 1758 -8.55 7.16 -41.02
CA TRP A 1758 -7.40 7.00 -41.89
C TRP A 1758 -6.10 6.80 -41.12
N LEU A 1759 -6.14 6.74 -39.79
CA LEU A 1759 -4.91 6.59 -39.05
C LEU A 1759 -4.47 5.12 -39.06
N GLY A 1760 -3.20 4.92 -38.75
CA GLY A 1760 -2.67 3.57 -38.66
C GLY A 1760 -1.43 3.41 -39.52
N ARG A 1761 -0.88 2.21 -39.46
CA ARG A 1761 0.35 1.89 -40.17
C ARG A 1761 0.18 0.52 -40.82
N ALA A 1762 1.09 0.21 -41.74
CA ALA A 1762 1.03 -1.06 -42.44
C ALA A 1762 2.41 -1.42 -42.96
N GLU A 1763 2.63 -2.71 -43.14
CA GLU A 1763 3.86 -3.25 -43.71
C GLU A 1763 3.58 -3.78 -45.10
N LEU A 1764 4.35 -3.31 -46.08
CA LEU A 1764 4.19 -3.67 -47.46
C LEU A 1764 5.44 -4.39 -47.95
N GLN A 1765 5.25 -5.29 -48.91
CA GLN A 1765 6.35 -5.98 -49.57
C GLN A 1765 6.38 -5.54 -51.03
N PHE A 1766 7.55 -5.09 -51.48
CA PHE A 1766 7.74 -4.60 -52.84
C PHE A 1766 9.11 -5.10 -53.29
N GLY A 1767 9.11 -6.15 -54.09
CA GLY A 1767 10.38 -6.79 -54.41
C GLY A 1767 11.00 -7.34 -53.14
N LYS A 1768 12.30 -7.14 -53.01
CA LYS A 1768 13.00 -7.50 -51.79
C LYS A 1768 12.86 -6.45 -50.70
N GLN A 1769 12.20 -5.33 -50.99
CA GLN A 1769 12.08 -4.23 -50.04
C GLN A 1769 10.86 -4.41 -49.15
N ILE A 1770 11.06 -4.18 -47.85
CA ILE A 1770 9.99 -4.17 -46.88
C ILE A 1770 9.78 -2.73 -46.46
N LEU A 1771 8.58 -2.20 -46.71
CA LEU A 1771 8.28 -0.81 -46.44
C LEU A 1771 7.29 -0.69 -45.29
N HIS A 1772 7.42 0.38 -44.52
CA HIS A 1772 6.47 0.73 -43.49
C HIS A 1772 5.80 2.03 -43.91
N VAL A 1773 4.48 2.01 -44.03
CA VAL A 1773 3.77 3.15 -44.55
C VAL A 1773 2.57 3.48 -43.66
N SER A 1774 2.03 4.67 -43.85
CA SER A 1774 0.78 5.04 -43.21
C SER A 1774 -0.39 4.56 -44.05
N THR A 1775 -1.60 4.65 -43.50
CA THR A 1775 -2.76 4.11 -44.18
C THR A 1775 -3.01 4.83 -45.50
N VAL A 1776 -2.89 6.16 -45.50
CA VAL A 1776 -3.04 6.89 -46.74
C VAL A 1776 -1.99 6.46 -47.75
N GLN A 1777 -0.75 6.30 -47.30
CA GLN A 1777 0.31 5.83 -48.19
C GLN A 1777 0.01 4.45 -48.74
N MET A 1778 -0.39 3.53 -47.85
CA MET A 1778 -0.68 2.17 -48.30
C MET A 1778 -1.79 2.18 -49.32
N TRP A 1779 -2.82 3.01 -49.13
CA TRP A 1779 -3.96 2.99 -50.03
C TRP A 1779 -3.59 3.55 -51.39
N LEU A 1780 -2.88 4.68 -51.41
CA LEU A 1780 -2.41 5.23 -52.67
C LEU A 1780 -1.56 4.22 -53.43
N LEU A 1781 -0.60 3.60 -52.73
CA LEU A 1781 0.26 2.65 -53.42
C LEU A 1781 -0.50 1.44 -53.92
N LEU A 1782 -1.45 0.92 -53.12
CA LEU A 1782 -2.25 -0.20 -53.57
C LEU A 1782 -3.01 0.13 -54.84
N LYS A 1783 -3.64 1.30 -54.87
CA LYS A 1783 -4.30 1.71 -56.10
C LYS A 1783 -3.30 1.80 -57.25
N PHE A 1784 -2.06 2.18 -56.95
CA PHE A 1784 -1.05 2.25 -58.00
C PHE A 1784 -0.73 0.89 -58.59
N ASN A 1785 -1.03 -0.20 -57.90
CA ASN A 1785 -0.58 -1.53 -58.31
C ASN A 1785 -1.41 -2.13 -59.43
N GLN A 1786 -2.25 -1.34 -60.11
CA GLN A 1786 -3.02 -1.83 -61.24
C GLN A 1786 -2.86 -0.93 -62.47
N THR A 1787 -1.89 -0.03 -62.46
CA THR A 1787 -1.63 0.85 -63.59
C THR A 1787 -0.15 1.23 -63.58
N GLU A 1788 0.22 2.22 -64.38
CA GLU A 1788 1.59 2.68 -64.45
C GLU A 1788 1.77 4.18 -64.21
N GLU A 1789 0.68 4.93 -64.06
CA GLU A 1789 0.77 6.35 -63.77
C GLU A 1789 -0.57 6.80 -63.21
N VAL A 1790 -0.51 7.75 -62.28
CA VAL A 1790 -1.70 8.23 -61.59
C VAL A 1790 -1.72 9.75 -61.65
N SER A 1791 -2.92 10.31 -61.72
CA SER A 1791 -3.13 11.74 -61.76
C SER A 1791 -3.62 12.25 -60.42
N VAL A 1792 -3.11 13.40 -60.00
CA VAL A 1792 -3.39 13.90 -58.66
C VAL A 1792 -4.85 14.29 -58.53
N GLU A 1793 -5.42 14.91 -59.55
CA GLU A 1793 -6.81 15.34 -59.49
C GLU A 1793 -7.74 14.15 -59.34
N THR A 1794 -7.46 13.07 -60.08
CA THR A 1794 -8.25 11.85 -59.93
C THR A 1794 -8.13 11.32 -58.51
N LEU A 1795 -6.93 11.32 -57.95
CA LEU A 1795 -6.73 10.85 -56.58
C LEU A 1795 -7.58 11.66 -55.61
N LEU A 1796 -7.55 12.99 -55.74
CA LEU A 1796 -8.32 13.84 -54.85
C LEU A 1796 -9.82 13.56 -54.98
N LYS A 1797 -10.31 13.54 -56.22
CA LYS A 1797 -11.74 13.31 -56.43
C LYS A 1797 -12.17 11.96 -55.86
N ASP A 1798 -11.35 10.93 -56.03
CA ASP A 1798 -11.75 9.61 -55.58
C ASP A 1798 -11.64 9.49 -54.06
N SER A 1799 -10.67 10.17 -53.45
CA SER A 1799 -10.46 10.01 -52.02
C SER A 1799 -11.47 10.82 -51.21
N ASP A 1800 -11.67 12.08 -51.59
CA ASP A 1800 -12.48 12.99 -50.79
C ASP A 1800 -11.90 13.11 -49.38
N LEU A 1801 -10.70 13.65 -49.32
CA LEU A 1801 -10.02 13.94 -48.07
C LEU A 1801 -9.29 15.27 -48.20
N SER A 1802 -8.60 15.68 -47.15
CA SER A 1802 -7.93 16.97 -47.15
C SER A 1802 -6.75 16.97 -48.11
N PRO A 1803 -6.68 17.93 -49.03
CA PRO A 1803 -5.53 17.97 -49.94
C PRO A 1803 -4.23 18.23 -49.23
N GLU A 1804 -4.25 19.01 -48.15
CA GLU A 1804 -3.05 19.16 -47.34
C GLU A 1804 -2.59 17.81 -46.79
N LEU A 1805 -3.55 17.02 -46.31
CA LEU A 1805 -3.21 15.68 -45.84
C LEU A 1805 -2.62 14.84 -46.95
N LEU A 1806 -3.22 14.91 -48.14
CA LEU A 1806 -2.70 14.14 -49.26
C LEU A 1806 -1.27 14.56 -49.57
N LEU A 1807 -1.00 15.86 -49.51
CA LEU A 1807 0.35 16.32 -49.81
C LEU A 1807 1.34 15.85 -48.76
N GLN A 1808 0.96 15.92 -47.49
CA GLN A 1808 1.84 15.47 -46.44
C GLN A 1808 2.08 13.98 -46.53
N ALA A 1809 1.10 13.23 -47.03
CA ALA A 1809 1.29 11.80 -47.20
C ALA A 1809 2.19 11.49 -48.37
N LEU A 1810 2.06 12.26 -49.45
CA LEU A 1810 2.84 12.00 -50.66
C LEU A 1810 4.28 12.45 -50.53
N VAL A 1811 4.55 13.50 -49.75
CA VAL A 1811 5.89 14.09 -49.74
C VAL A 1811 6.99 13.07 -49.51
N PRO A 1812 6.96 12.23 -48.48
CA PRO A 1812 8.07 11.31 -48.25
C PRO A 1812 8.15 10.15 -49.23
N LEU A 1813 7.30 10.14 -50.26
CA LEU A 1813 7.28 9.08 -51.25
C LEU A 1813 8.03 9.45 -52.52
N THR A 1814 7.81 10.66 -53.03
CA THR A 1814 8.52 11.10 -54.21
C THR A 1814 9.95 11.54 -53.93
N SER A 1815 10.35 11.60 -52.66
CA SER A 1815 11.68 12.08 -52.29
C SER A 1815 12.70 10.98 -52.53
N GLY A 1816 13.92 11.21 -52.05
CA GLY A 1816 14.98 10.23 -52.27
C GLY A 1816 14.71 8.93 -51.56
N ASN A 1817 15.24 7.84 -52.14
CA ASN A 1817 15.02 6.49 -51.65
C ASN A 1817 13.54 6.15 -51.59
N GLY A 1818 12.74 6.79 -52.43
CA GLY A 1818 11.31 6.58 -52.44
C GLY A 1818 10.89 5.65 -53.55
N PRO A 1819 9.79 4.93 -53.36
CA PRO A 1819 9.33 3.99 -54.37
C PRO A 1819 8.62 4.63 -55.54
N LEU A 1820 8.27 5.90 -55.45
CA LEU A 1820 7.55 6.57 -56.52
C LEU A 1820 8.40 7.70 -57.08
N THR A 1821 7.93 8.27 -58.19
CA THR A 1821 8.57 9.41 -58.81
C THR A 1821 7.51 10.37 -59.32
N LEU A 1822 7.85 11.65 -59.34
CA LEU A 1822 6.94 12.69 -59.79
C LEU A 1822 7.34 13.16 -61.17
N HIS A 1823 6.35 13.64 -61.92
CA HIS A 1823 6.61 14.21 -63.23
C HIS A 1823 5.42 15.06 -63.68
N GLY A 1832 1.16 17.25 -61.16
CA GLY A 1832 2.28 16.34 -61.23
C GLY A 1832 1.86 14.88 -61.23
N VAL A 1833 2.08 14.21 -62.36
CA VAL A 1833 1.74 12.79 -62.46
C VAL A 1833 2.65 11.98 -61.56
N LEU A 1834 2.13 10.87 -61.05
CA LEU A 1834 2.90 9.94 -60.23
C LEU A 1834 3.20 8.69 -61.05
N ARG A 1835 4.46 8.29 -61.08
CA ARG A 1835 4.88 7.13 -61.85
C ARG A 1835 5.85 6.31 -61.01
N LEU A 1836 6.23 5.16 -61.55
CA LEU A 1836 7.26 4.35 -60.90
C LEU A 1836 8.63 5.02 -61.08
N HIS A 1837 9.43 4.98 -60.03
CA HIS A 1837 10.74 5.62 -60.03
C HIS A 1837 11.83 4.70 -60.58
N GLU A 1838 11.95 3.51 -60.00
CA GLU A 1838 12.95 2.53 -60.42
C GLU A 1838 14.36 3.12 -60.42
N ALA A 1847 15.11 -1.93 -45.32
CA ALA A 1847 13.79 -1.73 -44.76
C ALA A 1847 13.47 -0.24 -44.65
N LEU A 1848 12.96 0.33 -45.72
CA LEU A 1848 12.66 1.75 -45.73
C LEU A 1848 11.55 2.08 -44.74
N TRP A 1849 11.64 3.28 -44.16
CA TRP A 1849 10.68 3.76 -43.17
C TRP A 1849 10.16 5.09 -43.68
N LEU A 1850 9.12 5.03 -44.51
CA LEU A 1850 8.58 6.23 -45.14
C LEU A 1850 7.30 6.69 -44.43
N ILE A 1851 7.46 7.07 -43.17
CA ILE A 1851 6.36 7.62 -42.36
C ILE A 1851 6.60 9.12 -42.20
N PRO A 1852 5.59 9.96 -42.40
CA PRO A 1852 5.81 11.40 -42.31
C PRO A 1852 6.21 11.80 -40.90
N PRO A 1853 7.26 12.60 -40.76
CA PRO A 1853 7.66 13.06 -39.43
C PRO A 1853 6.62 13.98 -38.82
N GLN A 1854 6.70 14.13 -37.51
CA GLN A 1854 5.69 14.87 -36.75
C GLN A 1854 5.87 16.36 -36.96
N ALA A 1855 4.87 17.00 -37.57
CA ALA A 1855 4.89 18.43 -37.82
C ALA A 1855 4.40 19.14 -36.58
N TYR A 1856 5.31 19.81 -35.88
CA TYR A 1856 4.98 20.37 -34.58
C TYR A 1856 4.06 21.57 -34.71
N LEU A 1857 3.18 21.73 -33.72
CA LEU A 1857 2.32 22.89 -33.68
C LEU A 1857 3.13 24.14 -33.43
N ASN A 1858 2.51 25.29 -33.68
CA ASN A 1858 3.14 26.59 -33.46
C ASN A 1858 2.12 27.52 -32.87
N VAL A 1859 2.36 27.94 -31.63
CA VAL A 1859 1.44 28.87 -30.96
C VAL A 1859 1.81 30.28 -31.40
N GLU A 1860 1.23 30.72 -32.51
CA GLU A 1860 1.54 32.02 -33.07
C GLU A 1860 1.09 33.15 -32.14
N THR A 1866 -7.02 30.17 -29.53
CA THR A 1866 -8.40 30.17 -29.05
C THR A 1866 -8.45 29.88 -27.56
N LEU A 1867 -7.35 29.36 -27.02
CA LEU A 1867 -7.29 29.07 -25.60
C LEU A 1867 -7.45 30.35 -24.77
N GLU A 1868 -6.88 31.45 -25.25
CA GLU A 1868 -7.04 32.72 -24.54
C GLU A 1868 -8.49 33.17 -24.54
N GLN A 1869 -9.18 33.04 -25.67
CA GLN A 1869 -10.59 33.40 -25.73
C GLN A 1869 -11.42 32.52 -24.81
N LYS A 1870 -11.11 31.22 -24.77
CA LYS A 1870 -11.84 30.31 -23.88
C LYS A 1870 -11.64 30.69 -22.43
N ARG A 1871 -10.38 30.99 -22.05
CA ARG A 1871 -10.12 31.42 -20.68
C ARG A 1871 -10.86 32.72 -20.36
N ASN A 1872 -10.88 33.66 -21.31
CA ASN A 1872 -11.55 34.92 -21.08
C ASN A 1872 -13.05 34.70 -20.83
N LEU A 1873 -13.68 33.89 -21.68
CA LEU A 1873 -15.10 33.65 -21.53
C LEU A 1873 -15.41 32.94 -20.23
N LEU A 1874 -14.61 31.93 -19.88
CA LEU A 1874 -14.85 31.21 -18.63
C LEU A 1874 -14.69 32.13 -17.43
N SER A 1875 -13.66 32.97 -17.44
CA SER A 1875 -13.48 33.93 -16.36
C SER A 1875 -14.66 34.89 -16.26
N CYS A 1876 -15.12 35.41 -17.39
CA CYS A 1876 -16.23 36.35 -17.38
C CYS A 1876 -17.49 35.72 -16.80
N LEU A 1877 -17.84 34.53 -17.29
CA LEU A 1877 -19.04 33.86 -16.80
C LEU A 1877 -18.90 33.53 -15.32
N LEU A 1878 -17.72 33.07 -14.90
CA LEU A 1878 -17.52 32.71 -13.49
C LEU A 1878 -17.66 33.93 -12.60
N VAL A 1879 -17.11 35.07 -13.03
CA VAL A 1879 -17.25 36.29 -12.25
C VAL A 1879 -18.70 36.72 -12.19
N ARG A 1880 -19.42 36.59 -13.30
CA ARG A 1880 -20.84 36.98 -13.31
C ARG A 1880 -21.63 36.13 -12.33
N ILE A 1881 -21.43 34.81 -12.37
CA ILE A 1881 -22.15 33.93 -11.46
C ILE A 1881 -21.75 34.19 -10.01
N LEU A 1882 -20.49 34.52 -9.76
CA LEU A 1882 -20.06 34.78 -8.39
C LEU A 1882 -20.62 36.08 -7.87
N LYS A 1883 -20.78 37.08 -8.74
CA LYS A 1883 -21.36 38.35 -8.31
C LYS A 1883 -22.86 38.27 -8.14
N ALA A 1884 -23.53 37.42 -8.93
CA ALA A 1884 -24.99 37.34 -8.85
C ALA A 1884 -25.45 36.51 -7.65
N HIS A 1885 -24.73 35.45 -7.33
CA HIS A 1885 -25.19 34.49 -6.32
C HIS A 1885 -25.20 35.05 -4.92
N GLY A 1886 -24.96 36.34 -4.70
CA GLY A 1886 -25.00 36.89 -3.36
C GLY A 1886 -23.74 36.58 -2.58
N GLU A 1887 -23.28 37.56 -1.80
CA GLU A 1887 -22.03 37.41 -1.05
C GLU A 1887 -22.03 36.21 -0.12
N LYS A 1888 -23.17 35.55 0.05
CA LYS A 1888 -23.19 34.29 0.79
C LYS A 1888 -22.28 33.26 0.17
N GLY A 1889 -21.91 33.43 -1.10
CA GLY A 1889 -20.99 32.53 -1.75
C GLY A 1889 -21.67 31.28 -2.28
N LEU A 1890 -20.84 30.42 -2.87
CA LEU A 1890 -21.31 29.16 -3.42
C LEU A 1890 -20.20 28.13 -3.29
N HIS A 1891 -20.56 26.88 -3.49
CA HIS A 1891 -19.61 25.78 -3.42
C HIS A 1891 -18.93 25.59 -4.77
N ILE A 1892 -17.65 25.22 -4.72
CA ILE A 1892 -16.83 25.21 -5.92
C ILE A 1892 -17.31 24.14 -6.90
N ASP A 1893 -17.66 22.96 -6.40
CA ASP A 1893 -18.15 21.91 -7.28
C ASP A 1893 -19.51 22.28 -7.86
N GLN A 1894 -20.42 22.74 -7.00
CA GLN A 1894 -21.66 23.30 -7.51
C GLN A 1894 -21.39 24.43 -8.47
N LEU A 1895 -20.33 25.21 -8.21
CA LEU A 1895 -19.98 26.28 -9.13
C LEU A 1895 -19.64 25.72 -10.50
N VAL A 1896 -18.86 24.64 -10.54
CA VAL A 1896 -18.53 24.01 -11.82
C VAL A 1896 -19.81 23.52 -12.49
N CYS A 1897 -20.73 23.00 -11.70
CA CYS A 1897 -22.02 22.59 -12.27
C CYS A 1897 -22.71 23.77 -12.94
N LEU A 1898 -22.75 24.90 -12.24
CA LEU A 1898 -23.39 26.10 -12.80
C LEU A 1898 -22.69 26.54 -14.07
N VAL A 1899 -21.37 26.54 -14.07
CA VAL A 1899 -20.64 27.05 -15.22
C VAL A 1899 -20.81 26.13 -16.41
N LEU A 1900 -20.79 24.82 -16.18
CA LEU A 1900 -21.00 23.88 -17.29
C LEU A 1900 -22.40 24.02 -17.86
N GLU A 1901 -23.40 24.19 -16.97
CA GLU A 1901 -24.75 24.42 -17.47
C GLU A 1901 -24.82 25.72 -18.28
N ALA A 1902 -24.21 26.79 -17.76
CA ALA A 1902 -24.24 28.06 -18.45
C ALA A 1902 -23.61 27.96 -19.83
N TRP A 1903 -22.48 27.26 -19.93
CA TRP A 1903 -21.91 27.02 -21.24
C TRP A 1903 -22.85 26.17 -22.09
N GLN A 1904 -23.56 25.26 -21.46
CA GLN A 1904 -24.51 24.41 -22.17
C GLN A 1904 -25.76 25.21 -22.54
N CYS A 1923 -16.63 22.56 -22.72
CA CYS A 1923 -15.70 22.86 -21.64
C CYS A 1923 -15.31 21.61 -20.87
N THR A 1924 -14.63 21.80 -19.74
CA THR A 1924 -14.22 20.70 -18.89
C THR A 1924 -14.08 21.21 -17.47
N SER A 1925 -14.30 20.29 -16.52
CA SER A 1925 -14.15 20.63 -15.11
C SER A 1925 -12.76 21.18 -14.83
N THR A 1926 -11.73 20.59 -15.43
CA THR A 1926 -10.37 21.09 -15.25
C THR A 1926 -10.22 22.49 -15.80
N ASP A 1927 -10.84 22.78 -16.94
CA ASP A 1927 -10.76 24.11 -17.52
C ASP A 1927 -11.37 25.15 -16.59
N VAL A 1928 -12.57 24.86 -16.08
CA VAL A 1928 -13.21 25.79 -15.17
C VAL A 1928 -12.38 25.95 -13.91
N LEU A 1929 -11.80 24.86 -13.41
CA LEU A 1929 -11.02 24.95 -12.18
C LEU A 1929 -9.78 25.80 -12.39
N SER A 1930 -9.14 25.68 -13.53
CA SER A 1930 -7.94 26.49 -13.77
C SER A 1930 -8.30 27.95 -13.96
N CYS A 1931 -9.44 28.24 -14.60
CA CYS A 1931 -9.88 29.62 -14.66
C CYS A 1931 -10.14 30.17 -13.26
N ILE A 1932 -10.69 29.33 -12.38
CA ILE A 1932 -10.94 29.75 -11.01
C ILE A 1932 -9.63 30.05 -10.31
N LEU A 1933 -8.63 29.19 -10.50
CA LEU A 1933 -7.32 29.45 -9.91
C LEU A 1933 -6.73 30.74 -10.44
N HIS A 1934 -6.93 31.01 -11.73
CA HIS A 1934 -6.41 32.25 -12.30
C HIS A 1934 -7.06 33.46 -11.65
N LEU A 1935 -8.38 33.42 -11.49
CA LEU A 1935 -9.06 34.57 -10.90
C LEU A 1935 -8.71 34.72 -9.42
N LEU A 1936 -8.43 33.61 -8.73
CA LEU A 1936 -8.02 33.72 -7.34
C LEU A 1936 -6.63 34.33 -7.24
N GLY A 1937 -5.72 33.95 -8.13
CA GLY A 1937 -4.40 34.53 -8.11
C GLY A 1937 -4.42 36.01 -8.44
N GLN A 1938 -5.16 36.38 -9.48
CA GLN A 1938 -5.21 37.77 -9.91
C GLN A 1938 -5.89 38.68 -8.89
N GLY A 1939 -6.55 38.12 -7.88
CA GLY A 1939 -7.14 38.92 -6.83
C GLY A 1939 -8.54 39.41 -7.08
N TYR A 1940 -9.37 38.63 -7.76
CA TYR A 1940 -10.74 39.04 -8.03
C TYR A 1940 -11.76 38.29 -7.17
N VAL A 1941 -11.39 37.13 -6.64
CA VAL A 1941 -12.24 36.36 -5.76
C VAL A 1941 -11.40 35.86 -4.59
N LYS A 1942 -12.06 35.26 -3.61
CA LYS A 1942 -11.36 34.71 -2.46
C LYS A 1942 -12.18 33.58 -1.89
N ARG A 1943 -11.57 32.86 -0.95
CA ARG A 1943 -12.23 31.77 -0.24
C ARG A 1943 -12.67 32.26 1.13
N ARG A 1944 -13.90 31.92 1.50
CA ARG A 1944 -14.40 32.31 2.81
C ARG A 1944 -13.59 31.65 3.91
N ASP A 1945 -13.10 32.45 4.86
CA ASP A 1945 -12.31 31.90 5.95
C ASP A 1945 -13.13 30.92 6.79
N ASP A 1946 -14.43 31.18 6.94
CA ASP A 1946 -15.28 30.26 7.69
C ASP A 1946 -15.59 29.00 6.89
N ARG A 1947 -15.87 29.15 5.60
CA ARG A 1947 -16.17 28.02 4.73
C ARG A 1947 -15.23 28.08 3.52
N PRO A 1948 -14.15 27.31 3.52
CA PRO A 1948 -13.22 27.34 2.38
C PRO A 1948 -13.88 27.00 1.06
N GLN A 1949 -14.90 26.14 1.06
CA GLN A 1949 -15.62 25.82 -0.17
C GLN A 1949 -16.50 26.96 -0.64
N ILE A 1950 -16.69 27.98 0.18
CA ILE A 1950 -17.51 29.13 -0.22
C ILE A 1950 -16.64 30.11 -0.98
N LEU A 1951 -17.07 30.47 -2.18
CA LEU A 1951 -16.36 31.42 -3.04
C LEU A 1951 -16.96 32.81 -2.86
N MET A 1952 -16.19 33.73 -2.30
CA MET A 1952 -16.66 35.08 -1.99
C MET A 1952 -16.00 36.07 -2.93
N TYR A 1953 -16.82 36.83 -3.66
CA TYR A 1953 -16.30 37.85 -4.54
C TYR A 1953 -15.63 38.95 -3.73
N ALA A 1954 -14.66 39.61 -4.35
CA ALA A 1954 -13.97 40.72 -3.70
C ALA A 1954 -14.09 41.97 -4.56
N ASN A 2299 10.92 41.45 -27.19
CA ASN A 2299 9.83 40.59 -26.77
C ASN A 2299 9.41 40.88 -25.34
N GLU A 2300 10.36 41.39 -24.54
CA GLU A 2300 10.04 41.76 -23.16
C GLU A 2300 9.08 42.96 -23.14
N ARG A 2301 9.32 43.94 -24.01
CA ARG A 2301 8.37 45.02 -24.17
C ARG A 2301 7.02 44.51 -24.64
N CYS A 2302 7.02 43.46 -25.48
CA CYS A 2302 5.76 42.87 -25.90
C CYS A 2302 5.03 42.22 -24.73
N THR A 2303 5.77 41.56 -23.84
CA THR A 2303 5.15 40.96 -22.67
C THR A 2303 4.60 42.03 -21.73
N PHE A 2304 5.34 43.12 -21.56
CA PHE A 2304 4.83 44.23 -20.73
C PHE A 2304 3.57 44.82 -21.35
N HIS A 2305 3.56 45.00 -22.67
CA HIS A 2305 2.38 45.53 -23.33
C HIS A 2305 1.21 44.55 -23.25
N HIS A 2306 1.49 43.25 -23.27
CA HIS A 2306 0.42 42.27 -23.13
C HIS A 2306 -0.16 42.30 -21.72
N GLN A 2307 0.69 42.46 -20.71
CA GLN A 2307 0.19 42.63 -19.36
C GLN A 2307 -0.64 43.90 -19.23
N ALA A 2308 -0.19 44.98 -19.88
CA ALA A 2308 -0.96 46.22 -19.85
C ALA A 2308 -2.30 46.04 -20.54
N ARG A 2309 -2.33 45.31 -21.65
CA ARG A 2309 -3.59 45.08 -22.35
C ARG A 2309 -4.51 44.18 -21.53
N GLU A 2310 -3.95 43.22 -20.81
CA GLU A 2310 -4.76 42.39 -19.92
C GLU A 2310 -5.37 43.24 -18.80
N PHE A 2311 -4.58 44.14 -18.21
CA PHE A 2311 -5.11 45.01 -17.18
C PHE A 2311 -6.18 45.94 -17.75
N ALA A 2312 -6.00 46.41 -18.98
CA ALA A 2312 -6.99 47.28 -19.60
C ALA A 2312 -8.29 46.53 -19.87
N VAL A 2313 -8.19 45.30 -20.36
CA VAL A 2313 -9.39 44.49 -20.58
C VAL A 2313 -10.06 44.18 -19.26
N ASN A 2314 -9.27 44.02 -18.20
CA ASN A 2314 -9.85 43.80 -16.87
C ASN A 2314 -10.62 45.03 -16.41
N LEU A 2315 -10.03 46.21 -16.56
CA LEU A 2315 -10.72 47.44 -16.19
C LEU A 2315 -11.95 47.67 -17.04
N ARG A 2316 -11.92 47.22 -18.30
CA ARG A 2316 -13.07 47.39 -19.18
C ARG A 2316 -14.21 46.47 -18.77
N ASN A 2317 -13.96 45.16 -18.72
CA ASN A 2317 -15.02 44.21 -18.40
C ASN A 2317 -15.40 44.27 -16.93
N ARG A 2318 -14.45 43.94 -16.06
CA ARG A 2318 -14.69 43.98 -14.63
C ARG A 2318 -14.71 45.44 -14.15
N PRO A 2328 -13.01 62.04 -2.51
CA PRO A 2328 -12.86 61.22 -3.71
C PRO A 2328 -11.51 61.41 -4.38
N ARG A 2329 -10.53 61.94 -3.64
CA ARG A 2329 -9.21 62.18 -4.21
C ARG A 2329 -8.53 60.86 -4.59
N SER A 2330 -8.69 59.82 -3.77
CA SER A 2330 -8.06 58.54 -4.07
C SER A 2330 -8.60 57.95 -5.37
N PHE A 2331 -9.93 57.86 -5.49
CA PHE A 2331 -10.52 57.32 -6.71
C PHE A 2331 -10.24 58.22 -7.91
N THR A 2332 -10.18 59.53 -7.70
CA THR A 2332 -9.86 60.44 -8.81
C THR A 2332 -8.44 60.20 -9.32
N PHE A 2333 -7.48 60.10 -8.39
CA PHE A 2333 -6.11 59.81 -8.79
C PHE A 2333 -6.01 58.44 -9.45
N LEU A 2334 -6.79 57.48 -8.96
CA LEU A 2334 -6.76 56.14 -9.55
C LEU A 2334 -7.27 56.17 -10.98
N ASN A 2335 -8.38 56.87 -11.22
CA ASN A 2335 -8.93 56.96 -12.57
C ASN A 2335 -8.00 57.72 -13.50
N ASP A 2336 -7.38 58.79 -12.99
CA ASP A 2336 -6.44 59.55 -13.82
C ASP A 2336 -5.24 58.71 -14.19
N ALA A 2337 -4.69 57.96 -13.22
CA ALA A 2337 -3.57 57.08 -13.51
C ALA A 2337 -3.96 55.97 -14.46
N CYS A 2338 -5.19 55.47 -14.37
CA CYS A 2338 -5.65 54.44 -15.28
C CYS A 2338 -5.78 54.96 -16.70
N GLN A 2339 -6.32 56.17 -16.86
CA GLN A 2339 -6.41 56.78 -18.19
C GLN A 2339 -5.02 57.05 -18.77
N GLY A 2340 -4.12 57.56 -17.94
CA GLY A 2340 -2.75 57.79 -18.40
C GLY A 2340 -2.05 56.51 -18.78
N LEU A 2341 -2.28 55.44 -18.01
CA LEU A 2341 -1.70 54.15 -18.35
C LEU A 2341 -2.31 53.57 -19.61
N GLU A 2342 -3.60 53.84 -19.87
CA GLU A 2342 -4.21 53.38 -21.10
C GLU A 2342 -3.64 54.11 -22.30
N GLN A 2343 -3.46 55.42 -22.20
CA GLN A 2343 -2.80 56.17 -23.26
C GLN A 2343 -1.37 55.68 -23.48
N ALA A 2344 -0.63 55.46 -22.39
CA ALA A 2344 0.73 54.97 -22.50
C ALA A 2344 0.78 53.57 -23.08
N ARG A 2345 -0.25 52.76 -22.83
CA ARG A 2345 -0.31 51.42 -23.39
C ARG A 2345 -0.58 51.46 -24.88
N LYS A 2346 -1.49 52.35 -25.30
CA LYS A 2346 -1.70 52.55 -26.73
C LYS A 2346 -0.41 52.99 -27.40
N VAL A 2347 0.31 53.92 -26.77
CA VAL A 2347 1.57 54.41 -27.34
C VAL A 2347 2.60 53.30 -27.39
N LEU A 2348 2.69 52.49 -26.34
CA LEU A 2348 3.66 51.40 -26.31
C LEU A 2348 3.33 50.35 -27.36
N ALA A 2349 2.04 50.09 -27.58
CA ALA A 2349 1.65 49.14 -28.62
C ALA A 2349 2.01 49.67 -30.00
N TYR A 2350 1.76 50.96 -30.24
CA TYR A 2350 2.15 51.56 -31.51
C TYR A 2350 3.66 51.49 -31.70
N ALA A 2351 4.42 51.72 -30.62
CA ALA A 2351 5.87 51.66 -30.72
C ALA A 2351 6.35 50.24 -31.00
N CYS A 2352 5.77 49.26 -30.32
CA CYS A 2352 6.14 47.86 -30.57
C CYS A 2352 5.81 47.47 -31.99
N VAL A 2353 4.68 47.96 -32.52
CA VAL A 2353 4.38 47.76 -33.93
C VAL A 2353 5.47 48.39 -34.80
N TYR A 2354 5.96 49.56 -34.38
CA TYR A 2354 7.11 50.17 -35.04
C TYR A 2354 8.42 49.49 -34.66
N SER A 2355 8.50 48.93 -33.45
CA SER A 2355 9.71 48.25 -33.01
C SER A 2355 9.85 46.86 -33.60
N PHE A 2356 8.77 46.28 -34.14
CA PHE A 2356 8.85 44.95 -34.73
C PHE A 2356 9.74 44.93 -35.96
N TYR A 2357 9.83 46.05 -36.67
CA TYR A 2357 10.66 46.14 -37.87
C TYR A 2357 11.12 47.56 -38.12
N TYR A 2363 23.92 57.02 -30.75
CA TYR A 2363 23.39 56.75 -29.42
C TYR A 2363 22.24 55.76 -29.48
N MET A 2364 22.37 54.76 -30.37
CA MET A 2364 21.33 53.76 -30.52
C MET A 2364 21.16 52.95 -29.23
N ASP A 2365 22.26 52.55 -28.60
CA ASP A 2365 22.17 51.80 -27.36
C ASP A 2365 21.55 52.64 -26.25
N VAL A 2366 21.90 53.93 -26.19
CA VAL A 2366 21.33 54.81 -25.17
C VAL A 2366 19.83 54.95 -25.38
N VAL A 2367 19.41 55.13 -26.63
CA VAL A 2367 17.98 55.26 -26.91
C VAL A 2367 17.25 53.96 -26.56
N GLU A 2368 17.88 52.82 -26.85
CA GLU A 2368 17.26 51.54 -26.52
C GLU A 2368 17.11 51.37 -25.02
N GLN A 2369 18.15 51.73 -24.26
CA GLN A 2369 18.08 51.65 -22.81
C GLN A 2369 17.01 52.58 -22.26
N GLN A 2370 16.90 53.78 -22.85
CA GLN A 2370 15.86 54.71 -22.40
C GLN A 2370 14.48 54.15 -22.66
N THR A 2371 14.25 53.60 -23.85
CA THR A 2371 12.95 53.03 -24.17
C THR A 2371 12.62 51.86 -23.26
N GLU A 2372 13.61 50.99 -23.00
CA GLU A 2372 13.37 49.85 -22.12
C GLU A 2372 13.05 50.30 -20.70
N ASN A 2373 13.77 51.31 -20.20
CA ASN A 2373 13.47 51.82 -18.87
C ASN A 2373 12.08 52.43 -18.81
N LEU A 2374 11.69 53.15 -19.86
CA LEU A 2374 10.34 53.71 -19.89
C LEU A 2374 9.29 52.61 -19.91
N GLU A 2375 9.55 51.54 -20.65
CA GLU A 2375 8.60 50.43 -20.69
C GLU A 2375 8.49 49.75 -19.34
N LEU A 2376 9.62 49.57 -18.66
CA LEU A 2376 9.59 48.95 -17.33
C LEU A 2376 8.85 49.84 -16.33
N HIS A 2377 9.07 51.14 -16.39
CA HIS A 2377 8.37 52.06 -15.50
C HIS A 2377 6.88 52.03 -15.78
N THR A 2378 6.49 51.97 -17.06
CA THR A 2378 5.07 51.89 -17.39
C THR A 2378 4.46 50.59 -16.89
N ASN A 2379 5.21 49.49 -17.00
CA ASN A 2379 4.71 48.21 -16.50
C ASN A 2379 4.50 48.26 -14.99
N ALA A 2380 5.47 48.83 -14.26
CA ALA A 2380 5.33 48.95 -12.82
C ALA A 2380 4.14 49.84 -12.46
N LEU A 2381 3.96 50.94 -13.19
CA LEU A 2381 2.85 51.84 -12.91
C LEU A 2381 1.51 51.16 -13.18
N GLN A 2382 1.42 50.38 -14.25
CA GLN A 2382 0.20 49.66 -14.54
C GLN A 2382 -0.07 48.61 -13.47
N ILE A 2383 0.97 47.94 -13.00
CA ILE A 2383 0.80 46.96 -11.94
C ILE A 2383 0.29 47.64 -10.68
N LEU A 2384 0.83 48.80 -10.35
CA LEU A 2384 0.38 49.53 -9.18
C LEU A 2384 -1.08 49.98 -9.34
N LEU A 2385 -1.43 50.45 -10.54
CA LEU A 2385 -2.80 50.87 -10.80
C LEU A 2385 -3.76 49.70 -10.66
N GLU A 2386 -3.35 48.52 -11.14
CA GLU A 2386 -4.19 47.34 -11.01
C GLU A 2386 -4.34 46.93 -9.54
N GLU A 2387 -3.25 46.99 -8.78
CA GLU A 2387 -3.32 46.67 -7.37
C GLU A 2387 -4.20 47.65 -6.61
N THR A 2388 -4.25 48.91 -7.06
CA THR A 2388 -5.05 49.91 -6.37
C THR A 2388 -6.54 49.61 -6.44
N LEU A 2389 -6.98 48.92 -7.49
CA LEU A 2389 -8.39 48.59 -7.64
C LEU A 2389 -8.78 47.44 -6.72
N ASP A 2405 -2.45 68.32 -3.09
CA ASP A 2405 -2.34 66.88 -2.93
C ASP A 2405 -1.58 66.26 -4.10
N CYS A 2406 -1.79 64.96 -4.30
CA CYS A 2406 -1.11 64.23 -5.37
C CYS A 2406 -1.71 64.49 -6.74
N LEU A 2407 -2.70 65.39 -6.85
CA LEU A 2407 -3.27 65.71 -8.15
C LEU A 2407 -2.23 66.33 -9.08
N SER A 2408 -1.39 67.21 -8.55
CA SER A 2408 -0.33 67.80 -9.36
C SER A 2408 0.66 66.75 -9.82
N THR A 2409 1.01 65.81 -8.94
CA THR A 2409 1.92 64.73 -9.32
C THR A 2409 1.32 63.86 -10.41
N GLY A 2410 0.04 63.53 -10.29
CA GLY A 2410 -0.61 62.74 -11.33
C GLY A 2410 -0.69 63.47 -12.66
N MET A 2411 -0.97 64.77 -12.62
CA MET A 2411 -1.02 65.55 -13.85
C MET A 2411 0.36 65.64 -14.49
N GLU A 2412 1.41 65.81 -13.69
CA GLU A 2412 2.76 65.85 -14.23
C GLU A 2412 3.14 64.51 -14.84
N LEU A 2413 2.76 63.40 -14.18
CA LEU A 2413 3.05 62.09 -14.74
C LEU A 2413 2.32 61.88 -16.05
N LEU A 2414 1.05 62.29 -16.13
CA LEU A 2414 0.31 62.16 -17.38
C LEU A 2414 0.95 62.99 -18.49
N ARG A 2415 1.34 64.22 -18.17
CA ARG A 2415 1.97 65.08 -19.17
C ARG A 2415 3.29 64.48 -19.65
N ARG A 2416 4.10 63.95 -18.74
CA ARG A 2416 5.37 63.35 -19.12
C ARG A 2416 5.14 62.10 -19.98
N ILE A 2417 4.12 61.31 -19.64
CA ILE A 2417 3.80 60.13 -20.45
C ILE A 2417 3.38 60.55 -21.84
N GLN A 2418 2.55 61.59 -21.95
CA GLN A 2418 2.13 62.07 -23.26
C GLN A 2418 3.31 62.61 -24.06
N GLU A 2419 4.24 63.29 -23.39
CA GLU A 2419 5.40 63.83 -24.09
C GLU A 2419 6.31 62.70 -24.58
N ARG A 2420 6.54 61.69 -23.74
CA ARG A 2420 7.33 60.56 -24.18
C ARG A 2420 6.65 59.83 -25.33
N LEU A 2421 5.32 59.75 -25.28
CA LEU A 2421 4.59 59.13 -26.37
C LEU A 2421 4.75 59.92 -27.66
N LEU A 2422 4.69 61.26 -27.56
CA LEU A 2422 4.90 62.09 -28.72
C LEU A 2422 6.30 61.89 -29.28
N ALA A 2423 7.29 61.80 -28.40
CA ALA A 2423 8.66 61.57 -28.83
C ALA A 2423 8.78 60.25 -29.57
N ILE A 2424 8.16 59.20 -29.03
CA ILE A 2424 8.26 57.88 -29.65
C ILE A 2424 7.53 57.86 -30.98
N LEU A 2425 6.36 58.49 -31.05
CA LEU A 2425 5.63 58.55 -32.31
C LEU A 2425 6.43 59.30 -33.37
N GLN A 2426 7.05 60.41 -32.99
CA GLN A 2426 7.85 61.18 -33.93
C GLN A 2426 9.06 60.36 -34.39
N HIS A 2427 9.73 59.67 -33.45
CA HIS A 2427 10.88 58.87 -33.82
C HIS A 2427 10.49 57.74 -34.75
N SER A 2428 9.32 57.12 -34.50
CA SER A 2428 8.84 56.07 -35.37
C SER A 2428 8.53 56.61 -36.76
N ALA A 2429 7.86 57.76 -36.83
CA ALA A 2429 7.57 58.36 -38.12
C ALA A 2429 8.83 58.70 -38.87
N GLN A 2430 9.87 59.14 -38.15
CA GLN A 2430 11.13 59.49 -38.79
C GLN A 2430 11.84 58.25 -39.32
N ASP A 2431 11.92 57.20 -38.50
CA ASP A 2431 12.58 55.98 -38.94
C ASP A 2431 11.84 55.33 -40.10
N PHE A 2432 10.52 55.46 -40.12
CA PHE A 2432 9.71 54.88 -41.20
C PHE A 2432 8.39 55.62 -41.33
N ARG B 21 4.49 -5.29 -58.11
CA ARG B 21 3.28 -5.35 -57.29
C ARG B 21 3.63 -5.22 -55.81
N PHE B 22 2.60 -5.01 -54.98
CA PHE B 22 2.76 -4.85 -53.54
C PHE B 22 1.95 -5.93 -52.84
N GLU B 23 2.44 -6.38 -51.70
CA GLU B 23 1.76 -7.40 -50.90
C GLU B 23 1.64 -6.91 -49.46
N VAL B 24 0.42 -6.68 -49.00
CA VAL B 24 0.22 -6.25 -47.63
C VAL B 24 0.47 -7.44 -46.71
N LYS B 25 1.43 -7.30 -45.80
CA LYS B 25 1.75 -8.38 -44.88
C LYS B 25 1.23 -8.13 -43.47
N LYS B 26 0.89 -6.90 -43.13
CA LYS B 26 0.26 -6.59 -41.85
C LYS B 26 -0.44 -5.25 -41.99
N TRP B 27 -1.46 -5.05 -41.17
CA TRP B 27 -2.17 -3.78 -41.17
C TRP B 27 -2.79 -3.56 -39.80
N ASN B 28 -2.88 -2.29 -39.41
CA ASN B 28 -3.33 -1.89 -38.09
C ASN B 28 -4.38 -0.81 -38.25
N ALA B 29 -5.65 -1.22 -38.23
CA ALA B 29 -6.74 -0.30 -38.44
C ALA B 29 -7.13 0.37 -37.13
N VAL B 30 -7.65 1.59 -37.25
CA VAL B 30 -7.98 2.41 -36.09
C VAL B 30 -9.43 2.83 -36.19
N ALA B 31 -10.16 2.77 -35.08
CA ALA B 31 -11.57 3.12 -35.08
C ALA B 31 -11.95 3.78 -33.78
N LEU B 32 -12.60 4.93 -33.88
CA LEU B 32 -13.17 5.60 -32.73
C LEU B 32 -14.51 5.01 -32.39
N TRP B 33 -14.85 5.00 -31.11
CA TRP B 33 -16.19 4.62 -30.70
C TRP B 33 -16.95 5.88 -30.30
N ALA B 34 -18.10 6.07 -30.89
CA ALA B 34 -18.92 7.24 -30.66
C ALA B 34 -20.33 6.81 -30.32
N TRP B 35 -20.98 7.57 -29.45
CA TRP B 35 -22.34 7.25 -29.03
C TRP B 35 -23.31 7.27 -30.19
N ASP B 40 -28.55 14.30 -17.93
CA ASP B 40 -27.29 14.28 -17.22
C ASP B 40 -27.47 14.84 -15.82
N ASN B 41 -28.43 14.30 -15.09
CA ASN B 41 -28.62 14.65 -13.69
C ASN B 41 -27.80 13.69 -12.83
N CYS B 42 -28.00 13.72 -11.51
CA CYS B 42 -27.22 12.86 -10.61
C CYS B 42 -27.74 11.45 -10.78
N ALA B 43 -27.24 10.79 -11.82
CA ALA B 43 -27.79 9.53 -12.29
C ALA B 43 -27.99 8.53 -11.17
N ILE B 44 -27.09 8.52 -10.19
CA ILE B 44 -27.14 7.48 -9.16
C ILE B 44 -28.41 7.61 -8.31
N CYS B 45 -28.79 8.83 -7.94
CA CYS B 45 -30.06 9.01 -7.25
C CYS B 45 -31.12 9.68 -8.11
N ARG B 46 -30.77 10.06 -9.34
CA ARG B 46 -31.71 10.53 -10.37
C ARG B 46 -32.36 11.87 -10.06
N ASN B 47 -32.00 12.54 -8.96
CA ASN B 47 -32.54 13.87 -8.76
C ASN B 47 -31.89 14.84 -9.73
N HIS B 48 -32.45 16.03 -9.83
CA HIS B 48 -31.94 17.02 -10.77
C HIS B 48 -30.49 17.36 -10.41
N ILE B 49 -29.70 17.65 -11.44
CA ILE B 49 -28.25 17.75 -11.26
C ILE B 49 -27.90 18.80 -10.21
N MET B 50 -28.56 19.95 -10.26
CA MET B 50 -28.33 21.00 -9.28
C MET B 50 -29.24 20.90 -8.08
N ASP B 51 -30.19 19.97 -8.07
CA ASP B 51 -31.16 19.87 -6.99
C ASP B 51 -30.53 19.15 -5.81
N LEU B 52 -31.35 18.79 -4.82
CA LEU B 52 -30.87 18.22 -3.59
C LEU B 52 -30.90 16.69 -3.64
N CYS B 53 -30.54 16.08 -2.51
CA CYS B 53 -30.33 14.65 -2.42
C CYS B 53 -31.61 13.97 -1.96
N ILE B 54 -32.04 12.93 -2.68
CA ILE B 54 -33.34 12.32 -2.39
C ILE B 54 -33.30 11.57 -1.07
N GLU B 55 -32.19 10.89 -0.78
CA GLU B 55 -32.03 10.21 0.50
C GLU B 55 -32.32 11.16 1.66
N CYS B 56 -31.72 12.35 1.62
CA CYS B 56 -32.04 13.38 2.59
C CYS B 56 -33.24 14.23 2.20
N GLN B 57 -33.75 14.09 0.97
CA GLN B 57 -34.99 14.77 0.65
C GLN B 57 -36.18 14.11 1.33
N ALA B 58 -36.05 12.83 1.67
CA ALA B 58 -37.06 12.20 2.52
C ALA B 58 -37.03 12.79 3.93
N ASN B 59 -35.82 12.93 4.49
CA ASN B 59 -35.63 13.57 5.79
C ASN B 59 -35.36 15.05 5.56
N GLN B 60 -36.43 15.78 5.26
CA GLN B 60 -36.31 17.21 4.98
C GLN B 60 -35.74 17.95 6.17
N ALA B 61 -34.73 18.78 5.92
CA ALA B 61 -34.03 19.54 6.96
C ALA B 61 -33.50 18.62 8.06
N GLU B 66 -30.89 18.59 3.35
CA GLU B 66 -30.26 19.34 2.28
C GLU B 66 -28.85 19.79 2.67
N GLU B 67 -27.95 18.82 2.85
CA GLU B 67 -26.58 19.12 3.27
C GLU B 67 -25.53 18.50 2.37
N CYS B 68 -25.92 17.86 1.27
CA CYS B 68 -24.97 17.20 0.38
C CYS B 68 -24.43 18.20 -0.63
N THR B 69 -23.13 18.47 -0.55
CA THR B 69 -22.47 19.20 -1.61
C THR B 69 -22.16 18.25 -2.77
N VAL B 70 -22.02 18.81 -3.96
CA VAL B 70 -21.66 17.99 -5.10
C VAL B 70 -20.19 17.62 -5.02
N ALA B 71 -19.87 16.45 -5.55
CA ALA B 71 -18.52 15.91 -5.62
C ALA B 71 -18.16 15.68 -7.07
N TRP B 72 -16.91 15.98 -7.38
CA TRP B 72 -16.32 15.80 -8.69
C TRP B 72 -15.21 14.76 -8.61
N GLY B 73 -15.00 14.06 -9.72
CA GLY B 73 -13.96 13.06 -9.77
C GLY B 73 -13.23 13.11 -11.09
N VAL B 74 -12.02 12.55 -11.08
CA VAL B 74 -11.12 12.63 -12.23
C VAL B 74 -11.83 12.19 -13.50
N CYS B 75 -12.72 11.23 -13.39
CA CYS B 75 -13.44 10.70 -14.54
C CYS B 75 -14.51 11.64 -15.05
N ASN B 76 -14.57 12.84 -14.49
CA ASN B 76 -15.40 13.92 -15.01
C ASN B 76 -16.89 13.59 -14.93
N HIS B 77 -17.33 13.11 -13.77
CA HIS B 77 -18.74 13.09 -13.46
C HIS B 77 -18.99 13.82 -12.14
N ALA B 78 -20.20 14.35 -12.01
CA ALA B 78 -20.61 15.11 -10.82
C ALA B 78 -21.74 14.39 -10.11
N PHE B 79 -21.51 14.02 -8.86
CA PHE B 79 -22.51 13.27 -8.09
C PHE B 79 -22.63 13.86 -6.70
N HIS B 80 -23.67 13.46 -5.97
CA HIS B 80 -23.85 13.98 -4.61
C HIS B 80 -22.92 13.30 -3.62
N PHE B 81 -22.31 14.10 -2.73
CA PHE B 81 -21.45 13.56 -1.70
C PHE B 81 -22.14 12.49 -0.87
N HIS B 82 -23.46 12.62 -0.67
CA HIS B 82 -24.20 11.60 0.07
C HIS B 82 -24.25 10.30 -0.73
N CYS B 83 -24.78 10.38 -1.95
CA CYS B 83 -24.81 9.27 -2.89
C CYS B 83 -23.47 8.55 -2.90
N ILE B 84 -22.43 9.32 -3.20
CA ILE B 84 -21.10 8.76 -3.39
C ILE B 84 -20.56 8.17 -2.10
N SER B 85 -20.74 8.87 -0.99
CA SER B 85 -20.28 8.33 0.28
C SER B 85 -20.84 6.94 0.50
N ARG B 86 -22.16 6.80 0.42
CA ARG B 86 -22.77 5.49 0.59
C ARG B 86 -22.22 4.49 -0.42
N TRP B 87 -22.43 4.78 -1.72
CA TRP B 87 -22.06 3.86 -2.78
C TRP B 87 -20.62 3.38 -2.63
N LEU B 88 -19.69 4.30 -2.41
CA LEU B 88 -18.29 3.95 -2.23
C LEU B 88 -18.10 3.06 -1.01
N LYS B 89 -18.76 3.41 0.10
CA LYS B 89 -18.70 2.53 1.26
C LYS B 89 -19.16 1.12 0.89
N THR B 90 -20.01 1.00 -0.12
CA THR B 90 -20.37 -0.33 -0.62
C THR B 90 -19.32 -0.86 -1.59
N ARG B 91 -19.08 -0.16 -2.70
CA ARG B 91 -18.20 -0.65 -3.74
C ARG B 91 -17.18 0.43 -4.09
N GLN B 92 -16.11 0.04 -4.79
CA GLN B 92 -14.94 0.90 -4.93
C GLN B 92 -14.58 1.11 -6.40
N VAL B 93 -15.59 1.41 -7.22
CA VAL B 93 -15.41 1.75 -8.62
C VAL B 93 -16.33 2.92 -8.93
N CYS B 94 -16.05 3.64 -10.00
CA CYS B 94 -17.01 4.66 -10.43
C CYS B 94 -18.24 3.99 -11.01
N PRO B 95 -19.43 4.22 -10.46
CA PRO B 95 -20.62 3.55 -10.98
C PRO B 95 -20.96 3.89 -12.43
N LEU B 96 -20.32 4.89 -13.03
CA LEU B 96 -20.68 5.28 -14.38
C LEU B 96 -19.67 4.87 -15.44
N ASP B 97 -18.40 4.66 -15.09
CA ASP B 97 -17.41 4.36 -16.13
C ASP B 97 -16.44 3.24 -15.75
N ASN B 98 -16.69 2.51 -14.67
CA ASN B 98 -15.95 1.29 -14.34
C ASN B 98 -14.48 1.55 -14.05
N ARG B 99 -14.15 2.70 -13.47
CA ARG B 99 -12.79 3.02 -13.06
C ARG B 99 -12.77 3.31 -11.57
N GLU B 100 -11.62 3.04 -10.94
CA GLU B 100 -11.46 3.34 -9.53
C GLU B 100 -11.68 4.82 -9.27
N TRP B 101 -12.72 5.14 -8.50
CA TRP B 101 -13.05 6.52 -8.23
C TRP B 101 -11.90 7.22 -7.52
N GLU B 102 -11.61 8.45 -7.97
CA GLU B 102 -10.56 9.26 -7.36
C GLU B 102 -11.12 10.65 -7.11
N PHE B 103 -11.20 11.02 -5.84
CA PHE B 103 -11.74 12.34 -5.49
C PHE B 103 -10.84 13.42 -6.04
N GLN B 104 -11.40 14.28 -6.88
CA GLN B 104 -10.61 15.28 -7.58
C GLN B 104 -10.09 16.31 -6.61
N LYS B 105 -8.76 16.43 -6.51
CA LYS B 105 -8.12 17.37 -5.60
C LYS B 105 -7.32 18.42 -6.32
N TYR B 106 -7.50 18.57 -7.63
CA TYR B 106 -6.87 19.67 -8.34
C TYR B 106 -7.59 20.97 -8.02
N GLY B 107 -6.87 22.08 -8.18
CA GLY B 107 -7.46 23.39 -8.03
C GLY B 107 -8.01 23.66 -6.65
N HIS B 108 -7.83 22.72 -5.73
CA HIS B 108 -8.42 22.81 -4.41
C HIS B 108 -7.41 23.31 -3.39
N LEU C 12 -21.58 -53.96 -4.49
CA LEU C 12 -21.30 -52.53 -4.67
C LEU C 12 -22.35 -51.69 -3.95
N MET C 13 -21.91 -50.90 -2.99
CA MET C 13 -22.81 -50.09 -2.16
C MET C 13 -22.93 -48.71 -2.78
N VAL C 14 -23.90 -48.56 -3.67
CA VAL C 14 -24.10 -47.29 -4.36
C VAL C 14 -24.46 -46.22 -3.34
N PRO C 15 -23.71 -45.13 -3.28
CA PRO C 15 -24.12 -44.02 -2.42
C PRO C 15 -25.42 -43.42 -2.92
N LEU C 16 -26.24 -42.97 -1.97
CA LEU C 16 -27.51 -42.35 -2.31
C LEU C 16 -27.80 -41.14 -1.45
N GLY C 17 -26.77 -40.52 -0.89
CA GLY C 17 -26.95 -39.37 -0.04
C GLY C 17 -25.82 -39.25 0.97
N PRO C 18 -26.04 -38.45 2.00
CA PRO C 18 -24.99 -38.31 3.02
C PRO C 18 -24.90 -39.51 3.94
N ARG C 19 -26.03 -40.13 4.26
CA ARG C 19 -26.06 -41.26 5.20
C ARG C 19 -27.01 -42.33 4.70
N LEU C 20 -26.91 -42.69 3.43
CA LEU C 20 -27.75 -43.74 2.87
C LEU C 20 -27.02 -44.41 1.71
N GLN C 21 -26.90 -45.74 1.79
CA GLN C 21 -26.26 -46.52 0.75
C GLN C 21 -27.20 -47.63 0.31
N ALA C 22 -26.91 -48.22 -0.85
CA ALA C 22 -27.77 -49.27 -1.38
C ALA C 22 -26.93 -50.47 -1.81
N TYR C 23 -27.54 -51.65 -1.74
CA TYR C 23 -26.88 -52.88 -2.18
C TYR C 23 -27.91 -53.85 -2.72
N PRO C 24 -27.60 -54.58 -3.77
CA PRO C 24 -28.61 -55.45 -4.39
C PRO C 24 -28.85 -56.72 -3.59
N GLU C 25 -30.04 -57.30 -3.77
CA GLU C 25 -30.36 -58.55 -3.09
C GLU C 25 -30.57 -59.71 -4.06
N GLU C 26 -31.55 -59.65 -4.96
CA GLU C 26 -31.90 -60.82 -5.77
C GLU C 26 -32.94 -60.53 -6.84
N LEU C 27 -32.86 -61.24 -7.96
CA LEU C 27 -33.84 -61.10 -9.01
C LEU C 27 -35.20 -61.61 -8.55
N ILE C 28 -36.26 -60.94 -9.01
CA ILE C 28 -37.62 -61.26 -8.59
C ILE C 28 -38.59 -61.36 -9.76
N ARG C 29 -38.12 -61.29 -11.00
CA ARG C 29 -38.96 -61.49 -12.18
C ARG C 29 -38.08 -61.40 -13.42
N GLN C 30 -38.73 -61.54 -14.57
CA GLN C 30 -38.18 -61.18 -15.87
C GLN C 30 -39.32 -60.74 -16.77
N ARG C 31 -39.04 -59.82 -17.69
CA ARG C 31 -40.05 -59.30 -18.62
C ARG C 31 -39.43 -58.47 -19.73
N HIS C 34 -38.66 -53.09 -23.87
CA HIS C 34 -38.93 -52.24 -25.03
C HIS C 34 -37.78 -52.33 -26.03
N ASP C 35 -36.90 -53.31 -25.84
CA ASP C 35 -35.81 -53.58 -26.77
C ASP C 35 -35.74 -55.06 -27.13
N GLY C 36 -36.78 -55.82 -26.85
CA GLY C 36 -36.80 -57.23 -27.11
C GLY C 36 -36.01 -58.08 -26.14
N HIS C 37 -35.37 -57.47 -25.14
CA HIS C 37 -34.57 -58.23 -24.22
C HIS C 37 -35.04 -57.99 -22.80
N PRO C 38 -35.31 -59.06 -22.05
CA PRO C 38 -36.03 -58.90 -20.78
C PRO C 38 -35.29 -58.02 -19.79
N GLU C 39 -36.07 -57.48 -18.85
CA GLU C 39 -35.55 -56.70 -17.75
C GLU C 39 -35.41 -57.59 -16.52
N TYR C 40 -35.05 -56.99 -15.41
CA TYR C 40 -34.90 -57.74 -14.17
C TYR C 40 -35.36 -56.84 -13.02
N LEU C 41 -36.35 -57.30 -12.28
CA LEU C 41 -36.96 -56.49 -11.23
C LEU C 41 -36.13 -56.63 -9.96
N ILE C 42 -34.91 -56.10 -10.05
CA ILE C 42 -33.95 -56.28 -8.97
C ILE C 42 -34.41 -55.56 -7.73
N ARG C 43 -34.27 -56.21 -6.59
CA ARG C 43 -34.57 -55.59 -5.30
C ARG C 43 -33.31 -55.01 -4.71
N TRP C 44 -33.45 -53.85 -4.08
CA TRP C 44 -32.31 -53.10 -3.54
C TRP C 44 -32.56 -52.84 -2.07
N SER C 45 -31.62 -53.27 -1.24
CA SER C 45 -31.67 -53.07 0.19
C SER C 45 -31.01 -51.75 0.55
N VAL C 46 -31.71 -50.94 1.31
CA VAL C 46 -31.23 -49.64 1.75
C VAL C 46 -30.60 -49.80 3.11
N LEU C 47 -29.35 -49.38 3.25
CA LEU C 47 -28.64 -49.38 4.52
C LEU C 47 -28.34 -47.94 4.90
N LYS C 48 -28.91 -47.48 6.00
CA LYS C 48 -28.69 -46.11 6.45
C LYS C 48 -27.42 -46.01 7.29
N GLU C 63 -36.43 -48.44 3.87
CA GLU C 63 -37.20 -49.53 3.27
C GLU C 63 -36.37 -50.29 2.25
N HIS C 64 -37.05 -50.90 1.29
CA HIS C 64 -36.38 -51.61 0.20
C HIS C 64 -36.97 -51.12 -1.11
N ILE C 65 -36.12 -50.78 -2.06
CA ILE C 65 -36.57 -50.23 -3.33
C ILE C 65 -36.63 -51.36 -4.35
N LEU C 66 -37.59 -51.29 -5.25
CA LEU C 66 -37.67 -52.21 -6.36
C LEU C 66 -37.33 -51.44 -7.62
N MET C 67 -36.49 -52.01 -8.47
CA MET C 67 -36.09 -51.29 -9.66
C MET C 67 -35.96 -52.26 -10.82
N TRP C 68 -36.61 -51.96 -11.92
CA TRP C 68 -36.37 -52.69 -13.14
C TRP C 68 -35.04 -52.24 -13.72
N LEU C 69 -34.18 -53.18 -14.07
CA LEU C 69 -32.88 -52.88 -14.66
C LEU C 69 -32.69 -53.73 -15.89
N SER C 70 -32.11 -53.14 -16.93
CA SER C 70 -31.87 -53.87 -18.16
C SER C 70 -30.64 -54.75 -18.00
N ALA C 71 -30.43 -55.65 -18.97
CA ALA C 71 -29.37 -56.64 -18.82
C ALA C 71 -27.99 -56.01 -18.87
N PRO C 72 -27.66 -55.12 -19.82
CA PRO C 72 -26.38 -54.41 -19.71
C PRO C 72 -26.22 -53.64 -18.42
N GLU C 73 -27.29 -52.98 -17.97
CA GLU C 73 -27.20 -52.19 -16.75
C GLU C 73 -26.88 -53.05 -15.55
N VAL C 74 -27.54 -54.21 -15.44
CA VAL C 74 -27.30 -55.06 -14.27
C VAL C 74 -25.93 -55.71 -14.37
N TYR C 75 -25.53 -56.10 -15.58
CA TYR C 75 -24.20 -56.65 -15.75
C TYR C 75 -23.14 -55.66 -15.30
N ALA C 76 -23.36 -54.37 -15.56
CA ALA C 76 -22.35 -53.38 -15.23
C ALA C 76 -22.37 -53.01 -13.76
N ASN C 77 -23.55 -52.77 -13.20
CA ASN C 77 -23.63 -52.25 -11.84
C ASN C 77 -23.63 -53.32 -10.76
N CYS C 78 -23.91 -54.57 -11.10
CA CYS C 78 -23.82 -55.68 -10.16
C CYS C 78 -23.72 -56.96 -10.95
N PRO C 79 -22.50 -57.33 -11.36
CA PRO C 79 -22.37 -58.43 -12.33
C PRO C 79 -22.65 -59.80 -11.77
N GLY C 80 -22.30 -60.04 -10.50
CA GLY C 80 -22.42 -61.36 -9.91
C GLY C 80 -23.79 -61.99 -10.03
N LEU C 81 -24.78 -61.41 -9.38
CA LEU C 81 -26.13 -61.92 -9.43
C LEU C 81 -26.69 -61.80 -10.84
N GLU C 111 -33.48 -77.20 -15.23
CA GLU C 111 -33.01 -78.56 -14.99
C GLU C 111 -34.12 -79.57 -15.25
N VAL C 112 -33.75 -80.85 -15.29
CA VAL C 112 -34.75 -81.89 -15.46
C VAL C 112 -35.61 -82.01 -14.21
N ALA C 113 -35.04 -81.72 -13.04
CA ALA C 113 -35.83 -81.75 -11.81
C ALA C 113 -36.93 -80.73 -11.83
N MET C 114 -36.74 -79.63 -12.57
CA MET C 114 -37.81 -78.64 -12.71
C MET C 114 -39.02 -79.24 -13.40
N GLY C 115 -38.80 -79.96 -14.51
CA GLY C 115 -39.90 -80.64 -15.17
C GLY C 115 -40.46 -81.78 -14.35
N GLU C 116 -39.61 -82.43 -13.54
CA GLU C 116 -40.10 -83.48 -12.65
C GLU C 116 -41.07 -82.90 -11.62
N MET C 117 -40.66 -81.82 -10.96
CA MET C 117 -41.58 -81.13 -10.05
C MET C 117 -42.75 -80.54 -10.81
N GLU C 118 -42.59 -80.27 -12.10
CA GLU C 118 -43.72 -79.78 -12.90
C GLU C 118 -44.78 -80.84 -13.04
N ALA C 119 -44.38 -82.04 -13.49
CA ALA C 119 -45.30 -83.17 -13.48
C ALA C 119 -45.81 -83.46 -12.07
N ASP C 120 -45.00 -83.18 -11.05
CA ASP C 120 -45.44 -83.38 -9.68
C ASP C 120 -46.58 -82.45 -9.33
N VAL C 121 -46.45 -81.18 -9.70
CA VAL C 121 -47.53 -80.23 -9.46
C VAL C 121 -48.74 -80.62 -10.29
N GLN C 122 -48.52 -81.16 -11.49
CA GLN C 122 -49.64 -81.65 -12.29
C GLN C 122 -50.38 -82.75 -11.55
N ALA C 123 -49.64 -83.69 -10.99
CA ALA C 123 -50.26 -84.78 -10.24
C ALA C 123 -50.98 -84.23 -9.02
N LEU C 124 -50.42 -83.22 -8.39
CA LEU C 124 -51.09 -82.62 -7.23
C LEU C 124 -52.39 -81.96 -7.64
N VAL C 125 -52.42 -81.31 -8.80
CA VAL C 125 -53.64 -80.68 -9.27
C VAL C 125 -54.69 -81.73 -9.57
N ARG C 126 -54.29 -82.82 -10.24
CA ARG C 126 -55.23 -83.91 -10.47
C ARG C 126 -55.73 -84.48 -9.15
N ARG C 127 -54.84 -84.59 -8.17
CA ARG C 127 -55.24 -85.08 -6.86
C ARG C 127 -56.24 -84.15 -6.21
N ALA C 128 -56.03 -82.84 -6.35
CA ALA C 128 -56.96 -81.89 -5.79
C ALA C 128 -58.30 -81.95 -6.48
N ALA C 129 -58.30 -82.20 -7.79
CA ALA C 129 -59.55 -82.38 -8.51
C ALA C 129 -60.29 -83.60 -7.98
N ARG C 130 -59.57 -84.70 -7.79
CA ARG C 130 -60.17 -85.89 -7.18
C ARG C 130 -60.63 -85.59 -5.75
N GLN C 131 -59.96 -84.67 -5.08
CA GLN C 131 -60.35 -84.32 -3.72
C GLN C 131 -61.68 -83.58 -3.69
N LEU C 132 -61.77 -82.49 -4.47
CA LEU C 132 -63.02 -81.73 -4.54
C LEU C 132 -64.15 -82.57 -5.12
N ALA C 133 -63.82 -83.54 -5.98
CA ALA C 133 -64.84 -84.45 -6.46
C ALA C 133 -65.25 -85.46 -5.41
N GLU C 134 -64.33 -85.81 -4.50
CA GLU C 134 -64.61 -86.71 -3.39
C GLU C 134 -64.60 -85.98 -2.05
N SER C 135 -64.90 -84.68 -2.07
CA SER C 135 -64.95 -83.87 -0.86
C SER C 135 -66.22 -84.21 -0.10
N GLY C 136 -66.18 -85.34 0.60
CA GLY C 136 -67.29 -85.78 1.42
C GLY C 136 -66.85 -86.31 2.77
N THR C 137 -65.57 -86.10 3.11
CA THR C 137 -65.04 -86.57 4.37
C THR C 137 -64.04 -85.54 4.89
N PRO C 138 -64.13 -85.17 6.17
CA PRO C 138 -63.14 -84.22 6.71
C PRO C 138 -61.74 -84.78 6.74
N SER C 139 -61.60 -86.10 6.83
CA SER C 139 -60.29 -86.71 6.66
C SER C 139 -59.70 -86.32 5.31
N LEU C 140 -60.46 -86.52 4.25
CA LEU C 140 -60.03 -86.06 2.94
C LEU C 140 -59.79 -84.57 2.94
N THR C 141 -60.58 -83.82 3.69
CA THR C 141 -60.40 -82.38 3.74
C THR C 141 -58.99 -82.04 4.22
N ALA C 142 -58.59 -82.65 5.33
CA ALA C 142 -57.26 -82.37 5.88
C ALA C 142 -56.16 -82.87 4.95
N ALA C 143 -56.36 -84.03 4.34
CA ALA C 143 -55.35 -84.57 3.45
C ALA C 143 -55.13 -83.65 2.26
N VAL C 144 -56.23 -83.19 1.64
CA VAL C 144 -56.10 -82.30 0.50
C VAL C 144 -55.62 -80.93 0.94
N LEU C 145 -55.89 -80.56 2.19
CA LEU C 145 -55.29 -79.36 2.72
C LEU C 145 -53.77 -79.50 2.73
N HIS C 146 -53.30 -80.66 3.15
CA HIS C 146 -51.87 -80.96 3.03
C HIS C 146 -51.45 -80.89 1.58
N THR C 147 -52.30 -81.39 0.68
CA THR C 147 -52.00 -81.36 -0.74
C THR C 147 -51.75 -79.93 -1.21
N ILE C 148 -52.70 -79.05 -0.93
CA ILE C 148 -52.57 -77.64 -1.30
C ILE C 148 -51.34 -77.04 -0.63
N HIS C 149 -51.09 -77.40 0.62
CA HIS C 149 -49.95 -76.84 1.33
C HIS C 149 -48.67 -77.20 0.62
N VAL C 150 -48.49 -78.47 0.32
CA VAL C 150 -47.30 -78.92 -0.40
C VAL C 150 -47.23 -78.24 -1.76
N LEU C 151 -48.38 -78.07 -2.41
CA LEU C 151 -48.39 -77.46 -3.73
C LEU C 151 -47.89 -76.04 -3.65
N SER C 152 -48.36 -75.27 -2.67
CA SER C 152 -47.91 -73.89 -2.53
C SER C 152 -46.44 -73.84 -2.13
N ALA C 153 -46.02 -74.77 -1.29
CA ALA C 153 -44.60 -74.85 -0.96
C ALA C 153 -43.77 -74.96 -2.23
N TYR C 154 -44.11 -75.92 -3.08
CA TYR C 154 -43.45 -76.03 -4.37
C TYR C 154 -43.65 -74.78 -5.21
N ALA C 155 -44.80 -74.13 -5.07
CA ALA C 155 -45.08 -72.89 -5.77
C ALA C 155 -44.11 -71.80 -5.37
N SER C 156 -43.47 -71.93 -4.20
CA SER C 156 -42.51 -70.92 -3.79
C SER C 156 -41.29 -70.84 -4.70
N ILE C 157 -41.27 -71.61 -5.80
CA ILE C 157 -40.15 -71.57 -6.74
C ILE C 157 -40.41 -70.52 -7.81
N GLY C 158 -39.34 -70.10 -8.47
CA GLY C 158 -39.41 -69.06 -9.48
C GLY C 158 -40.35 -69.40 -10.62
N PRO C 159 -39.98 -70.40 -11.43
CA PRO C 159 -40.83 -70.78 -12.57
C PRO C 159 -42.16 -71.38 -12.17
N LEU C 160 -42.39 -71.59 -10.87
CA LEU C 160 -43.66 -72.14 -10.41
C LEU C 160 -44.83 -71.27 -10.84
N THR C 161 -44.61 -69.97 -10.99
CA THR C 161 -45.68 -69.09 -11.45
C THR C 161 -46.23 -69.54 -12.79
N GLY C 162 -45.38 -69.52 -13.82
CA GLY C 162 -45.82 -69.99 -15.12
C GLY C 162 -46.18 -71.46 -15.12
N VAL C 163 -45.60 -72.23 -14.20
CA VAL C 163 -45.96 -73.64 -14.07
C VAL C 163 -47.45 -73.78 -13.75
N PHE C 164 -47.86 -73.25 -12.60
CA PHE C 164 -49.27 -73.30 -12.21
C PHE C 164 -50.15 -72.50 -13.14
N ARG C 165 -49.58 -71.56 -13.90
CA ARG C 165 -50.35 -70.89 -14.93
C ARG C 165 -50.73 -71.85 -16.04
N GLU C 166 -49.75 -72.55 -16.59
CA GLU C 166 -50.04 -73.61 -17.54
C GLU C 166 -51.00 -74.62 -16.93
N THR C 167 -50.84 -74.91 -15.64
CA THR C 167 -51.80 -75.74 -14.94
C THR C 167 -53.11 -75.00 -14.72
N GLY C 168 -53.03 -73.70 -14.41
CA GLY C 168 -54.22 -72.88 -14.28
C GLY C 168 -55.23 -73.40 -13.27
N ALA C 169 -54.75 -73.91 -12.14
CA ALA C 169 -55.64 -74.49 -11.14
C ALA C 169 -56.51 -73.48 -10.48
N LEU C 170 -56.43 -72.23 -10.97
CA LEU C 170 -57.25 -71.17 -10.40
C LEU C 170 -58.73 -71.52 -10.39
N ASP C 171 -59.16 -72.41 -11.28
CA ASP C 171 -60.57 -72.81 -11.31
C ASP C 171 -60.98 -73.44 -9.99
N LEU C 172 -60.37 -74.58 -9.66
CA LEU C 172 -60.64 -75.21 -8.37
C LEU C 172 -60.25 -74.30 -7.23
N LEU C 173 -59.24 -73.45 -7.43
CA LEU C 173 -58.87 -72.47 -6.42
C LEU C 173 -60.06 -71.62 -6.03
N MET C 174 -60.68 -70.97 -7.01
CA MET C 174 -61.80 -70.07 -6.72
C MET C 174 -63.01 -70.85 -6.23
N HIS C 175 -63.37 -71.92 -6.93
CA HIS C 175 -64.56 -72.67 -6.53
C HIS C 175 -64.41 -73.19 -5.12
N MET C 176 -63.19 -73.48 -4.68
CA MET C 176 -62.96 -73.93 -3.32
C MET C 176 -62.95 -72.76 -2.36
N LEU C 177 -62.54 -71.59 -2.82
CA LEU C 177 -62.66 -70.40 -1.99
C LEU C 177 -64.12 -70.13 -1.67
N CYS C 178 -65.00 -70.35 -2.64
CA CYS C 178 -66.43 -70.22 -2.39
C CYS C 178 -66.98 -71.38 -1.56
N ASN C 179 -66.27 -72.50 -1.49
CA ASN C 179 -66.76 -73.64 -0.73
C ASN C 179 -66.82 -73.29 0.75
N PRO C 180 -67.62 -74.03 1.51
CA PRO C 180 -67.75 -73.73 2.94
C PRO C 180 -66.64 -74.30 3.80
N GLU C 181 -65.53 -74.67 3.18
CA GLU C 181 -64.38 -75.15 3.93
C GLU C 181 -63.50 -73.98 4.35
N PRO C 182 -63.60 -73.53 5.58
CA PRO C 182 -62.87 -72.33 5.97
C PRO C 182 -61.38 -72.56 6.19
N GLN C 183 -61.04 -73.72 6.74
CA GLN C 183 -59.63 -74.04 6.94
C GLN C 183 -58.91 -74.09 5.60
N ILE C 184 -59.38 -74.95 4.70
CA ILE C 184 -58.79 -75.01 3.36
C ILE C 184 -58.94 -73.68 2.64
N ARG C 185 -59.98 -72.92 3.00
CA ARG C 185 -60.13 -71.60 2.41
C ARG C 185 -58.92 -70.74 2.73
N ARG C 186 -58.64 -70.57 4.01
CA ARG C 186 -57.46 -69.81 4.42
C ARG C 186 -56.20 -70.41 3.84
N SER C 187 -56.16 -71.74 3.70
CA SER C 187 -54.99 -72.37 3.10
C SER C 187 -54.80 -71.89 1.67
N ALA C 188 -55.87 -71.91 0.88
CA ALA C 188 -55.80 -71.42 -0.48
C ALA C 188 -55.44 -69.95 -0.51
N GLY C 189 -55.91 -69.21 0.48
CA GLY C 189 -55.49 -67.83 0.59
C GLY C 189 -54.00 -67.71 0.75
N LYS C 190 -53.41 -68.59 1.55
CA LYS C 190 -51.96 -68.59 1.72
C LYS C 190 -51.28 -68.95 0.40
N MET C 191 -51.83 -69.94 -0.29
CA MET C 191 -51.28 -70.32 -1.58
C MET C 191 -51.27 -69.12 -2.52
N LEU C 192 -52.39 -68.42 -2.62
CA LEU C 192 -52.46 -67.23 -3.43
C LEU C 192 -51.54 -66.15 -2.91
N GLN C 193 -51.29 -66.13 -1.61
CA GLN C 193 -50.32 -65.19 -1.08
C GLN C 193 -48.96 -65.44 -1.69
N ALA C 194 -48.58 -66.71 -1.78
CA ALA C 194 -47.30 -67.04 -2.41
C ALA C 194 -47.33 -66.71 -3.89
N LEU C 195 -48.40 -67.12 -4.57
CA LEU C 195 -48.55 -66.83 -5.99
C LEU C 195 -48.50 -65.34 -6.26
N ALA C 196 -48.86 -64.53 -5.27
CA ALA C 196 -48.80 -63.08 -5.41
C ALA C 196 -47.39 -62.58 -5.15
N ALA C 197 -46.82 -62.94 -4.01
CA ALA C 197 -45.45 -62.56 -3.69
C ALA C 197 -44.50 -62.90 -4.82
N HIS C 198 -44.84 -63.87 -5.66
CA HIS C 198 -44.12 -64.10 -6.91
C HIS C 198 -44.76 -63.41 -8.10
N ASP C 199 -46.08 -63.22 -8.11
CA ASP C 199 -46.78 -62.75 -9.30
C ASP C 199 -48.05 -62.00 -8.87
N ALA C 200 -47.93 -60.68 -8.76
CA ALA C 200 -49.11 -59.84 -8.59
C ALA C 200 -50.09 -60.06 -9.74
N GLY C 201 -49.59 -60.42 -10.90
CA GLY C 201 -50.45 -60.70 -12.02
C GLY C 201 -51.49 -61.73 -11.65
N SER C 202 -51.05 -62.94 -11.28
CA SER C 202 -52.02 -63.96 -10.94
C SER C 202 -52.77 -63.59 -9.68
N ARG C 203 -52.15 -62.81 -8.79
CA ARG C 203 -52.88 -62.33 -7.64
C ARG C 203 -54.16 -61.63 -8.08
N ALA C 204 -53.99 -60.61 -8.90
CA ALA C 204 -55.14 -59.87 -9.40
C ALA C 204 -56.05 -60.78 -10.20
N HIS C 205 -55.50 -61.74 -10.93
CA HIS C 205 -56.35 -62.60 -11.74
C HIS C 205 -57.34 -63.33 -10.86
N VAL C 206 -56.84 -64.02 -9.84
CA VAL C 206 -57.72 -64.79 -8.96
C VAL C 206 -58.69 -63.85 -8.27
N LEU C 207 -58.19 -62.73 -7.73
CA LEU C 207 -59.05 -61.85 -6.95
C LEU C 207 -60.18 -61.31 -7.80
N LEU C 208 -59.85 -60.72 -8.94
CA LEU C 208 -60.87 -60.10 -9.78
C LEU C 208 -61.82 -61.14 -10.35
N SER C 209 -61.28 -62.25 -10.85
CA SER C 209 -62.16 -63.26 -11.40
C SER C 209 -63.07 -63.84 -10.34
N LEU C 210 -62.69 -63.76 -9.07
CA LEU C 210 -63.56 -64.29 -8.03
C LEU C 210 -64.57 -63.26 -7.57
N SER C 211 -64.18 -61.99 -7.53
CA SER C 211 -65.11 -60.93 -7.14
C SER C 211 -66.18 -60.75 -8.21
N GLN C 212 -65.77 -60.45 -9.44
CA GLN C 212 -66.72 -60.33 -10.53
C GLN C 212 -67.38 -61.65 -10.87
N GLN C 213 -67.05 -62.73 -10.17
CA GLN C 213 -67.72 -64.01 -10.41
C GLN C 213 -69.18 -63.95 -9.98
N MET C 220 -74.92 -58.95 -3.25
CA MET C 220 -73.61 -58.36 -3.02
C MET C 220 -73.70 -57.30 -1.93
N ASP C 221 -74.15 -57.70 -0.76
CA ASP C 221 -74.30 -56.80 0.38
C ASP C 221 -73.01 -56.80 1.18
N PHE C 222 -73.08 -56.27 2.42
CA PHE C 222 -71.92 -56.23 3.29
C PHE C 222 -71.24 -57.58 3.40
N ASP C 223 -71.98 -58.67 3.23
CA ASP C 223 -71.38 -60.00 3.27
C ASP C 223 -70.35 -60.17 2.15
N SER C 224 -70.80 -60.04 0.90
CA SER C 224 -69.89 -60.21 -0.23
C SER C 224 -68.78 -59.16 -0.20
N ARG C 225 -69.12 -57.95 0.22
CA ARG C 225 -68.09 -56.91 0.33
C ARG C 225 -67.01 -57.33 1.31
N TYR C 226 -67.40 -57.78 2.50
CA TYR C 226 -66.42 -58.21 3.48
C TYR C 226 -65.60 -59.35 2.94
N THR C 227 -66.25 -60.29 2.25
CA THR C 227 -65.53 -61.42 1.68
C THR C 227 -64.40 -60.94 0.77
N LEU C 228 -64.76 -60.23 -0.29
CA LEU C 228 -63.78 -59.85 -1.27
C LEU C 228 -62.69 -58.98 -0.66
N LEU C 229 -63.08 -57.96 0.08
CA LEU C 229 -62.09 -57.03 0.56
C LEU C 229 -61.18 -57.66 1.60
N GLU C 230 -61.70 -58.60 2.39
CA GLU C 230 -60.84 -59.27 3.34
C GLU C 230 -59.81 -60.12 2.62
N LEU C 231 -60.27 -60.92 1.65
CA LEU C 231 -59.32 -61.76 0.92
C LEU C 231 -58.25 -60.89 0.28
N PHE C 232 -58.64 -59.75 -0.27
CA PHE C 232 -57.65 -58.84 -0.83
C PHE C 232 -56.64 -58.46 0.22
N ALA C 233 -57.09 -57.76 1.25
CA ALA C 233 -56.17 -57.13 2.18
C ALA C 233 -55.29 -58.15 2.88
N GLU C 234 -55.68 -59.41 2.88
CA GLU C 234 -54.81 -60.41 3.48
C GLU C 234 -53.89 -61.05 2.45
N THR C 235 -54.47 -61.73 1.47
CA THR C 235 -53.67 -62.55 0.57
C THR C 235 -52.77 -61.69 -0.31
N THR C 236 -53.28 -60.58 -0.82
CA THR C 236 -52.52 -59.80 -1.77
C THR C 236 -51.68 -58.74 -1.07
N SER C 237 -51.21 -59.02 0.13
CA SER C 237 -50.40 -58.05 0.84
C SER C 237 -49.05 -57.95 0.14
N SER C 238 -49.05 -57.35 -1.05
CA SER C 238 -47.88 -57.40 -1.91
C SER C 238 -46.72 -56.64 -1.28
N GLU C 239 -45.52 -56.98 -1.74
CA GLU C 239 -44.31 -56.36 -1.20
C GLU C 239 -44.37 -54.85 -1.37
N GLU C 240 -44.70 -54.39 -2.57
CA GLU C 240 -44.84 -52.96 -2.79
C GLU C 240 -46.01 -52.40 -1.98
N HIS C 241 -47.09 -53.17 -1.86
CA HIS C 241 -48.24 -52.68 -1.11
C HIS C 241 -47.84 -52.35 0.33
N CYS C 242 -47.28 -53.34 1.03
CA CYS C 242 -46.76 -53.06 2.37
C CYS C 242 -45.48 -52.26 2.21
N MET C 243 -45.61 -50.94 2.26
CA MET C 243 -44.47 -50.05 2.05
C MET C 243 -44.70 -48.81 2.89
N ALA C 244 -44.03 -47.71 2.51
CA ALA C 244 -43.99 -46.49 3.28
C ALA C 244 -45.36 -46.08 3.79
N PHE C 245 -45.53 -46.11 5.12
CA PHE C 245 -46.78 -45.68 5.72
C PHE C 245 -46.86 -44.17 5.71
N GLU C 246 -48.05 -43.65 5.47
CA GLU C 246 -48.23 -42.20 5.38
C GLU C 246 -47.88 -41.53 6.70
N GLY C 247 -48.62 -41.84 7.76
CA GLY C 247 -48.41 -41.17 9.03
C GLY C 247 -48.98 -39.77 9.06
N ILE C 248 -50.17 -39.57 8.50
CA ILE C 248 -50.84 -38.29 8.49
C ILE C 248 -52.35 -38.53 8.42
N HIS C 249 -53.12 -37.45 8.57
CA HIS C 249 -54.57 -37.56 8.69
C HIS C 249 -55.21 -37.91 7.36
N LEU C 250 -54.98 -39.14 6.89
CA LEU C 250 -55.65 -39.61 5.70
C LEU C 250 -57.15 -39.58 5.92
N PRO C 251 -57.91 -38.90 5.07
CA PRO C 251 -59.36 -38.88 5.24
C PRO C 251 -59.95 -40.26 5.01
N GLN C 252 -61.08 -40.48 5.64
CA GLN C 252 -61.70 -41.80 5.60
C GLN C 252 -62.66 -41.87 4.43
N ILE C 253 -63.02 -43.10 4.08
CA ILE C 253 -63.90 -43.31 2.92
C ILE C 253 -64.81 -44.48 3.18
N PRO C 254 -65.97 -44.47 2.58
CA PRO C 254 -66.93 -45.55 2.78
C PRO C 254 -66.61 -46.84 2.05
N GLY C 255 -67.51 -47.80 2.22
CA GLY C 255 -67.25 -49.14 1.73
C GLY C 255 -67.36 -49.22 0.23
N LYS C 256 -68.41 -48.64 -0.35
CA LYS C 256 -68.56 -48.74 -1.79
C LYS C 256 -67.46 -47.99 -2.52
N LEU C 257 -67.09 -46.83 -1.99
CA LEU C 257 -65.95 -46.09 -2.53
C LEU C 257 -64.69 -46.96 -2.50
N LEU C 258 -64.32 -47.47 -1.32
CA LEU C 258 -63.13 -48.29 -1.22
C LEU C 258 -63.21 -49.50 -2.15
N PHE C 259 -64.41 -50.01 -2.39
CA PHE C 259 -64.52 -51.22 -3.19
C PHE C 259 -64.29 -50.93 -4.66
N SER C 260 -64.93 -49.88 -5.17
CA SER C 260 -64.66 -49.49 -6.55
C SER C 260 -63.18 -49.20 -6.73
N LEU C 261 -62.57 -48.59 -5.70
CA LEU C 261 -61.14 -48.33 -5.75
C LEU C 261 -60.34 -49.61 -5.90
N VAL C 262 -60.68 -50.63 -5.11
CA VAL C 262 -59.95 -51.90 -5.18
C VAL C 262 -60.08 -52.51 -6.56
N LYS C 263 -61.28 -52.46 -7.13
CA LYS C 263 -61.45 -53.04 -8.46
C LYS C 263 -60.56 -52.33 -9.48
N ARG C 264 -60.58 -51.00 -9.48
CA ARG C 264 -59.77 -50.27 -10.45
C ARG C 264 -58.29 -50.53 -10.27
N TYR C 265 -57.83 -50.62 -9.01
CA TYR C 265 -56.43 -50.90 -8.76
C TYR C 265 -56.03 -52.26 -9.31
N LEU C 266 -56.85 -53.27 -9.04
CA LEU C 266 -56.52 -54.60 -9.52
C LEU C 266 -56.44 -54.60 -11.04
N CYS C 267 -57.35 -53.88 -11.71
CA CYS C 267 -57.29 -53.85 -13.17
C CYS C 267 -56.01 -53.20 -13.65
N VAL C 268 -55.61 -52.10 -13.01
CA VAL C 268 -54.36 -51.45 -13.39
C VAL C 268 -53.20 -52.41 -13.25
N THR C 269 -53.17 -53.16 -12.15
CA THR C 269 -52.03 -54.05 -11.93
C THR C 269 -51.98 -55.15 -12.96
N SER C 270 -53.13 -55.76 -13.26
CA SER C 270 -53.16 -56.80 -14.27
C SER C 270 -52.63 -56.29 -15.60
N LEU C 271 -53.16 -55.16 -16.08
CA LEU C 271 -52.74 -54.66 -17.38
C LEU C 271 -51.27 -54.26 -17.37
N LEU C 272 -50.81 -53.56 -16.33
CA LEU C 272 -49.44 -53.06 -16.27
C LEU C 272 -48.43 -54.18 -16.14
N ASP C 273 -48.84 -55.33 -15.64
CA ASP C 273 -47.96 -56.49 -15.75
C ASP C 273 -47.99 -57.06 -17.16
N GLN C 274 -49.19 -57.24 -17.72
CA GLN C 274 -49.33 -57.92 -19.01
C GLN C 274 -48.67 -57.16 -20.15
N LEU C 275 -48.53 -55.85 -20.04
CA LEU C 275 -47.96 -55.06 -21.14
C LEU C 275 -46.57 -55.53 -21.50
N SER C 296 -52.10 -54.05 -30.92
CA SER C 296 -50.90 -54.67 -30.35
C SER C 296 -50.32 -53.80 -29.24
N ARG C 297 -49.13 -53.24 -29.50
CA ARG C 297 -48.49 -52.39 -28.49
C ARG C 297 -49.22 -51.06 -28.35
N GLY C 298 -49.68 -50.49 -29.46
CA GLY C 298 -50.39 -49.23 -29.39
C GLY C 298 -51.69 -49.34 -28.63
N GLN C 299 -52.50 -50.35 -28.98
CA GLN C 299 -53.73 -50.58 -28.24
C GLN C 299 -53.44 -50.90 -26.78
N ARG C 300 -52.33 -51.59 -26.52
CA ARG C 300 -51.96 -51.88 -25.14
C ARG C 300 -51.70 -50.58 -24.39
N GLU C 301 -50.95 -49.66 -25.01
CA GLU C 301 -50.67 -48.39 -24.37
C GLU C 301 -51.95 -47.61 -24.14
N LEU C 302 -52.87 -47.66 -25.09
CA LEU C 302 -54.12 -46.92 -24.95
C LEU C 302 -54.97 -47.47 -23.82
N GLU C 303 -55.12 -48.79 -23.77
CA GLU C 303 -55.91 -49.39 -22.70
C GLU C 303 -55.29 -49.11 -21.34
N PHE C 304 -53.97 -49.23 -21.24
CA PHE C 304 -53.30 -48.95 -19.98
C PHE C 304 -53.49 -47.50 -19.56
N SER C 305 -53.40 -46.58 -20.51
CA SER C 305 -53.61 -45.18 -20.19
C SER C 305 -55.00 -44.98 -19.61
N MET C 306 -56.00 -45.59 -20.23
CA MET C 306 -57.36 -45.44 -19.72
C MET C 306 -57.47 -46.00 -18.31
N ALA C 307 -56.86 -47.15 -18.05
CA ALA C 307 -56.97 -47.78 -16.74
C ALA C 307 -56.36 -46.91 -15.66
N VAL C 308 -55.12 -46.45 -15.88
CA VAL C 308 -54.49 -45.59 -14.88
C VAL C 308 -55.27 -44.31 -14.73
N GLY C 309 -55.90 -43.83 -15.81
CA GLY C 309 -56.70 -42.64 -15.69
C GLY C 309 -57.86 -42.83 -14.74
N ASN C 310 -58.62 -43.91 -14.94
CA ASN C 310 -59.76 -44.14 -14.06
C ASN C 310 -59.30 -44.33 -12.62
N LEU C 311 -58.21 -45.04 -12.42
CA LEU C 311 -57.70 -45.22 -11.06
C LEU C 311 -57.43 -43.88 -10.41
N ILE C 312 -56.67 -43.02 -11.10
CA ILE C 312 -56.28 -41.76 -10.48
C ILE C 312 -57.48 -40.87 -10.25
N SER C 313 -58.41 -40.87 -11.18
CA SER C 313 -59.56 -39.98 -11.03
C SER C 313 -60.42 -40.41 -9.86
N GLU C 314 -60.75 -41.70 -9.79
CA GLU C 314 -61.56 -42.18 -8.67
C GLU C 314 -60.83 -41.98 -7.36
N LEU C 315 -59.50 -42.06 -7.38
CA LEU C 315 -58.76 -41.85 -6.14
C LEU C 315 -58.86 -40.40 -5.68
N VAL C 316 -58.61 -39.46 -6.59
CA VAL C 316 -58.66 -38.05 -6.21
C VAL C 316 -60.05 -37.68 -5.71
N ARG C 317 -61.08 -38.17 -6.40
CA ARG C 317 -62.45 -37.88 -5.95
C ARG C 317 -62.71 -38.45 -4.56
N SER C 318 -62.58 -39.77 -4.42
CA SER C 318 -62.86 -40.40 -3.14
C SER C 318 -62.08 -39.74 -2.02
N MET C 319 -60.75 -39.65 -2.13
CA MET C 319 -59.98 -38.99 -1.11
C MET C 319 -60.41 -37.56 -0.91
N GLY C 320 -60.99 -36.94 -1.94
CA GLY C 320 -61.71 -35.70 -1.77
C GLY C 320 -60.95 -34.43 -2.03
N TRP C 321 -59.74 -34.50 -2.56
CA TRP C 321 -59.04 -33.26 -2.86
C TRP C 321 -59.59 -32.61 -4.11
N ALA C 322 -60.46 -33.29 -4.85
CA ALA C 322 -61.01 -32.74 -6.08
C ALA C 322 -61.78 -31.46 -5.83
N ARG C 323 -62.41 -31.33 -4.66
CA ARG C 323 -63.08 -30.08 -4.31
C ARG C 323 -62.09 -28.92 -4.30
N ASN C 324 -60.88 -29.16 -3.79
CA ASN C 324 -59.81 -28.18 -3.86
C ASN C 324 -59.11 -28.19 -5.21
N LEU C 325 -59.41 -29.17 -6.07
CA LEU C 325 -58.81 -29.28 -7.39
C LEU C 325 -59.77 -28.99 -8.52
N SER C 326 -61.09 -29.07 -8.28
CA SER C 326 -62.07 -28.75 -9.31
C SER C 326 -61.85 -27.35 -9.87
N GLU C 327 -61.40 -26.42 -9.02
CA GLU C 327 -61.08 -25.06 -9.44
C GLU C 327 -59.57 -24.82 -9.46
N GLN C 328 -58.77 -25.88 -9.35
CA GLN C 328 -57.32 -25.73 -9.38
C GLN C 328 -56.71 -26.55 -10.53
N PRO C 332 -49.47 -17.15 -13.41
CA PRO C 332 -48.72 -17.20 -14.68
C PRO C 332 -47.47 -18.07 -14.58
N PRO C 333 -47.14 -18.77 -15.67
CA PRO C 333 -45.97 -19.64 -15.65
C PRO C 333 -44.68 -18.84 -15.53
N ARG C 334 -43.79 -19.32 -14.68
CA ARG C 334 -42.53 -18.64 -14.44
C ARG C 334 -41.65 -18.70 -15.67
N PRO C 335 -40.64 -17.83 -15.76
CA PRO C 335 -39.65 -17.94 -16.83
C PRO C 335 -38.83 -19.20 -16.69
N THR C 336 -38.04 -19.48 -17.72
CA THR C 336 -37.21 -20.68 -17.75
C THR C 336 -35.81 -20.38 -17.22
N ARG C 337 -35.24 -21.36 -16.54
CA ARG C 337 -33.89 -21.25 -16.01
C ARG C 337 -33.31 -22.66 -15.90
N SER C 338 -32.02 -22.77 -16.14
CA SER C 338 -31.40 -24.10 -16.17
C SER C 338 -31.55 -24.76 -14.82
N ILE C 339 -32.36 -25.81 -14.77
CA ILE C 339 -32.60 -26.53 -13.53
C ILE C 339 -31.32 -27.01 -12.88
N PHE C 340 -30.20 -26.96 -13.60
CA PHE C 340 -28.92 -27.44 -13.10
C PHE C 340 -27.99 -26.33 -12.66
N GLN C 341 -27.99 -25.25 -13.33
CA GLN C 341 -27.02 -24.33 -12.78
C GLN C 341 -27.69 -23.32 -11.87
N PRO C 342 -27.00 -22.86 -10.83
CA PRO C 342 -27.54 -21.89 -9.90
C PRO C 342 -27.14 -20.45 -10.25
N TYR C 478 -20.71 -20.03 -24.75
CA TYR C 478 -21.51 -21.08 -25.39
C TYR C 478 -22.89 -21.16 -24.77
N PRO C 479 -23.92 -21.31 -25.62
CA PRO C 479 -25.28 -21.39 -25.11
C PRO C 479 -25.61 -22.77 -24.58
N LEU C 480 -26.38 -22.81 -23.50
CA LEU C 480 -26.89 -24.06 -22.97
C LEU C 480 -27.81 -24.67 -24.02
N PRO C 481 -27.44 -25.81 -24.61
CA PRO C 481 -28.16 -26.32 -25.77
C PRO C 481 -29.44 -27.06 -25.47
N TYR C 482 -29.78 -27.29 -24.20
CA TYR C 482 -30.99 -28.01 -23.85
C TYR C 482 -32.14 -27.11 -23.46
N LEU C 483 -31.86 -25.94 -22.89
CA LEU C 483 -32.91 -24.99 -22.59
C LEU C 483 -33.47 -24.32 -23.84
N GLN C 484 -33.00 -24.69 -25.02
CA GLN C 484 -33.40 -24.10 -26.29
C GLN C 484 -34.64 -24.79 -26.83
N PRO C 485 -35.49 -24.05 -27.58
CA PRO C 485 -36.72 -24.65 -28.10
C PRO C 485 -36.52 -25.33 -29.44
N THR C 497 -52.48 -30.39 -28.34
CA THR C 497 -51.44 -31.40 -28.54
C THR C 497 -52.05 -32.77 -28.73
N GLN C 498 -51.39 -33.79 -28.20
CA GLN C 498 -51.93 -35.15 -28.19
C GLN C 498 -52.62 -35.49 -26.88
N ALA C 499 -52.04 -35.07 -25.76
CA ALA C 499 -52.64 -35.35 -24.46
C ALA C 499 -54.07 -34.82 -24.39
N GLU C 500 -54.35 -33.70 -25.05
CA GLU C 500 -55.72 -33.23 -25.11
C GLU C 500 -56.60 -34.26 -25.80
N TRP C 501 -56.10 -34.87 -26.86
CA TRP C 501 -56.88 -35.89 -27.53
C TRP C 501 -57.08 -37.10 -26.63
N TRP C 502 -56.03 -37.48 -25.91
CA TRP C 502 -56.14 -38.55 -24.93
C TRP C 502 -57.27 -38.27 -23.96
N GLU C 503 -57.24 -37.09 -23.34
CA GLU C 503 -58.23 -36.77 -22.31
C GLU C 503 -59.63 -36.73 -22.90
N LEU C 504 -59.77 -36.18 -24.10
CA LEU C 504 -61.08 -36.13 -24.72
C LEU C 504 -61.62 -37.52 -24.97
N LEU C 505 -60.79 -38.41 -25.49
CA LEU C 505 -61.25 -39.78 -25.66
C LEU C 505 -61.61 -40.39 -24.33
N PHE C 506 -60.89 -40.02 -23.26
CA PHE C 506 -61.22 -40.53 -21.94
C PHE C 506 -62.64 -40.17 -21.55
N PHE C 507 -62.97 -38.88 -21.68
CA PHE C 507 -64.31 -38.46 -21.31
C PHE C 507 -65.35 -39.08 -22.21
N ILE C 508 -65.07 -39.16 -23.50
CA ILE C 508 -66.03 -39.77 -24.41
C ILE C 508 -66.35 -41.19 -23.95
N LYS C 509 -65.32 -42.01 -23.77
CA LYS C 509 -65.54 -43.37 -23.33
C LYS C 509 -66.22 -43.41 -21.96
N LYS C 510 -66.02 -42.39 -21.14
CA LYS C 510 -66.77 -42.31 -19.89
C LYS C 510 -68.23 -42.00 -20.12
N LEU C 511 -68.56 -41.41 -21.27
CA LEU C 511 -69.94 -41.14 -21.63
C LEU C 511 -70.52 -42.34 -22.38
N ASP C 512 -71.70 -42.16 -22.97
CA ASP C 512 -72.39 -43.25 -23.66
C ASP C 512 -71.59 -43.68 -24.88
N LEU C 513 -71.01 -44.88 -24.82
CA LEU C 513 -70.22 -45.38 -25.95
C LEU C 513 -71.11 -45.63 -27.16
N CYS C 514 -72.33 -46.11 -26.94
CA CYS C 514 -73.24 -46.31 -28.06
C CYS C 514 -73.57 -44.98 -28.73
N GLU C 515 -73.81 -43.94 -27.94
CA GLU C 515 -74.12 -42.63 -28.52
C GLU C 515 -72.89 -42.01 -29.19
N GLN C 516 -71.69 -42.37 -28.72
CA GLN C 516 -70.47 -41.88 -29.36
C GLN C 516 -70.13 -42.65 -30.62
N GLN C 517 -70.64 -43.87 -30.76
CA GLN C 517 -70.38 -44.68 -31.96
C GLN C 517 -70.67 -43.94 -33.26
N PRO C 518 -71.81 -43.26 -33.44
CA PRO C 518 -71.97 -42.49 -34.68
C PRO C 518 -70.98 -41.34 -34.79
N ILE C 519 -70.66 -40.68 -33.69
CA ILE C 519 -69.64 -39.63 -33.71
C ILE C 519 -68.29 -40.22 -34.07
N PHE C 520 -67.99 -41.41 -33.55
CA PHE C 520 -66.74 -42.07 -33.89
C PHE C 520 -66.68 -42.43 -35.37
N GLN C 521 -67.81 -42.88 -35.93
CA GLN C 521 -67.86 -43.20 -37.35
C GLN C 521 -67.70 -41.95 -38.20
N ASN C 522 -68.30 -40.84 -37.77
CA ASN C 522 -68.15 -39.59 -38.51
C ASN C 522 -66.72 -39.08 -38.45
N LEU C 523 -66.07 -39.21 -37.29
CA LEU C 523 -64.68 -38.79 -37.18
C LEU C 523 -63.76 -39.71 -37.98
N TRP C 524 -64.10 -40.99 -38.08
CA TRP C 524 -63.29 -41.94 -38.85
C TRP C 524 -63.77 -42.01 -40.29
N GLY C 537 -56.17 -44.09 -33.43
CA GLY C 537 -56.02 -43.42 -32.15
C GLY C 537 -54.89 -42.42 -32.16
N GLU C 538 -54.31 -42.20 -33.33
CA GLU C 538 -53.21 -41.26 -33.50
C GLU C 538 -53.53 -40.18 -34.52
N ILE C 539 -54.81 -39.87 -34.71
CA ILE C 539 -55.23 -38.85 -35.67
C ILE C 539 -55.47 -37.55 -34.90
N SER C 540 -54.70 -36.53 -35.23
CA SER C 540 -54.85 -35.23 -34.58
C SER C 540 -56.23 -34.65 -34.88
N VAL C 541 -56.70 -33.80 -33.97
CA VAL C 541 -58.03 -33.22 -34.07
C VAL C 541 -57.91 -31.70 -34.14
N SER C 542 -58.75 -31.09 -34.97
CA SER C 542 -58.76 -29.65 -35.11
C SER C 542 -59.68 -29.04 -34.06
N VAL C 543 -59.34 -27.81 -33.66
CA VAL C 543 -60.06 -27.15 -32.59
C VAL C 543 -61.55 -27.11 -32.86
N GLU C 544 -61.94 -27.00 -34.13
CA GLU C 544 -63.37 -26.95 -34.45
C GLU C 544 -64.04 -28.27 -34.12
N MET C 545 -63.45 -29.37 -34.60
CA MET C 545 -63.99 -30.68 -34.27
C MET C 545 -64.02 -30.88 -32.76
N ALA C 546 -63.03 -30.33 -32.06
CA ALA C 546 -62.96 -30.51 -30.61
C ALA C 546 -64.08 -29.75 -29.90
N GLU C 547 -64.33 -28.51 -30.32
CA GLU C 547 -65.42 -27.75 -29.73
C GLU C 547 -66.75 -28.43 -30.02
N SER C 548 -66.91 -28.99 -31.23
CA SER C 548 -68.13 -29.71 -31.54
C SER C 548 -68.30 -30.91 -30.62
N LEU C 549 -67.20 -31.62 -30.36
CA LEU C 549 -67.27 -32.76 -29.46
C LEU C 549 -67.63 -32.32 -28.05
N LEU C 550 -67.09 -31.19 -27.60
CA LEU C 550 -67.44 -30.69 -26.28
C LEU C 550 -68.92 -30.36 -26.21
N GLN C 551 -69.45 -29.77 -27.27
CA GLN C 551 -70.89 -29.51 -27.32
C GLN C 551 -71.67 -30.80 -27.19
N VAL C 552 -71.37 -31.77 -28.06
CA VAL C 552 -72.11 -33.02 -28.05
C VAL C 552 -72.04 -33.68 -26.69
N LEU C 553 -70.89 -33.59 -26.03
CA LEU C 553 -70.73 -34.19 -24.71
C LEU C 553 -71.61 -33.49 -23.68
N SER C 554 -71.42 -32.17 -23.51
CA SER C 554 -72.24 -31.44 -22.56
C SER C 554 -73.73 -31.56 -22.90
N SER C 555 -74.05 -32.00 -24.11
CA SER C 555 -75.41 -32.31 -24.50
C SER C 555 -75.64 -33.80 -24.65
N ARG C 556 -74.83 -34.62 -23.97
CA ARG C 556 -75.03 -36.07 -24.03
C ARG C 556 -75.81 -36.57 -22.82
N PHE C 557 -75.39 -36.18 -21.62
CA PHE C 557 -76.04 -36.63 -20.39
C PHE C 557 -75.61 -35.78 -19.19
N THR C 561 -71.08 -36.97 -12.89
CA THR C 561 -70.72 -37.08 -14.29
C THR C 561 -70.39 -35.71 -14.85
N LEU C 562 -71.43 -34.89 -15.04
CA LEU C 562 -71.25 -33.58 -15.63
C LEU C 562 -70.32 -32.70 -14.81
N ASN C 563 -70.25 -32.95 -13.50
CA ASN C 563 -69.31 -32.20 -12.67
C ASN C 563 -67.88 -32.45 -13.10
N ASP C 564 -67.60 -33.62 -13.67
CA ASP C 564 -66.25 -33.92 -14.14
C ASP C 564 -65.85 -33.01 -15.27
N LEU C 565 -66.66 -32.97 -16.33
CA LEU C 565 -66.36 -32.07 -17.45
C LEU C 565 -66.35 -30.62 -16.99
N LEU C 566 -67.26 -30.26 -16.07
CA LEU C 566 -67.29 -28.90 -15.56
C LEU C 566 -65.97 -28.53 -14.88
N ASN C 567 -65.53 -29.36 -13.95
CA ASN C 567 -64.28 -29.11 -13.24
C ASN C 567 -63.06 -29.46 -14.09
N SER C 568 -63.25 -29.98 -15.29
CA SER C 568 -62.14 -30.38 -16.12
C SER C 568 -61.31 -29.18 -16.55
N GLN C 569 -60.14 -29.46 -17.13
CA GLN C 569 -59.27 -28.43 -17.69
C GLN C 569 -59.27 -28.41 -19.21
N ILE C 570 -59.73 -29.47 -19.85
CA ILE C 570 -59.82 -29.46 -21.30
C ILE C 570 -60.91 -28.49 -21.74
N TYR C 571 -62.01 -28.43 -20.99
CA TYR C 571 -63.05 -27.46 -21.31
C TYR C 571 -62.52 -26.04 -21.20
N THR C 572 -61.63 -25.80 -20.25
CA THR C 572 -61.02 -24.48 -20.12
C THR C 572 -60.12 -24.18 -21.30
N LYS C 573 -59.11 -25.02 -21.54
CA LYS C 573 -58.13 -24.77 -22.59
C LYS C 573 -58.61 -25.19 -23.98
N TYR C 574 -59.92 -25.40 -24.15
CA TYR C 574 -60.50 -25.64 -25.45
C TYR C 574 -62.01 -25.46 -25.39
N ARG C 984 -89.41 -34.69 -7.68
CA ARG C 984 -88.35 -35.68 -7.77
C ARG C 984 -87.19 -35.16 -8.60
N PRO C 985 -87.49 -34.33 -9.59
CA PRO C 985 -86.44 -33.86 -10.49
C PRO C 985 -85.58 -32.77 -9.91
N LEU C 986 -86.17 -31.87 -9.11
CA LEU C 986 -85.40 -30.80 -8.49
C LEU C 986 -84.31 -31.38 -7.59
N LEU C 987 -84.71 -32.28 -6.69
CA LEU C 987 -83.74 -32.99 -5.87
C LEU C 987 -82.78 -33.79 -6.72
N LYS C 988 -83.30 -34.39 -7.80
CA LYS C 988 -82.44 -35.14 -8.71
C LYS C 988 -81.26 -34.30 -9.17
N ARG C 989 -81.54 -33.11 -9.72
CA ARG C 989 -80.46 -32.25 -10.18
C ARG C 989 -79.59 -31.79 -9.02
N LEU C 990 -80.23 -31.34 -7.92
CA LEU C 990 -79.47 -30.77 -6.81
C LEU C 990 -78.50 -31.76 -6.22
N GLN C 991 -78.83 -33.05 -6.27
CA GLN C 991 -77.97 -34.09 -5.74
C GLN C 991 -76.95 -34.58 -6.76
N GLN C 992 -77.40 -34.90 -7.97
CA GLN C 992 -76.49 -35.40 -9.00
C GLN C 992 -75.38 -34.40 -9.28
N GLU C 993 -75.71 -33.11 -9.29
CA GLU C 993 -74.67 -32.10 -9.43
C GLU C 993 -73.78 -32.19 -8.19
N THR C 994 -72.57 -32.70 -8.38
CA THR C 994 -71.66 -32.91 -7.26
C THR C 994 -71.28 -31.58 -6.62
N GLN C 995 -71.01 -30.56 -7.43
CA GLN C 995 -70.80 -29.23 -6.87
C GLN C 995 -72.02 -28.73 -6.12
N PRO C 996 -73.25 -28.96 -6.58
CA PRO C 996 -74.40 -28.52 -5.77
C PRO C 996 -74.50 -29.24 -4.45
N PHE C 997 -74.31 -30.56 -4.46
CA PHE C 997 -74.30 -31.30 -3.20
C PHE C 997 -73.24 -30.78 -2.26
N LEU C 998 -72.03 -30.54 -2.79
CA LEU C 998 -70.94 -30.04 -1.96
C LEU C 998 -71.29 -28.68 -1.37
N LEU C 999 -71.89 -27.81 -2.18
CA LEU C 999 -72.25 -26.47 -1.69
C LEU C 999 -73.31 -26.55 -0.60
N LEU C 1000 -74.31 -27.41 -0.78
CA LEU C 1000 -75.32 -27.58 0.26
C LEU C 1000 -74.68 -28.15 1.52
N LEU C 1001 -73.71 -29.05 1.37
CA LEU C 1001 -73.05 -29.63 2.53
C LEU C 1001 -72.23 -28.58 3.27
N ARG C 1002 -71.59 -27.68 2.52
CA ARG C 1002 -70.83 -26.61 3.17
C ARG C 1002 -71.74 -25.61 3.84
N THR C 1003 -72.91 -25.35 3.24
CA THR C 1003 -73.90 -24.50 3.90
C THR C 1003 -74.33 -25.11 5.22
N LEU C 1004 -74.62 -26.41 5.21
CA LEU C 1004 -74.90 -27.11 6.46
C LEU C 1004 -73.71 -27.05 7.40
N ASP C 1005 -72.50 -26.93 6.85
CA ASP C 1005 -71.30 -26.77 7.66
C ASP C 1005 -71.32 -25.37 8.25
N ALA C 1006 -71.53 -25.28 9.56
CA ALA C 1006 -71.55 -24.01 10.27
C ALA C 1006 -71.11 -24.19 11.71
N PRO C 1009 -73.97 -21.29 14.38
CA PRO C 1009 -74.48 -20.54 15.53
C PRO C 1009 -75.95 -20.27 15.41
N ASN C 1010 -76.52 -20.61 14.25
CA ASN C 1010 -77.91 -20.33 13.99
C ASN C 1010 -78.81 -21.31 14.74
N LYS C 1011 -80.06 -20.90 14.90
CA LYS C 1011 -81.06 -21.72 15.56
C LYS C 1011 -82.18 -22.11 14.61
N THR C 1012 -82.77 -21.13 13.92
CA THR C 1012 -83.76 -21.44 12.89
C THR C 1012 -83.12 -22.24 11.75
N LEU C 1013 -81.92 -21.84 11.33
CA LEU C 1013 -81.22 -22.61 10.31
C LEU C 1013 -80.79 -23.97 10.85
N LEU C 1014 -80.45 -24.06 12.14
CA LEU C 1014 -80.16 -25.34 12.75
C LEU C 1014 -81.35 -26.28 12.62
N LEU C 1015 -82.52 -25.82 13.06
CA LEU C 1015 -83.72 -26.64 12.94
C LEU C 1015 -84.03 -26.93 11.47
N SER C 1016 -83.77 -25.97 10.59
CA SER C 1016 -84.06 -26.16 9.17
C SER C 1016 -83.21 -27.26 8.58
N VAL C 1017 -81.90 -27.17 8.73
CA VAL C 1017 -81.02 -28.18 8.15
C VAL C 1017 -81.32 -29.53 8.76
N LEU C 1018 -81.63 -29.56 10.05
CA LEU C 1018 -81.98 -30.83 10.68
C LEU C 1018 -83.18 -31.47 10.00
N ARG C 1019 -84.31 -30.73 9.98
CA ARG C 1019 -85.54 -31.31 9.46
C ARG C 1019 -85.38 -31.70 8.00
N VAL C 1020 -84.72 -30.86 7.21
CA VAL C 1020 -84.53 -31.18 5.81
C VAL C 1020 -83.70 -32.45 5.66
N ILE C 1021 -82.66 -32.59 6.47
CA ILE C 1021 -81.83 -33.79 6.42
C ILE C 1021 -82.66 -35.02 6.75
N THR C 1022 -83.47 -34.92 7.80
CA THR C 1022 -84.25 -36.07 8.25
C THR C 1022 -85.27 -36.47 7.20
N ARG C 1023 -86.02 -35.49 6.68
CA ARG C 1023 -87.02 -35.79 5.66
C ARG C 1023 -86.36 -36.30 4.39
N LEU C 1024 -85.18 -35.79 4.07
CA LEU C 1024 -84.50 -36.22 2.86
C LEU C 1024 -84.09 -37.68 2.97
N LEU C 1025 -83.43 -38.03 4.08
CA LEU C 1025 -82.82 -39.35 4.20
C LEU C 1025 -83.81 -40.49 3.97
N ASP C 1026 -85.11 -40.23 4.08
CA ASP C 1026 -86.09 -41.29 3.86
C ASP C 1026 -85.98 -41.86 2.46
N PHE C 1027 -85.96 -41.00 1.46
CA PHE C 1027 -85.93 -41.45 0.07
C PHE C 1027 -84.56 -42.03 -0.29
N PRO C 1028 -84.39 -42.50 -1.52
CA PRO C 1028 -83.09 -42.97 -1.99
C PRO C 1028 -82.25 -41.92 -2.70
N GLU C 1029 -82.80 -40.70 -2.88
CA GLU C 1029 -82.04 -39.64 -3.51
C GLU C 1029 -80.76 -39.30 -2.76
N ALA C 1030 -80.63 -39.78 -1.51
CA ALA C 1030 -79.39 -39.60 -0.76
C ALA C 1030 -78.25 -40.44 -1.32
N MET C 1031 -78.46 -41.11 -2.45
CA MET C 1031 -77.37 -41.83 -3.10
C MET C 1031 -76.12 -40.96 -3.21
N VAL C 1032 -76.28 -39.75 -3.74
CA VAL C 1032 -75.16 -38.82 -3.79
C VAL C 1032 -74.94 -38.12 -2.47
N LEU C 1033 -75.68 -38.49 -1.44
CA LEU C 1033 -75.55 -37.90 -0.11
C LEU C 1033 -74.95 -38.91 0.86
N PRO C 1034 -73.62 -38.97 0.96
CA PRO C 1034 -73.01 -39.78 2.01
C PRO C 1034 -72.78 -39.02 3.28
N TRP C 1035 -72.84 -37.69 3.23
CA TRP C 1035 -72.44 -36.86 4.35
C TRP C 1035 -71.03 -37.21 4.80
N HIS C 1036 -70.25 -37.76 3.88
CA HIS C 1036 -68.93 -38.28 4.20
C HIS C 1036 -68.01 -37.19 4.74
N GLU C 1037 -67.88 -36.10 4.01
CA GLU C 1037 -66.98 -35.03 4.45
C GLU C 1037 -67.52 -34.29 5.67
N VAL C 1038 -68.84 -34.14 5.76
CA VAL C 1038 -69.39 -33.31 6.83
C VAL C 1038 -69.45 -34.09 8.14
N LEU C 1039 -69.73 -35.39 8.07
CA LEU C 1039 -69.93 -36.16 9.29
C LEU C 1039 -68.75 -36.03 10.25
N GLU C 1040 -67.54 -35.79 9.73
CA GLU C 1040 -66.34 -35.76 10.55
C GLU C 1040 -66.46 -34.75 11.68
N PRO C 1041 -66.44 -33.44 11.38
CA PRO C 1041 -66.65 -32.48 12.46
C PRO C 1041 -68.08 -32.46 12.94
N CYS C 1042 -69.04 -32.78 12.06
CA CYS C 1042 -70.44 -32.76 12.46
C CYS C 1042 -70.70 -33.70 13.62
N LEU C 1043 -69.84 -34.69 13.80
CA LEU C 1043 -69.85 -35.51 15.01
C LEU C 1043 -68.76 -35.13 15.99
N ASN C 1044 -67.69 -34.50 15.51
CA ASN C 1044 -66.71 -33.97 16.45
C ASN C 1044 -67.27 -32.86 17.31
N CYS C 1045 -68.50 -32.40 17.03
CA CYS C 1045 -69.18 -31.41 17.87
C CYS C 1045 -70.24 -32.04 18.77
N LEU C 1046 -71.25 -32.67 18.18
CA LEU C 1046 -72.39 -33.11 18.96
C LEU C 1046 -72.75 -34.55 18.69
N SER C 1051 -74.13 -26.99 22.10
CA SER C 1051 -74.29 -28.43 22.03
C SER C 1051 -75.41 -28.87 22.96
N ASP C 1052 -76.44 -28.04 23.05
CA ASP C 1052 -77.52 -28.24 24.00
C ASP C 1052 -78.21 -29.57 23.76
N SER C 1053 -79.11 -29.91 24.69
CA SER C 1053 -79.68 -31.24 24.74
C SER C 1053 -80.45 -31.57 23.47
N GLU C 1054 -81.39 -30.70 23.09
CA GLU C 1054 -82.24 -31.02 21.95
C GLU C 1054 -81.45 -31.07 20.67
N ILE C 1055 -80.54 -30.12 20.47
CA ILE C 1055 -79.72 -30.11 19.26
C ILE C 1055 -78.93 -31.40 19.16
N VAL C 1056 -78.23 -31.78 20.24
CA VAL C 1056 -77.43 -32.99 20.21
C VAL C 1056 -78.31 -34.22 20.06
N GLN C 1057 -79.52 -34.18 20.61
CA GLN C 1057 -80.40 -35.34 20.53
C GLN C 1057 -80.89 -35.56 19.10
N GLU C 1058 -81.31 -34.50 18.44
CA GLU C 1058 -81.65 -34.61 17.03
C GLU C 1058 -80.44 -35.04 16.22
N LEU C 1059 -79.25 -34.56 16.59
CA LEU C 1059 -78.04 -34.97 15.90
C LEU C 1059 -77.89 -36.48 15.94
N THR C 1060 -78.03 -37.05 17.14
CA THR C 1060 -77.93 -38.49 17.31
C THR C 1060 -79.01 -39.20 16.50
N CYS C 1061 -80.22 -38.64 16.48
CA CYS C 1061 -81.28 -39.27 15.69
C CYS C 1061 -80.91 -39.30 14.22
N PHE C 1062 -80.35 -38.21 13.72
CA PHE C 1062 -79.95 -38.14 12.32
C PHE C 1062 -78.87 -39.16 12.02
N LEU C 1063 -77.84 -39.19 12.85
CA LEU C 1063 -76.79 -40.18 12.68
C LEU C 1063 -77.38 -41.58 12.74
N HIS C 1064 -78.45 -41.76 13.51
CA HIS C 1064 -79.04 -43.09 13.63
C HIS C 1064 -79.78 -43.46 12.36
N ARG C 1065 -80.50 -42.51 11.78
CA ARG C 1065 -81.13 -42.78 10.49
C ARG C 1065 -80.06 -43.16 9.47
N LEU C 1066 -78.95 -42.42 9.44
CA LEU C 1066 -77.88 -42.73 8.51
C LEU C 1066 -77.29 -44.10 8.78
N ALA C 1067 -77.18 -44.48 10.06
CA ALA C 1067 -76.60 -45.77 10.40
C ALA C 1067 -77.50 -46.90 9.95
N SER C 1068 -78.80 -46.79 10.20
CA SER C 1068 -79.72 -47.80 9.72
C SER C 1068 -79.69 -47.91 8.20
N MET C 1069 -79.45 -46.78 7.53
CA MET C 1069 -79.33 -46.82 6.08
C MET C 1069 -78.04 -47.50 5.63
N HIS C 1070 -76.96 -47.36 6.42
CA HIS C 1070 -75.67 -47.93 6.02
C HIS C 1070 -74.85 -48.18 7.27
N LYS C 1071 -74.79 -49.44 7.69
CA LYS C 1071 -73.76 -49.83 8.63
C LYS C 1071 -72.40 -49.39 8.14
N ASP C 1072 -72.28 -49.14 6.84
CA ASP C 1072 -71.08 -48.52 6.30
C ASP C 1072 -70.77 -47.22 7.05
N TYR C 1073 -71.69 -46.26 6.96
CA TYR C 1073 -71.50 -45.00 7.66
C TYR C 1073 -71.40 -45.23 9.16
N ALA C 1074 -72.06 -46.26 9.67
CA ALA C 1074 -71.93 -46.58 11.08
C ALA C 1074 -70.47 -46.86 11.45
N VAL C 1075 -69.86 -47.80 10.75
CA VAL C 1075 -68.49 -48.17 11.03
C VAL C 1075 -67.56 -46.98 10.81
N VAL C 1076 -67.87 -46.16 9.81
CA VAL C 1076 -67.04 -44.98 9.59
C VAL C 1076 -67.09 -44.10 10.82
N LEU C 1077 -68.28 -43.91 11.38
CA LEU C 1077 -68.40 -43.18 12.63
C LEU C 1077 -67.56 -43.84 13.71
N CYS C 1078 -67.61 -45.17 13.77
CA CYS C 1078 -66.85 -45.90 14.78
C CYS C 1078 -65.38 -45.52 14.70
N CYS C 1079 -64.83 -45.57 13.49
CA CYS C 1079 -63.45 -45.12 13.30
C CYS C 1079 -63.30 -43.66 13.66
N LEU C 1080 -64.37 -42.89 13.58
CA LEU C 1080 -64.35 -41.53 14.05
C LEU C 1080 -64.54 -41.42 15.55
N GLY C 1081 -64.64 -42.54 16.25
CA GLY C 1081 -64.78 -42.55 17.69
C GLY C 1081 -66.18 -42.78 18.22
N ALA C 1082 -67.04 -43.44 17.44
CA ALA C 1082 -68.43 -43.58 17.84
C ALA C 1082 -68.57 -44.42 19.11
N LYS C 1083 -67.63 -45.32 19.38
CA LYS C 1083 -67.70 -46.08 20.62
C LYS C 1083 -67.50 -45.16 21.81
N GLU C 1084 -66.44 -44.37 21.79
CA GLU C 1084 -66.23 -43.37 22.83
C GLU C 1084 -67.34 -42.31 22.84
N ILE C 1085 -68.08 -42.16 21.75
CA ILE C 1085 -69.20 -41.21 21.72
C ILE C 1085 -70.41 -41.78 22.45
N LEU C 1086 -70.85 -42.97 22.03
CA LEU C 1086 -71.89 -43.69 22.75
C LEU C 1086 -71.55 -43.86 24.21
N SER C 1087 -70.26 -43.81 24.55
CA SER C 1087 -69.87 -43.79 25.96
C SER C 1087 -70.02 -42.39 26.56
N LYS C 1088 -69.30 -41.41 26.02
CA LYS C 1088 -69.22 -40.07 26.60
C LYS C 1088 -70.54 -39.34 26.52
N VAL C 1089 -71.57 -40.01 26.03
CA VAL C 1089 -72.93 -39.48 26.11
C VAL C 1089 -73.33 -39.26 27.57
N GLY C 1100 -77.50 -42.55 24.16
CA GLY C 1100 -76.37 -43.44 23.97
C GLY C 1100 -76.79 -44.87 23.69
N CYS C 1101 -78.10 -45.06 23.48
CA CYS C 1101 -78.64 -46.40 23.26
C CYS C 1101 -78.30 -46.89 21.85
N GLU C 1102 -78.78 -46.18 20.82
CA GLU C 1102 -78.51 -46.60 19.46
C GLU C 1102 -77.06 -46.37 19.08
N LEU C 1103 -76.45 -45.30 19.58
CA LEU C 1103 -75.04 -45.07 19.31
C LEU C 1103 -74.20 -46.23 19.78
N ARG C 1104 -74.50 -46.76 20.97
CA ARG C 1104 -73.83 -47.98 21.40
C ARG C 1104 -74.24 -49.16 20.52
N ASP C 1105 -75.53 -49.26 20.20
CA ASP C 1105 -76.02 -50.37 19.39
C ASP C 1105 -75.29 -50.47 18.06
N LEU C 1106 -74.77 -49.36 17.57
CA LEU C 1106 -73.97 -49.37 16.37
C LEU C 1106 -72.49 -49.55 16.66
N VAL C 1107 -71.95 -48.82 17.64
CA VAL C 1107 -70.54 -48.92 17.98
C VAL C 1107 -70.18 -50.38 18.21
N THR C 1108 -70.82 -51.01 19.18
CA THR C 1108 -70.53 -52.40 19.49
C THR C 1108 -70.95 -53.35 18.37
N GLU C 1109 -71.62 -52.85 17.33
CA GLU C 1109 -72.04 -53.74 16.26
C GLU C 1109 -70.87 -54.10 15.33
N CYS C 1110 -69.98 -53.13 15.07
CA CYS C 1110 -68.84 -53.38 14.18
C CYS C 1110 -67.68 -52.51 14.65
N GLU C 1111 -66.79 -53.09 15.46
CA GLU C 1111 -65.62 -52.38 15.94
C GLU C 1111 -64.35 -53.20 15.75
N LYS C 1112 -64.44 -54.35 15.08
CA LYS C 1112 -63.27 -55.12 14.67
C LYS C 1112 -63.00 -54.98 13.17
N TYR C 1113 -63.37 -53.84 12.60
CA TYR C 1113 -63.25 -53.63 11.16
C TYR C 1113 -62.69 -52.26 10.81
N ALA C 1114 -62.69 -51.30 11.72
CA ALA C 1114 -62.04 -50.04 11.43
C ALA C 1114 -60.56 -50.24 11.17
N GLN C 1115 -59.94 -51.20 11.87
CA GLN C 1115 -58.54 -51.51 11.58
C GLN C 1115 -58.41 -52.04 10.17
N LEU C 1116 -59.32 -52.94 9.76
CA LEU C 1116 -59.31 -53.42 8.41
C LEU C 1116 -59.34 -52.27 7.42
N TYR C 1117 -60.20 -51.30 7.68
CA TYR C 1117 -60.39 -50.26 6.68
C TYR C 1117 -59.24 -49.27 6.68
N SER C 1118 -58.66 -48.98 7.83
CA SER C 1118 -57.47 -48.16 7.85
C SER C 1118 -56.36 -48.81 7.04
N ASN C 1119 -56.15 -50.11 7.26
CA ASN C 1119 -55.16 -50.83 6.49
C ASN C 1119 -55.45 -50.73 4.99
N LEU C 1120 -56.71 -50.95 4.60
CA LEU C 1120 -57.04 -50.98 3.18
C LEU C 1120 -56.79 -49.63 2.54
N THR C 1121 -57.16 -48.55 3.21
CA THR C 1121 -56.96 -47.23 2.64
C THR C 1121 -55.48 -46.96 2.42
N SER C 1122 -54.67 -47.11 3.47
CA SER C 1122 -53.25 -46.84 3.30
C SER C 1122 -52.64 -47.72 2.23
N SER C 1123 -53.15 -48.95 2.08
CA SER C 1123 -52.59 -49.86 1.10
C SER C 1123 -52.84 -49.38 -0.32
N ILE C 1124 -54.09 -49.04 -0.63
CA ILE C 1124 -54.34 -48.59 -2.00
C ILE C 1124 -53.56 -47.31 -2.29
N LEU C 1125 -53.37 -46.46 -1.28
CA LEU C 1125 -52.58 -45.25 -1.51
C LEU C 1125 -51.14 -45.58 -1.88
N ALA C 1126 -50.50 -46.44 -1.09
CA ALA C 1126 -49.10 -46.76 -1.37
C ALA C 1126 -48.96 -47.40 -2.74
N GLY C 1127 -49.90 -48.27 -3.11
CA GLY C 1127 -49.86 -48.85 -4.43
C GLY C 1127 -49.94 -47.81 -5.54
N CYS C 1128 -50.82 -46.83 -5.38
CA CYS C 1128 -50.93 -45.80 -6.41
C CYS C 1128 -49.66 -44.99 -6.53
N ILE C 1129 -49.07 -44.59 -5.39
CA ILE C 1129 -47.85 -43.81 -5.48
C ILE C 1129 -46.76 -44.63 -6.13
N GLN C 1130 -46.79 -45.95 -5.95
CA GLN C 1130 -45.79 -46.79 -6.59
C GLN C 1130 -45.99 -46.84 -8.10
N MET C 1131 -47.23 -46.99 -8.56
CA MET C 1131 -47.46 -46.97 -10.00
C MET C 1131 -46.97 -45.66 -10.61
N VAL C 1132 -47.16 -44.55 -9.90
CA VAL C 1132 -46.73 -43.26 -10.42
C VAL C 1132 -45.21 -43.21 -10.55
N LEU C 1133 -44.49 -43.49 -9.47
CA LEU C 1133 -43.03 -43.42 -9.57
C LEU C 1133 -42.51 -44.40 -10.60
N GLY C 1134 -43.20 -45.52 -10.77
CA GLY C 1134 -42.77 -46.48 -11.76
C GLY C 1134 -42.93 -45.98 -13.18
N GLN C 1135 -44.05 -45.31 -13.47
CA GLN C 1135 -44.21 -44.81 -14.82
C GLN C 1135 -43.22 -43.68 -15.11
N ILE C 1136 -42.87 -42.88 -14.10
CA ILE C 1136 -41.82 -41.88 -14.31
C ILE C 1136 -40.52 -42.57 -14.71
N GLU C 1137 -40.10 -43.57 -13.93
CA GLU C 1137 -38.85 -44.24 -14.25
C GLU C 1137 -38.92 -44.97 -15.57
N ASP C 1138 -40.11 -45.36 -16.00
CA ASP C 1138 -40.22 -46.10 -17.25
C ASP C 1138 -40.19 -45.19 -18.46
N HIS C 1139 -40.64 -43.95 -18.31
CA HIS C 1139 -40.50 -43.02 -19.42
C HIS C 1139 -39.12 -42.38 -19.48
N ARG C 1140 -38.39 -42.38 -18.36
CA ARG C 1140 -37.01 -41.94 -18.38
C ARG C 1140 -36.12 -42.82 -19.24
N ARG C 1141 -36.64 -43.93 -19.76
CA ARG C 1141 -35.87 -44.81 -20.63
C ARG C 1141 -36.25 -44.71 -22.08
N THR C 1142 -37.27 -43.95 -22.44
CA THR C 1142 -37.69 -43.83 -23.82
C THR C 1142 -37.88 -42.40 -24.29
N HIS C 1143 -37.95 -41.43 -23.38
CA HIS C 1143 -38.04 -40.02 -23.75
C HIS C 1143 -39.27 -39.78 -24.63
N GLN C 1144 -40.44 -39.97 -24.04
CA GLN C 1144 -41.69 -39.69 -24.74
C GLN C 1144 -42.76 -39.19 -23.78
N ASN C 1147 -47.32 -38.60 -19.96
CA ASN C 1147 -48.30 -38.21 -20.98
C ASN C 1147 -49.64 -38.92 -20.84
N ILE C 1148 -50.14 -39.05 -19.62
CA ILE C 1148 -51.30 -39.89 -19.32
C ILE C 1148 -52.40 -38.99 -18.77
N PRO C 1149 -53.65 -39.46 -18.79
CA PRO C 1149 -54.75 -38.64 -18.29
C PRO C 1149 -54.67 -38.37 -16.79
N PHE C 1150 -54.94 -37.13 -16.42
CA PHE C 1150 -55.07 -36.71 -15.03
C PHE C 1150 -53.76 -36.83 -14.26
N PHE C 1151 -52.70 -37.22 -14.95
CA PHE C 1151 -51.41 -37.37 -14.30
C PHE C 1151 -50.92 -36.05 -13.75
N ASP C 1152 -51.09 -34.97 -14.51
CA ASP C 1152 -50.65 -33.67 -14.04
C ASP C 1152 -51.38 -33.29 -12.76
N VAL C 1153 -52.69 -33.56 -12.71
CA VAL C 1153 -53.48 -33.27 -11.53
C VAL C 1153 -52.93 -34.03 -10.33
N PHE C 1154 -52.72 -35.34 -10.50
CA PHE C 1154 -52.18 -36.12 -9.41
C PHE C 1154 -50.90 -35.51 -8.90
N LEU C 1155 -49.94 -35.28 -9.78
CA LEU C 1155 -48.64 -34.85 -9.30
C LEU C 1155 -48.70 -33.47 -8.68
N ARG C 1156 -49.55 -32.59 -9.19
CA ARG C 1156 -49.69 -31.27 -8.58
C ARG C 1156 -50.23 -31.39 -7.16
N HIS C 1157 -51.32 -32.16 -6.99
CA HIS C 1157 -51.89 -32.30 -5.65
C HIS C 1157 -50.93 -33.00 -4.71
N LEU C 1158 -50.11 -33.90 -5.23
CA LEU C 1158 -49.21 -34.65 -4.36
C LEU C 1158 -47.99 -33.83 -3.96
N CYS C 1159 -47.56 -32.90 -4.80
CA CYS C 1159 -46.43 -32.08 -4.42
C CYS C 1159 -46.85 -30.78 -3.76
N GLN C 1160 -48.14 -30.46 -3.78
CA GLN C 1160 -48.62 -29.21 -3.19
C GLN C 1160 -48.26 -29.12 -1.71
N PHE C 1304 -48.53 -33.99 1.63
CA PHE C 1304 -47.85 -35.27 1.62
C PHE C 1304 -46.47 -35.10 1.00
N TRP C 1305 -45.98 -33.87 1.04
CA TRP C 1305 -44.84 -33.48 0.19
C TRP C 1305 -43.54 -34.16 0.57
N PRO C 1306 -43.10 -34.18 1.84
CA PRO C 1306 -41.76 -34.72 2.12
C PRO C 1306 -41.63 -36.20 1.82
N LEU C 1307 -42.69 -36.98 1.97
CA LEU C 1307 -42.61 -38.38 1.57
C LEU C 1307 -42.26 -38.49 0.09
N PHE C 1308 -42.96 -37.75 -0.75
CA PHE C 1308 -42.67 -37.80 -2.18
C PHE C 1308 -41.28 -37.27 -2.48
N ARG C 1309 -40.87 -36.21 -1.80
CA ARG C 1309 -39.54 -35.68 -2.01
C ARG C 1309 -38.50 -36.75 -1.78
N GLU C 1310 -38.56 -37.41 -0.62
CA GLU C 1310 -37.57 -38.42 -0.30
C GLU C 1310 -37.59 -39.55 -1.31
N GLN C 1311 -38.79 -40.06 -1.64
CA GLN C 1311 -38.86 -41.22 -2.50
C GLN C 1311 -38.35 -40.91 -3.90
N LEU C 1312 -38.75 -39.77 -4.46
CA LEU C 1312 -38.32 -39.42 -5.82
C LEU C 1312 -36.84 -39.11 -5.88
N CYS C 1313 -36.31 -38.40 -4.88
CA CYS C 1313 -34.87 -38.17 -4.84
C CYS C 1313 -34.11 -39.49 -4.85
N ARG C 1314 -34.53 -40.43 -4.01
CA ARG C 1314 -33.81 -41.70 -3.95
C ARG C 1314 -33.89 -42.42 -5.29
N ARG C 1315 -35.08 -42.50 -5.88
CA ARG C 1315 -35.23 -43.22 -7.14
C ARG C 1315 -34.36 -42.61 -8.23
N THR C 1316 -34.41 -41.28 -8.38
CA THR C 1316 -33.63 -40.61 -9.42
C THR C 1316 -32.14 -40.84 -9.20
N CYS C 1317 -31.67 -40.66 -7.97
CA CYS C 1317 -30.25 -40.80 -7.70
C CYS C 1317 -29.78 -42.20 -8.05
N LEU C 1318 -30.53 -43.23 -7.66
CA LEU C 1318 -30.09 -44.59 -7.94
C LEU C 1318 -30.11 -44.89 -9.42
N PHE C 1319 -31.20 -44.51 -10.10
CA PHE C 1319 -31.30 -44.82 -11.52
C PHE C 1319 -30.13 -44.21 -12.28
N TYR C 1320 -29.80 -42.97 -11.95
CA TYR C 1320 -28.75 -42.33 -12.72
C TYR C 1320 -27.36 -42.81 -12.33
N THR C 1321 -27.15 -43.25 -11.09
CA THR C 1321 -25.85 -43.85 -10.79
C THR C 1321 -25.65 -45.14 -11.57
N ILE C 1322 -26.71 -45.96 -11.67
CA ILE C 1322 -26.59 -47.17 -12.46
C ILE C 1322 -26.29 -46.83 -13.92
N ARG C 1323 -26.98 -45.83 -14.46
CA ARG C 1323 -26.73 -45.49 -15.86
C ARG C 1323 -25.35 -44.90 -16.07
N ALA C 1324 -24.84 -44.16 -15.09
CA ALA C 1324 -23.50 -43.61 -15.20
C ALA C 1324 -22.47 -44.73 -15.28
N GLN C 1325 -22.57 -45.72 -14.40
CA GLN C 1325 -21.63 -46.83 -14.49
C GLN C 1325 -21.77 -47.56 -15.82
N ALA C 1326 -22.99 -47.64 -16.35
CA ALA C 1326 -23.16 -48.28 -17.66
C ALA C 1326 -22.38 -47.53 -18.75
N TRP C 1327 -22.63 -46.23 -18.88
CA TRP C 1327 -21.92 -45.45 -19.90
C TRP C 1327 -20.41 -45.50 -19.68
N SER C 1328 -19.98 -45.52 -18.43
CA SER C 1328 -18.56 -45.53 -18.16
C SER C 1328 -17.92 -46.82 -18.63
N ARG C 1329 -18.51 -47.96 -18.28
CA ARG C 1329 -17.96 -49.22 -18.76
C ARG C 1329 -18.07 -49.32 -20.27
N ASP C 1330 -18.98 -48.56 -20.88
CA ASP C 1330 -19.01 -48.54 -22.34
C ASP C 1330 -17.87 -47.72 -22.92
N ILE C 1331 -17.55 -46.59 -22.31
CA ILE C 1331 -16.49 -45.73 -22.84
C ILE C 1331 -15.11 -46.29 -22.53
N ALA C 1332 -14.98 -47.14 -21.50
CA ALA C 1332 -13.68 -47.68 -21.19
C ALA C 1332 -13.19 -48.66 -22.25
N GLU C 1333 -14.11 -49.29 -22.98
CA GLU C 1333 -13.71 -50.29 -23.96
C GLU C 1333 -13.10 -49.63 -25.18
N ASP C 1334 -13.81 -48.69 -25.80
CA ASP C 1334 -13.33 -47.97 -26.95
C ASP C 1334 -13.19 -46.50 -26.57
N HIS C 1335 -11.99 -45.96 -26.73
CA HIS C 1335 -11.72 -44.60 -26.30
C HIS C 1335 -12.36 -43.56 -27.21
N ARG C 1336 -12.79 -43.94 -28.40
CA ARG C 1336 -13.29 -42.98 -29.37
C ARG C 1336 -14.77 -42.71 -29.19
N ARG C 1337 -15.30 -42.88 -27.98
CA ARG C 1337 -16.74 -42.79 -27.78
C ARG C 1337 -17.18 -41.49 -27.14
N LEU C 1338 -16.27 -40.63 -26.71
CA LEU C 1338 -16.71 -39.40 -26.06
C LEU C 1338 -17.38 -38.45 -27.05
N LEU C 1339 -16.88 -38.44 -28.29
CA LEU C 1339 -17.48 -37.62 -29.32
C LEU C 1339 -18.95 -37.92 -29.47
N GLN C 1340 -19.36 -39.15 -29.20
CA GLN C 1340 -20.77 -39.50 -29.14
C GLN C 1340 -21.33 -39.40 -27.74
N LEU C 1341 -20.49 -39.24 -26.71
CA LEU C 1341 -21.02 -39.08 -25.36
C LEU C 1341 -21.69 -37.73 -25.19
N CYS C 1342 -21.29 -36.74 -25.96
CA CYS C 1342 -21.94 -35.44 -25.80
C CYS C 1342 -23.45 -35.45 -26.06
N PRO C 1343 -23.95 -35.95 -27.19
CA PRO C 1343 -25.40 -35.86 -27.44
C PRO C 1343 -26.25 -36.64 -26.45
N ARG C 1344 -25.76 -37.76 -25.93
CA ARG C 1344 -26.52 -38.51 -24.94
C ARG C 1344 -26.79 -37.65 -23.72
N LEU C 1345 -25.76 -36.98 -23.22
CA LEU C 1345 -25.94 -36.10 -22.10
C LEU C 1345 -26.93 -35.01 -22.43
N ASN C 1346 -26.85 -34.47 -23.65
CA ASN C 1346 -27.81 -33.43 -24.02
C ASN C 1346 -29.24 -33.95 -23.91
N ARG C 1347 -29.48 -35.17 -24.39
CA ARG C 1347 -30.83 -35.73 -24.34
C ARG C 1347 -31.31 -35.92 -22.91
N VAL C 1348 -30.46 -36.47 -22.04
CA VAL C 1348 -30.90 -36.73 -20.67
C VAL C 1348 -31.23 -35.42 -19.98
N LEU C 1349 -30.38 -34.41 -20.16
CA LEU C 1349 -30.63 -33.13 -19.50
C LEU C 1349 -31.90 -32.48 -20.03
N ARG C 1350 -32.13 -32.55 -21.33
CA ARG C 1350 -33.33 -31.94 -21.89
C ARG C 1350 -34.59 -32.61 -21.35
N HIS C 1351 -34.59 -33.93 -21.29
CA HIS C 1351 -35.77 -34.64 -20.79
C HIS C 1351 -36.04 -34.30 -19.33
N GLU C 1352 -35.00 -34.29 -18.50
CA GLU C 1352 -35.23 -33.97 -17.10
C GLU C 1352 -35.73 -32.54 -16.93
N GLN C 1353 -35.22 -31.60 -17.74
CA GLN C 1353 -35.69 -30.23 -17.60
C GLN C 1353 -37.13 -30.10 -18.04
N ASN C 1354 -37.52 -30.79 -19.11
CA ASN C 1354 -38.92 -30.79 -19.51
C ASN C 1354 -39.80 -31.28 -18.37
N PHE C 1355 -39.45 -32.42 -17.77
CA PHE C 1355 -40.26 -32.95 -16.68
C PHE C 1355 -40.37 -31.96 -15.54
N ALA C 1356 -39.24 -31.38 -15.14
CA ALA C 1356 -39.26 -30.46 -14.00
C ALA C 1356 -40.19 -29.30 -14.28
N ASP C 1357 -40.04 -28.69 -15.46
CA ASP C 1357 -40.86 -27.53 -15.79
C ASP C 1357 -42.33 -27.88 -15.85
N ARG C 1358 -42.67 -29.10 -16.24
CA ARG C 1358 -44.09 -29.39 -16.36
C ARG C 1358 -44.73 -29.83 -15.05
N PHE C 1359 -44.02 -30.54 -14.18
CA PHE C 1359 -44.66 -31.13 -13.01
C PHE C 1359 -44.00 -30.75 -11.69
N LEU C 1360 -43.31 -29.63 -11.60
CA LEU C 1360 -42.86 -29.29 -10.26
C LEU C 1360 -42.88 -27.78 -10.08
N PRO C 1361 -43.75 -27.26 -9.23
CA PRO C 1361 -44.00 -25.82 -9.21
C PRO C 1361 -42.91 -24.97 -8.56
N ASP C 1362 -42.42 -25.39 -7.41
CA ASP C 1362 -41.47 -24.58 -6.68
C ASP C 1362 -40.12 -24.59 -7.38
N ASP C 1363 -39.57 -23.40 -7.61
CA ASP C 1363 -38.23 -23.30 -8.16
C ASP C 1363 -37.23 -24.04 -7.29
N GLU C 1364 -37.45 -24.05 -5.97
CA GLU C 1364 -36.58 -24.81 -5.09
C GLU C 1364 -36.69 -26.30 -5.38
N ALA C 1365 -37.90 -26.79 -5.63
CA ALA C 1365 -38.07 -28.20 -5.97
C ALA C 1365 -37.32 -28.54 -7.26
N ALA C 1366 -37.47 -27.68 -8.28
CA ALA C 1366 -36.76 -27.90 -9.53
C ALA C 1366 -35.26 -27.95 -9.30
N GLN C 1367 -34.73 -27.00 -8.53
CA GLN C 1367 -33.30 -26.96 -8.31
C GLN C 1367 -32.82 -28.20 -7.58
N ALA C 1368 -33.62 -28.70 -6.64
CA ALA C 1368 -33.24 -29.91 -5.93
C ALA C 1368 -33.15 -31.10 -6.88
N LEU C 1369 -34.19 -31.29 -7.71
CA LEU C 1369 -34.17 -32.40 -8.66
C LEU C 1369 -32.97 -32.29 -9.59
N GLY C 1370 -32.70 -31.08 -10.07
CA GLY C 1370 -31.60 -30.91 -11.01
C GLY C 1370 -30.26 -31.21 -10.39
N LYS C 1371 -30.03 -30.72 -9.17
CA LYS C 1371 -28.78 -31.01 -8.50
C LYS C 1371 -28.62 -32.51 -8.29
N THR C 1372 -29.70 -33.20 -7.96
CA THR C 1372 -29.60 -34.64 -7.78
C THR C 1372 -29.21 -35.33 -9.08
N CYS C 1373 -29.92 -35.00 -10.17
CA CYS C 1373 -29.62 -35.61 -11.46
C CYS C 1373 -28.17 -35.36 -11.88
N TRP C 1374 -27.72 -34.12 -11.76
CA TRP C 1374 -26.35 -33.81 -12.13
C TRP C 1374 -25.37 -34.60 -11.27
N GLU C 1375 -25.37 -34.35 -9.97
CA GLU C 1375 -24.41 -35.02 -9.10
C GLU C 1375 -24.56 -36.53 -9.12
N ALA C 1376 -25.59 -37.07 -9.75
CA ALA C 1376 -25.68 -38.51 -9.84
C ALA C 1376 -25.10 -39.04 -11.15
N LEU C 1377 -25.30 -38.32 -12.25
CA LEU C 1377 -24.86 -38.82 -13.55
C LEU C 1377 -23.49 -38.31 -13.96
N VAL C 1378 -23.25 -37.01 -13.83
CA VAL C 1378 -22.04 -36.43 -14.39
C VAL C 1378 -20.83 -36.54 -13.48
N SER C 1379 -21.03 -36.77 -12.19
CA SER C 1379 -19.86 -36.83 -11.30
C SER C 1379 -19.10 -38.14 -11.41
N PRO C 1380 -19.73 -39.32 -11.29
CA PRO C 1380 -18.96 -40.55 -11.47
C PRO C 1380 -18.48 -40.73 -12.90
N LEU C 1381 -19.22 -40.24 -13.88
CA LEU C 1381 -18.75 -40.29 -15.26
C LEU C 1381 -17.42 -39.57 -15.41
N VAL C 1382 -17.31 -38.39 -14.82
CA VAL C 1382 -16.05 -37.64 -14.87
C VAL C 1382 -14.98 -38.41 -14.11
N GLN C 1383 -15.25 -38.74 -12.84
CA GLN C 1383 -14.24 -39.42 -12.05
C GLN C 1383 -13.84 -40.75 -12.63
N ASN C 1384 -14.55 -41.24 -13.65
CA ASN C 1384 -14.19 -42.47 -14.32
C ASN C 1384 -13.42 -42.23 -15.61
N ILE C 1385 -13.89 -41.32 -16.47
CA ILE C 1385 -13.19 -41.06 -17.72
C ILE C 1385 -11.91 -40.29 -17.53
N THR C 1386 -11.68 -39.71 -16.34
CA THR C 1386 -10.43 -39.01 -16.11
C THR C 1386 -9.60 -39.69 -15.05
N SER C 1387 -9.48 -41.01 -15.11
CA SER C 1387 -8.71 -41.78 -14.15
C SER C 1387 -7.63 -42.56 -14.88
N PRO C 1388 -6.37 -42.44 -14.47
CA PRO C 1388 -5.29 -42.99 -15.29
C PRO C 1388 -5.28 -44.50 -15.31
N ASP C 1389 -4.91 -45.04 -16.47
CA ASP C 1389 -4.74 -46.47 -16.63
C ASP C 1389 -3.38 -46.88 -16.07
N ALA C 1390 -2.96 -48.11 -16.34
CA ALA C 1390 -1.66 -48.57 -15.86
C ALA C 1390 -0.53 -47.82 -16.56
N GLU C 1391 -0.65 -47.63 -17.87
CA GLU C 1391 0.36 -46.86 -18.59
C GLU C 1391 0.31 -45.39 -18.20
N GLY C 1392 -0.89 -44.83 -18.07
CA GLY C 1392 -1.03 -43.46 -17.60
C GLY C 1392 -1.79 -42.52 -18.52
N VAL C 1393 -2.66 -43.07 -19.35
CA VAL C 1393 -3.41 -42.27 -20.32
C VAL C 1393 -4.88 -42.48 -20.03
N SER C 1394 -5.56 -41.43 -19.56
CA SER C 1394 -6.99 -41.48 -19.36
C SER C 1394 -7.71 -41.16 -20.66
N ALA C 1395 -9.03 -41.34 -20.66
CA ALA C 1395 -9.80 -41.09 -21.87
C ALA C 1395 -9.80 -39.61 -22.23
N LEU C 1396 -10.12 -38.76 -21.26
CA LEU C 1396 -10.10 -37.33 -21.52
C LEU C 1396 -8.69 -36.83 -21.78
N GLY C 1397 -7.70 -37.42 -21.10
CA GLY C 1397 -6.32 -37.07 -21.42
C GLY C 1397 -5.98 -37.37 -22.86
N TRP C 1398 -6.40 -38.53 -23.35
CA TRP C 1398 -6.14 -38.88 -24.74
C TRP C 1398 -6.85 -37.92 -25.68
N LEU C 1399 -8.09 -37.57 -25.35
CA LEU C 1399 -8.83 -36.67 -26.21
C LEU C 1399 -8.16 -35.31 -26.31
N LEU C 1400 -7.75 -34.76 -25.18
CA LEU C 1400 -7.15 -33.43 -25.19
C LEU C 1400 -5.78 -33.45 -25.85
N ASP C 1401 -5.02 -34.51 -25.64
CA ASP C 1401 -3.74 -34.63 -26.33
C ASP C 1401 -3.93 -34.66 -27.83
N GLN C 1402 -4.91 -35.42 -28.31
CA GLN C 1402 -5.15 -35.47 -29.74
C GLN C 1402 -5.62 -34.12 -30.26
N TYR C 1403 -6.41 -33.41 -29.48
CA TYR C 1403 -6.83 -32.06 -29.87
C TYR C 1403 -5.63 -31.17 -30.09
N LEU C 1404 -4.75 -31.09 -29.09
CA LEU C 1404 -3.57 -30.24 -29.19
C LEU C 1404 -2.65 -30.69 -30.33
N GLU C 1405 -2.57 -31.99 -30.59
CA GLU C 1405 -1.67 -32.45 -31.63
C GLU C 1405 -2.21 -32.13 -33.02
N GLN C 1406 -3.51 -32.31 -33.23
CA GLN C 1406 -4.11 -32.02 -34.52
C GLN C 1406 -4.56 -30.57 -34.66
N ARG C 1407 -4.23 -29.72 -33.69
CA ARG C 1407 -4.69 -28.33 -33.75
C ARG C 1407 -4.11 -27.60 -34.96
N GLU C 1408 -2.88 -27.92 -35.34
CA GLU C 1408 -2.23 -27.18 -36.42
C GLU C 1408 -2.97 -27.37 -37.74
N THR C 1409 -3.30 -28.61 -38.07
CA THR C 1409 -3.98 -28.93 -39.32
C THR C 1409 -5.48 -28.78 -39.25
N SER C 1410 -5.97 -28.00 -38.30
CA SER C 1410 -7.41 -27.79 -38.15
C SER C 1410 -7.84 -26.42 -38.64
N ARG C 1411 -7.16 -25.89 -39.64
CA ARG C 1411 -7.54 -24.60 -40.19
C ARG C 1411 -8.44 -24.73 -41.41
N ASN C 1412 -8.28 -25.76 -42.21
CA ASN C 1412 -9.14 -25.98 -43.36
C ASN C 1412 -10.54 -26.30 -42.89
N PRO C 1413 -11.50 -25.39 -43.03
CA PRO C 1413 -12.80 -25.58 -42.38
C PRO C 1413 -13.61 -26.71 -42.97
N LEU C 1414 -13.01 -27.51 -43.85
CA LEU C 1414 -13.61 -28.74 -44.36
C LEU C 1414 -12.55 -29.82 -44.30
N SER C 1415 -12.47 -30.51 -43.17
CA SER C 1415 -11.54 -31.62 -42.97
C SER C 1415 -11.92 -32.33 -41.68
N ARG C 1416 -11.32 -33.49 -41.47
CA ARG C 1416 -11.66 -34.29 -40.30
C ARG C 1416 -11.23 -33.60 -39.02
N ALA C 1417 -10.12 -32.86 -39.06
CA ALA C 1417 -9.62 -32.19 -37.86
C ALA C 1417 -10.60 -31.12 -37.39
N ALA C 1418 -11.27 -30.45 -38.31
CA ALA C 1418 -12.23 -29.42 -37.92
C ALA C 1418 -13.35 -30.03 -37.10
N SER C 1419 -13.91 -31.15 -37.56
CA SER C 1419 -14.97 -31.81 -36.83
C SER C 1419 -14.48 -32.31 -35.47
N PHE C 1420 -13.30 -32.92 -35.45
CA PHE C 1420 -12.75 -33.39 -34.18
C PHE C 1420 -12.64 -32.25 -33.17
N ALA C 1421 -12.10 -31.13 -33.61
CA ALA C 1421 -11.93 -30.00 -32.71
C ALA C 1421 -13.27 -29.48 -32.22
N SER C 1422 -14.25 -29.37 -33.11
CA SER C 1422 -15.55 -28.88 -32.69
C SER C 1422 -16.17 -29.78 -31.63
N ARG C 1423 -16.05 -31.09 -31.83
CA ARG C 1423 -16.65 -32.01 -30.87
C ARG C 1423 -15.99 -31.90 -29.52
N VAL C 1424 -14.67 -31.88 -29.48
CA VAL C 1424 -13.98 -31.76 -28.20
C VAL C 1424 -14.38 -30.47 -27.50
N ARG C 1425 -14.44 -29.38 -28.24
CA ARG C 1425 -14.78 -28.10 -27.65
C ARG C 1425 -16.15 -28.15 -26.99
N ARG C 1426 -17.14 -28.66 -27.71
CA ARG C 1426 -18.49 -28.68 -27.17
C ARG C 1426 -18.58 -29.58 -25.95
N LEU C 1427 -17.93 -30.73 -26.00
CA LEU C 1427 -17.99 -31.64 -24.85
C LEU C 1427 -17.43 -31.00 -23.61
N CYS C 1428 -16.28 -30.34 -23.73
CA CYS C 1428 -15.67 -29.76 -22.53
C CYS C 1428 -16.51 -28.61 -21.99
N HIS C 1429 -17.01 -27.75 -22.88
CA HIS C 1429 -17.87 -26.67 -22.41
C HIS C 1429 -19.07 -27.22 -21.66
N LEU C 1430 -19.64 -28.31 -22.15
CA LEU C 1430 -20.77 -28.92 -21.44
C LEU C 1430 -20.35 -29.42 -20.08
N LEU C 1431 -19.23 -30.11 -20.00
CA LEU C 1431 -18.82 -30.66 -18.71
C LEU C 1431 -18.55 -29.59 -17.67
N VAL C 1432 -18.24 -28.37 -18.10
CA VAL C 1432 -17.94 -27.30 -17.13
C VAL C 1432 -19.05 -26.28 -17.03
N HIS C 1433 -20.14 -26.43 -17.78
CA HIS C 1433 -21.19 -25.42 -17.82
C HIS C 1433 -21.95 -25.19 -16.53
N VAL C 1434 -21.55 -25.85 -15.43
CA VAL C 1434 -22.31 -25.75 -14.19
C VAL C 1434 -21.39 -25.40 -13.04
N GLU C 1435 -20.14 -25.07 -13.34
CA GLU C 1435 -19.19 -24.69 -12.32
C GLU C 1435 -19.57 -23.34 -11.73
N PRO C 1436 -18.93 -22.94 -10.63
CA PRO C 1436 -19.32 -21.66 -10.04
C PRO C 1436 -18.87 -20.47 -10.87
N PRO C 1467 -14.99 -25.65 -4.88
CA PRO C 1467 -14.30 -26.65 -5.69
C PRO C 1467 -15.07 -27.96 -5.75
N SER C 1468 -15.87 -28.14 -6.80
CA SER C 1468 -16.65 -29.36 -6.96
C SER C 1468 -15.73 -30.56 -7.16
N SER C 1469 -16.32 -31.74 -7.23
CA SER C 1469 -15.56 -32.95 -7.50
C SER C 1469 -15.43 -33.25 -8.98
N SER C 1470 -15.93 -32.37 -9.84
CA SER C 1470 -15.73 -32.50 -11.27
C SER C 1470 -14.67 -31.54 -11.80
N LEU C 1471 -14.74 -30.28 -11.40
CA LEU C 1471 -13.74 -29.32 -11.83
C LEU C 1471 -12.36 -29.73 -11.34
N ARG C 1472 -12.28 -30.35 -10.17
CA ARG C 1472 -10.98 -30.76 -9.65
C ARG C 1472 -10.36 -31.84 -10.53
N ASN C 1473 -11.14 -32.84 -10.89
CA ASN C 1473 -10.62 -33.90 -11.75
C ASN C 1473 -10.23 -33.35 -13.11
N ILE C 1474 -11.05 -32.47 -13.68
CA ILE C 1474 -10.73 -31.94 -15.00
C ILE C 1474 -9.48 -31.08 -14.94
N THR C 1475 -9.31 -30.33 -13.84
CA THR C 1475 -8.10 -29.52 -13.68
C THR C 1475 -6.86 -30.39 -13.62
N GLN C 1476 -6.91 -31.47 -12.83
CA GLN C 1476 -5.74 -32.35 -12.79
C GLN C 1476 -5.46 -32.97 -14.15
N CYS C 1477 -6.51 -33.26 -14.92
CA CYS C 1477 -6.28 -33.83 -16.25
C CYS C 1477 -5.58 -32.82 -17.16
N TRP C 1478 -6.01 -31.57 -17.12
CA TRP C 1478 -5.35 -30.54 -17.93
C TRP C 1478 -3.90 -30.39 -17.52
N LEU C 1479 -3.64 -30.41 -16.22
CA LEU C 1479 -2.26 -30.33 -15.74
C LEU C 1479 -1.42 -31.47 -16.30
N SER C 1480 -1.96 -32.68 -16.31
CA SER C 1480 -1.19 -33.80 -16.80
C SER C 1480 -0.89 -33.67 -18.29
N VAL C 1481 -1.88 -33.25 -19.08
CA VAL C 1481 -1.66 -33.08 -20.51
C VAL C 1481 -0.57 -32.06 -20.77
N VAL C 1482 -0.65 -30.90 -20.10
CA VAL C 1482 0.34 -29.85 -20.30
C VAL C 1482 1.72 -30.33 -19.90
N GLN C 1483 1.81 -31.05 -18.78
CA GLN C 1483 3.10 -31.51 -18.31
C GLN C 1483 3.73 -32.47 -19.32
N GLU C 1484 2.94 -33.39 -19.86
CA GLU C 1484 3.49 -34.30 -20.85
C GLU C 1484 4.00 -33.56 -22.08
N GLN C 1485 3.22 -32.59 -22.57
CA GLN C 1485 3.64 -31.85 -23.75
C GLN C 1485 4.95 -31.12 -23.52
N VAL C 1486 5.05 -30.41 -22.39
CA VAL C 1486 6.24 -29.62 -22.12
C VAL C 1486 7.43 -30.53 -21.87
N SER C 1487 7.22 -31.66 -21.22
CA SER C 1487 8.33 -32.57 -20.99
C SER C 1487 8.87 -33.11 -22.31
N ARG C 1488 7.98 -33.47 -23.21
CA ARG C 1488 8.41 -33.90 -24.54
C ARG C 1488 9.25 -32.82 -25.19
N PHE C 1489 8.75 -31.58 -25.19
CA PHE C 1489 9.48 -30.51 -25.85
C PHE C 1489 10.86 -30.29 -25.24
N LEU C 1490 10.92 -30.20 -23.91
CA LEU C 1490 12.18 -29.93 -23.24
C LEU C 1490 13.19 -31.03 -23.54
N ALA C 1491 12.81 -32.28 -23.31
CA ALA C 1491 13.73 -33.37 -23.61
C ALA C 1491 14.09 -33.41 -25.08
N ALA C 1492 13.27 -32.84 -25.95
CA ALA C 1492 13.58 -32.86 -27.37
C ALA C 1492 14.64 -31.82 -27.71
N ALA C 1493 14.38 -30.55 -27.44
CA ALA C 1493 15.23 -29.46 -27.92
C ALA C 1493 15.60 -28.53 -26.77
N TRP C 1494 16.63 -28.91 -26.03
CA TRP C 1494 17.26 -28.04 -25.05
C TRP C 1494 18.63 -27.57 -25.51
N ARG C 1495 19.00 -27.87 -26.75
CA ARG C 1495 20.31 -27.54 -27.29
C ARG C 1495 20.26 -26.47 -28.37
N ALA C 1496 19.27 -26.52 -29.25
CA ALA C 1496 19.24 -25.62 -30.39
C ALA C 1496 19.19 -24.17 -29.92
N PRO C 1497 19.74 -23.25 -30.70
CA PRO C 1497 19.71 -21.84 -30.32
C PRO C 1497 18.36 -21.18 -30.45
N ASP C 1498 17.30 -21.95 -30.71
CA ASP C 1498 15.95 -21.42 -30.76
C ASP C 1498 15.15 -21.79 -29.51
N PHE C 1499 15.84 -22.18 -28.44
CA PHE C 1499 15.16 -22.78 -27.30
C PHE C 1499 14.15 -21.84 -26.67
N VAL C 1500 14.56 -20.62 -26.35
CA VAL C 1500 13.69 -19.69 -25.64
C VAL C 1500 12.53 -19.22 -26.51
N PRO C 1501 12.74 -18.85 -27.78
CA PRO C 1501 11.59 -18.50 -28.61
C PRO C 1501 10.59 -19.62 -28.75
N ARG C 1502 11.05 -20.86 -28.95
CA ARG C 1502 10.10 -21.95 -29.09
C ARG C 1502 9.40 -22.26 -27.77
N TYR C 1503 10.10 -22.08 -26.65
CA TYR C 1503 9.47 -22.22 -25.35
C TYR C 1503 8.31 -21.25 -25.20
N CYS C 1504 8.54 -19.98 -25.55
CA CYS C 1504 7.48 -18.98 -25.38
C CYS C 1504 6.33 -19.21 -26.36
N LYS C 1505 6.64 -19.64 -27.58
CA LYS C 1505 5.57 -19.96 -28.52
C LYS C 1505 4.72 -21.11 -28.01
N LEU C 1506 5.36 -22.12 -27.41
CA LEU C 1506 4.58 -23.21 -26.82
C LEU C 1506 3.69 -22.72 -25.71
N TYR C 1507 4.20 -21.82 -24.87
CA TYR C 1507 3.38 -21.28 -23.80
C TYR C 1507 2.14 -20.60 -24.35
N GLU C 1508 2.32 -19.74 -25.35
CA GLU C 1508 1.16 -19.03 -25.91
C GLU C 1508 0.17 -20.00 -26.54
N HIS C 1509 0.68 -21.00 -27.26
CA HIS C 1509 -0.19 -21.99 -27.89
C HIS C 1509 -1.04 -22.71 -26.86
N LEU C 1510 -0.40 -23.25 -25.83
CA LEU C 1510 -1.16 -23.99 -24.83
C LEU C 1510 -2.13 -23.09 -24.08
N GLN C 1511 -1.77 -21.84 -23.83
CA GLN C 1511 -2.68 -20.96 -23.10
C GLN C 1511 -3.94 -20.67 -23.92
N ARG C 1512 -3.76 -20.33 -25.19
CA ARG C 1512 -4.92 -20.08 -26.03
C ARG C 1512 -5.78 -21.34 -26.17
N ALA C 1513 -5.14 -22.51 -26.25
CA ALA C 1513 -5.90 -23.73 -26.36
C ALA C 1513 -6.74 -23.98 -25.12
N GLY C 1514 -6.13 -23.81 -23.94
CA GLY C 1514 -6.88 -23.98 -22.72
C GLY C 1514 -8.05 -23.02 -22.63
N SER C 1515 -7.86 -21.78 -23.07
CA SER C 1515 -8.95 -20.82 -23.04
C SER C 1515 -10.08 -21.24 -23.96
N GLU C 1516 -9.75 -21.62 -25.19
CA GLU C 1516 -10.81 -21.98 -26.12
C GLU C 1516 -11.48 -23.31 -25.78
N LEU C 1517 -10.85 -24.13 -24.95
CA LEU C 1517 -11.49 -25.36 -24.52
C LEU C 1517 -12.39 -25.14 -23.30
N PHE C 1518 -11.83 -24.59 -22.23
CA PHE C 1518 -12.54 -24.54 -20.97
C PHE C 1518 -13.09 -23.18 -20.62
N GLY C 1519 -13.06 -22.22 -21.54
CA GLY C 1519 -13.46 -20.87 -21.21
C GLY C 1519 -12.45 -20.21 -20.31
N PRO C 1520 -12.49 -18.89 -20.22
CA PRO C 1520 -11.49 -18.18 -19.42
C PRO C 1520 -11.69 -18.36 -17.93
N ARG C 1521 -10.86 -19.17 -17.29
CA ARG C 1521 -10.98 -19.43 -15.87
C ARG C 1521 -9.61 -19.37 -15.23
N ALA C 1522 -9.60 -19.18 -13.92
CA ALA C 1522 -8.34 -18.98 -13.22
C ALA C 1522 -7.70 -20.30 -12.82
N ALA C 1523 -8.51 -21.28 -12.44
CA ALA C 1523 -7.96 -22.56 -12.04
C ALA C 1523 -7.18 -23.20 -13.18
N PHE C 1524 -7.60 -22.97 -14.40
CA PHE C 1524 -6.91 -23.59 -15.52
C PHE C 1524 -5.60 -22.89 -15.85
N MET C 1525 -5.53 -21.57 -15.65
CA MET C 1525 -4.24 -20.90 -15.78
C MET C 1525 -3.28 -21.37 -14.71
N LEU C 1526 -3.77 -21.55 -13.48
CA LEU C 1526 -2.95 -22.14 -12.44
C LEU C 1526 -2.47 -23.53 -12.84
N ALA C 1527 -3.35 -24.31 -13.46
CA ALA C 1527 -2.96 -25.64 -13.90
C ALA C 1527 -1.86 -25.58 -14.93
N LEU C 1528 -1.94 -24.63 -15.86
CA LEU C 1528 -0.90 -24.46 -16.86
C LEU C 1528 0.44 -24.15 -16.21
N ARG C 1529 0.44 -23.18 -15.30
CA ARG C 1529 1.69 -22.83 -14.64
C ARG C 1529 2.26 -24.01 -13.87
N SER C 1530 1.40 -24.78 -13.21
CA SER C 1530 1.89 -25.93 -12.45
C SER C 1530 2.46 -26.99 -13.36
N GLY C 1531 1.84 -27.20 -14.51
CA GLY C 1531 2.37 -28.17 -15.44
C GLY C 1531 3.75 -27.79 -15.95
N PHE C 1532 3.91 -26.52 -16.31
CA PHE C 1532 5.22 -26.07 -16.78
C PHE C 1532 6.26 -26.23 -15.68
N SER C 1533 5.92 -25.83 -14.46
CA SER C 1533 6.88 -25.92 -13.37
C SER C 1533 7.28 -27.37 -13.11
N GLY C 1534 6.32 -28.28 -13.16
CA GLY C 1534 6.65 -29.67 -12.95
C GLY C 1534 7.54 -30.23 -14.03
N ALA C 1535 7.25 -29.88 -15.28
CA ALA C 1535 8.11 -30.36 -16.36
C ALA C 1535 9.53 -29.84 -16.19
N LEU C 1536 9.67 -28.59 -15.71
CA LEU C 1536 11.00 -28.07 -15.47
C LEU C 1536 11.70 -28.86 -14.38
N LEU C 1537 11.00 -29.10 -13.26
CA LEU C 1537 11.64 -29.77 -12.13
C LEU C 1537 12.08 -31.17 -12.49
N GLN C 1538 11.27 -31.89 -13.26
CA GLN C 1538 11.65 -33.25 -13.62
C GLN C 1538 12.78 -33.24 -14.63
N GLN C 1539 13.96 -32.76 -14.24
CA GLN C 1539 15.08 -32.67 -15.16
C GLN C 1539 16.37 -32.90 -14.38
N SER C 1540 17.47 -33.01 -15.11
CA SER C 1540 18.78 -33.20 -14.51
C SER C 1540 19.50 -31.88 -14.33
N PHE C 1541 20.62 -31.93 -13.62
CA PHE C 1541 21.26 -30.69 -13.18
C PHE C 1541 22.00 -29.99 -14.30
N LEU C 1542 22.76 -30.72 -15.11
CA LEU C 1542 23.45 -30.06 -16.23
C LEU C 1542 22.45 -29.43 -17.17
N THR C 1543 21.33 -30.10 -17.42
CA THR C 1543 20.31 -29.54 -18.31
C THR C 1543 19.64 -28.33 -17.69
N ALA C 1544 19.39 -28.36 -16.39
CA ALA C 1544 18.83 -27.18 -15.73
C ALA C 1544 19.79 -25.99 -15.85
N ALA C 1545 21.08 -26.23 -15.67
CA ALA C 1545 22.05 -25.15 -15.80
C ALA C 1545 22.07 -24.58 -17.21
N HIS C 1546 22.02 -25.46 -18.21
CA HIS C 1546 22.02 -24.98 -19.58
C HIS C 1546 20.78 -24.15 -19.87
N MET C 1547 19.63 -24.60 -19.38
CA MET C 1547 18.40 -23.83 -19.60
C MET C 1547 18.49 -22.46 -18.95
N SER C 1548 19.04 -22.39 -17.74
CA SER C 1548 19.15 -21.10 -17.07
C SER C 1548 20.06 -20.16 -17.84
N GLU C 1549 21.21 -20.65 -18.29
CA GLU C 1549 22.10 -19.81 -19.06
C GLU C 1549 21.43 -19.33 -20.33
N GLN C 1550 20.60 -20.17 -20.93
CA GLN C 1550 19.90 -19.78 -22.15
C GLN C 1550 18.94 -18.63 -21.88
N PHE C 1551 18.17 -18.74 -20.80
CA PHE C 1551 17.22 -17.66 -20.48
C PHE C 1551 17.96 -16.35 -20.28
N ALA C 1552 19.05 -16.38 -19.51
CA ALA C 1552 19.80 -15.16 -19.25
C ALA C 1552 20.36 -14.56 -20.54
N ARG C 1553 20.92 -15.39 -21.41
CA ARG C 1553 21.47 -14.87 -22.64
C ARG C 1553 20.39 -14.27 -23.53
N TYR C 1554 19.20 -14.88 -23.55
CA TYR C 1554 18.12 -14.32 -24.34
C TYR C 1554 17.74 -12.94 -23.85
N ILE C 1555 17.58 -12.79 -22.54
CA ILE C 1555 17.24 -11.48 -22.00
C ILE C 1555 18.31 -10.46 -22.38
N ASP C 1556 19.59 -10.83 -22.24
CA ASP C 1556 20.65 -9.88 -22.52
C ASP C 1556 20.66 -9.47 -23.99
N GLN C 1557 20.51 -10.42 -24.89
CA GLN C 1557 20.54 -10.10 -26.31
C GLN C 1557 19.39 -9.18 -26.67
N GLN C 1558 18.20 -9.46 -26.15
CA GLN C 1558 17.06 -8.60 -26.45
C GLN C 1558 17.28 -7.20 -25.94
N ILE C 1559 17.79 -7.04 -24.72
CA ILE C 1559 17.99 -5.71 -24.17
C ILE C 1559 19.00 -4.94 -25.00
N GLN C 1560 20.13 -5.57 -25.32
CA GLN C 1560 21.15 -4.88 -26.09
C GLN C 1560 20.63 -4.47 -27.46
N GLY C 1561 19.96 -5.38 -28.15
CA GLY C 1561 19.42 -5.03 -29.46
C GLY C 1561 18.43 -3.89 -29.37
N GLY C 1562 17.50 -3.98 -28.42
CA GLY C 1562 16.50 -2.94 -28.30
C GLY C 1562 17.08 -1.58 -28.01
N LEU C 1563 18.17 -1.54 -27.24
CA LEU C 1563 18.79 -0.24 -26.99
C LEU C 1563 19.52 0.26 -28.22
N ILE C 1564 20.25 -0.60 -28.90
CA ILE C 1564 21.16 -0.14 -29.94
C ILE C 1564 20.46 0.08 -31.27
N GLY C 1565 19.79 -0.93 -31.80
CA GLY C 1565 19.19 -0.82 -33.11
C GLY C 1565 18.07 0.20 -33.20
N GLY C 1566 17.53 0.40 -34.40
CA GLY C 1566 16.47 1.36 -34.59
C GLY C 1566 15.09 0.75 -34.62
N ALA C 1567 14.43 0.80 -35.78
CA ALA C 1567 13.12 0.19 -35.91
C ALA C 1567 13.12 -1.30 -35.56
N PRO C 1568 14.10 -2.11 -36.00
CA PRO C 1568 14.15 -3.49 -35.50
C PRO C 1568 14.19 -3.58 -33.99
N GLY C 1569 14.91 -2.68 -33.33
CA GLY C 1569 14.99 -2.75 -31.88
C GLY C 1569 13.68 -2.41 -31.21
N VAL C 1570 13.01 -1.36 -31.70
CA VAL C 1570 11.71 -1.02 -31.13
C VAL C 1570 10.71 -2.12 -31.41
N GLU C 1571 10.95 -2.93 -32.43
CA GLU C 1571 10.11 -4.12 -32.62
C GLU C 1571 10.45 -5.22 -31.63
N MET C 1572 11.75 -5.44 -31.38
CA MET C 1572 12.16 -6.52 -30.48
C MET C 1572 11.72 -6.28 -29.06
N LEU C 1573 11.67 -5.03 -28.61
CA LEU C 1573 11.36 -4.79 -27.21
C LEU C 1573 9.94 -5.21 -26.87
N GLY C 1574 9.02 -5.13 -27.83
CA GLY C 1574 7.66 -5.58 -27.56
C GLY C 1574 7.58 -7.09 -27.41
N GLN C 1575 8.28 -7.83 -28.27
CA GLN C 1575 8.34 -9.28 -28.10
C GLN C 1575 8.96 -9.63 -26.76
N LEU C 1576 9.99 -8.89 -26.36
CA LEU C 1576 10.60 -9.14 -25.06
C LEU C 1576 9.59 -8.95 -23.95
N GLN C 1577 8.82 -7.88 -24.02
CA GLN C 1577 7.81 -7.63 -22.99
C GLN C 1577 6.81 -8.77 -22.94
N ARG C 1578 6.41 -9.29 -24.09
CA ARG C 1578 5.49 -10.42 -24.10
C ARG C 1578 6.11 -11.64 -23.46
N HIS C 1579 7.39 -11.89 -23.71
CA HIS C 1579 7.99 -13.17 -23.37
C HIS C 1579 8.45 -13.29 -21.92
N LEU C 1580 8.17 -12.30 -21.07
CA LEU C 1580 8.65 -12.41 -19.69
C LEU C 1580 7.75 -13.30 -18.85
N GLU C 1581 6.45 -13.36 -19.18
CA GLU C 1581 5.55 -14.22 -18.42
C GLU C 1581 5.90 -15.69 -18.51
N PRO C 1582 6.31 -16.24 -19.65
CA PRO C 1582 6.74 -17.64 -19.66
C PRO C 1582 8.00 -17.88 -18.88
N ILE C 1583 8.77 -16.84 -18.57
CA ILE C 1583 9.99 -17.01 -17.79
C ILE C 1583 9.71 -16.86 -16.30
N MET C 1584 8.69 -16.09 -15.93
CA MET C 1584 8.35 -15.96 -14.53
C MET C 1584 7.98 -17.27 -13.86
N VAL C 1585 7.81 -18.35 -14.62
CA VAL C 1585 7.53 -19.65 -14.02
C VAL C 1585 8.67 -20.16 -13.17
N LEU C 1586 9.85 -19.57 -13.28
CA LEU C 1586 10.98 -19.93 -12.44
C LEU C 1586 10.90 -19.31 -11.06
N SER C 1587 9.86 -18.54 -10.77
CA SER C 1587 9.78 -17.86 -9.48
C SER C 1587 9.52 -18.86 -8.38
N GLY C 1588 10.58 -19.30 -7.71
CA GLY C 1588 10.42 -20.21 -6.60
C GLY C 1588 10.68 -21.65 -6.93
N LEU C 1589 11.77 -21.95 -7.61
CA LEU C 1589 12.18 -23.31 -7.87
C LEU C 1589 13.64 -23.48 -7.49
N GLU C 1590 14.18 -24.66 -7.78
CA GLU C 1590 15.58 -24.93 -7.54
C GLU C 1590 16.48 -24.40 -8.65
N LEU C 1591 15.92 -23.71 -9.65
CA LEU C 1591 16.69 -23.13 -10.72
C LEU C 1591 16.90 -21.63 -10.55
N ALA C 1592 16.12 -20.98 -9.69
CA ALA C 1592 16.21 -19.54 -9.56
C ALA C 1592 17.61 -19.11 -9.16
N THR C 1593 18.30 -19.93 -8.37
CA THR C 1593 19.65 -19.56 -7.95
C THR C 1593 20.60 -19.48 -9.13
N THR C 1594 20.57 -20.48 -10.01
CA THR C 1594 21.47 -20.43 -11.15
C THR C 1594 21.04 -19.38 -12.16
N PHE C 1595 19.75 -19.21 -12.37
CA PHE C 1595 19.27 -18.15 -13.24
C PHE C 1595 19.76 -16.80 -12.77
N GLU C 1596 19.76 -16.57 -11.46
CA GLU C 1596 20.22 -15.31 -10.93
C GLU C 1596 21.73 -15.17 -11.03
N HIS C 1597 22.46 -16.26 -10.75
CA HIS C 1597 23.91 -16.20 -10.83
C HIS C 1597 24.37 -15.90 -12.25
N PHE C 1598 23.59 -16.31 -13.25
CA PHE C 1598 23.95 -15.99 -14.61
C PHE C 1598 23.41 -14.66 -15.08
N TYR C 1599 22.32 -14.17 -14.49
CA TYR C 1599 21.85 -12.84 -14.82
C TYR C 1599 22.80 -11.77 -14.30
N GLN C 1600 23.43 -12.03 -13.15
CA GLN C 1600 24.40 -11.08 -12.59
C GLN C 1600 25.51 -10.80 -13.58
N HIS C 1601 26.10 -11.85 -14.13
CA HIS C 1601 27.25 -11.71 -15.01
C HIS C 1601 26.95 -10.78 -16.17
N TYR C 1602 25.79 -10.92 -16.78
CA TYR C 1602 25.49 -10.12 -17.95
C TYR C 1602 25.03 -8.71 -17.58
N MET C 1603 24.31 -8.57 -16.46
CA MET C 1603 23.94 -7.23 -16.04
C MET C 1603 25.18 -6.40 -15.73
N ALA C 1604 26.24 -7.02 -15.24
CA ALA C 1604 27.45 -6.27 -14.95
C ALA C 1604 28.02 -5.62 -16.20
N ASP C 1605 28.20 -6.40 -17.26
CA ASP C 1605 28.76 -5.86 -18.49
C ASP C 1605 27.84 -4.83 -19.11
N ARG C 1606 26.53 -5.05 -19.05
CA ARG C 1606 25.62 -4.04 -19.57
C ARG C 1606 25.74 -2.73 -18.81
N LEU C 1607 25.82 -2.80 -17.49
CA LEU C 1607 25.86 -1.59 -16.69
C LEU C 1607 27.19 -0.87 -16.78
N LEU C 1608 28.26 -1.57 -17.12
CA LEU C 1608 29.54 -0.90 -17.30
C LEU C 1608 29.88 -0.59 -18.75
N SER C 1609 29.01 -0.97 -19.69
CA SER C 1609 29.12 -0.49 -21.06
C SER C 1609 28.16 0.64 -21.38
N PHE C 1610 26.91 0.55 -20.91
CA PHE C 1610 25.96 1.65 -20.94
C PHE C 1610 25.46 1.90 -19.53
N GLY C 1611 24.73 2.98 -19.36
CA GLY C 1611 24.27 3.37 -18.04
C GLY C 1611 23.07 2.59 -17.57
N SER C 1612 22.66 2.87 -16.33
CA SER C 1612 21.50 2.21 -15.72
C SER C 1612 20.25 2.76 -16.40
N SER C 1613 19.98 2.25 -17.59
CA SER C 1613 18.94 2.80 -18.43
C SER C 1613 17.56 2.52 -17.83
N TRP C 1614 16.53 2.91 -18.57
CA TRP C 1614 15.17 2.58 -18.19
C TRP C 1614 14.90 1.09 -18.35
N LEU C 1615 15.60 0.45 -19.29
CA LEU C 1615 15.26 -0.92 -19.65
C LEU C 1615 15.51 -1.86 -18.49
N GLU C 1616 16.63 -1.69 -17.79
CA GLU C 1616 16.93 -2.59 -16.68
C GLU C 1616 15.92 -2.41 -15.57
N GLY C 1617 15.54 -1.17 -15.28
CA GLY C 1617 14.55 -0.93 -14.25
C GLY C 1617 13.20 -1.52 -14.59
N ALA C 1618 12.79 -1.42 -15.86
CA ALA C 1618 11.50 -1.97 -16.25
C ALA C 1618 11.51 -3.50 -16.18
N VAL C 1619 12.55 -4.12 -16.74
CA VAL C 1619 12.64 -5.57 -16.70
C VAL C 1619 12.61 -6.05 -15.26
N LEU C 1620 13.27 -5.35 -14.34
CA LEU C 1620 13.26 -5.80 -12.97
C LEU C 1620 11.92 -5.56 -12.32
N GLU C 1621 11.27 -4.44 -12.59
CA GLU C 1621 9.95 -4.22 -12.03
C GLU C 1621 8.95 -5.26 -12.51
N GLN C 1622 9.24 -5.92 -13.63
CA GLN C 1622 8.37 -7.00 -14.09
C GLN C 1622 8.73 -8.35 -13.48
N ILE C 1623 9.97 -8.79 -13.62
CA ILE C 1623 10.34 -10.15 -13.22
C ILE C 1623 11.19 -10.16 -11.96
N GLY C 1624 10.99 -9.18 -11.08
CA GLY C 1624 11.86 -9.05 -9.93
C GLY C 1624 11.82 -10.25 -9.01
N LEU C 1625 10.62 -10.70 -8.63
CA LEU C 1625 10.50 -11.70 -7.59
C LEU C 1625 11.11 -13.05 -7.97
N CYS C 1626 11.66 -13.20 -9.17
CA CYS C 1626 12.27 -14.46 -9.54
C CYS C 1626 13.67 -14.63 -8.97
N PHE C 1627 14.19 -13.62 -8.29
CA PHE C 1627 15.54 -13.68 -7.75
C PHE C 1627 15.48 -13.84 -6.23
N PRO C 1628 16.12 -14.85 -5.67
CA PRO C 1628 16.01 -15.06 -4.22
C PRO C 1628 16.72 -14.01 -3.41
N ASN C 1629 17.88 -13.52 -3.85
CA ASN C 1629 18.70 -12.63 -3.04
C ASN C 1629 18.64 -11.17 -3.45
N ARG C 1630 17.85 -10.82 -4.47
CA ARG C 1630 17.66 -9.44 -4.88
C ARG C 1630 18.96 -8.78 -5.32
N LEU C 1631 19.87 -9.56 -5.87
CA LEU C 1631 21.17 -9.06 -6.25
C LEU C 1631 21.13 -8.00 -7.35
N PRO C 1632 20.33 -8.18 -8.40
CA PRO C 1632 20.24 -7.11 -9.40
C PRO C 1632 19.70 -5.80 -8.84
N GLN C 1633 18.69 -5.88 -7.98
CA GLN C 1633 18.20 -4.65 -7.34
C GLN C 1633 19.30 -3.99 -6.53
N LEU C 1634 20.12 -4.79 -5.86
CA LEU C 1634 21.19 -4.19 -5.07
C LEU C 1634 22.24 -3.52 -5.96
N MET C 1635 22.50 -4.09 -7.13
CA MET C 1635 23.40 -3.43 -8.07
C MET C 1635 22.86 -2.06 -8.49
N LEU C 1636 21.59 -2.03 -8.88
CA LEU C 1636 20.99 -0.78 -9.30
C LEU C 1636 21.00 0.25 -8.19
N GLN C 1637 20.90 -0.19 -6.93
CA GLN C 1637 20.98 0.77 -5.83
C GLN C 1637 22.41 1.27 -5.64
N SER C 1638 23.39 0.39 -5.86
CA SER C 1638 24.78 0.80 -5.72
C SER C 1638 25.11 1.97 -6.62
N LEU C 1639 24.57 1.97 -7.85
CA LEU C 1639 24.87 3.08 -8.75
C LEU C 1639 24.41 4.42 -8.17
N SER C 1640 23.20 4.47 -7.61
CA SER C 1640 22.70 5.73 -7.05
C SER C 1640 23.50 6.16 -5.83
N THR C 1641 23.89 5.22 -4.98
CA THR C 1641 24.75 5.59 -3.86
C THR C 1641 26.04 6.21 -4.35
N SER C 1642 26.58 5.73 -5.46
CA SER C 1642 27.80 6.33 -5.99
C SER C 1642 27.56 7.78 -6.41
N GLU C 1643 26.41 8.05 -7.02
CA GLU C 1643 26.12 9.44 -7.40
C GLU C 1643 26.08 10.35 -6.17
N GLU C 1644 25.41 9.89 -5.10
CA GLU C 1644 25.39 10.67 -3.87
C GLU C 1644 26.80 10.92 -3.34
N LEU C 1645 27.65 9.90 -3.44
CA LEU C 1645 29.04 10.07 -3.01
C LEU C 1645 29.71 11.19 -3.78
N GLN C 1646 29.44 11.27 -5.08
CA GLN C 1646 30.04 12.34 -5.87
C GLN C 1646 29.65 13.72 -5.34
N ARG C 1647 28.36 13.91 -5.07
CA ARG C 1647 27.92 15.21 -4.54
C ARG C 1647 28.62 15.55 -3.22
N GLN C 1648 28.68 14.57 -2.31
CA GLN C 1648 29.32 14.83 -1.03
C GLN C 1648 30.81 15.12 -1.19
N PHE C 1649 31.47 14.49 -2.15
CA PHE C 1649 32.86 14.79 -2.42
C PHE C 1649 33.04 16.25 -2.82
N HIS C 1650 32.14 16.74 -3.66
CA HIS C 1650 32.20 18.15 -4.04
C HIS C 1650 32.14 19.05 -2.80
N LEU C 1651 31.15 18.82 -1.95
CA LEU C 1651 31.01 19.68 -0.77
C LEU C 1651 32.24 19.57 0.13
N PHE C 1652 32.81 18.38 0.24
CA PHE C 1652 34.01 18.20 1.06
C PHE C 1652 35.16 19.06 0.55
N GLN C 1653 35.37 19.05 -0.76
CA GLN C 1653 36.43 19.88 -1.31
C GLN C 1653 36.21 21.35 -1.00
N LEU C 1654 34.97 21.80 -1.08
CA LEU C 1654 34.70 23.19 -0.74
C LEU C 1654 35.04 23.49 0.71
N GLN C 1655 34.68 22.58 1.62
CA GLN C 1655 34.98 22.82 3.03
C GLN C 1655 36.47 22.91 3.28
N ARG C 1656 37.25 22.01 2.66
CA ARG C 1656 38.69 22.07 2.84
C ARG C 1656 39.25 23.38 2.32
N LEU C 1657 38.78 23.83 1.15
CA LEU C 1657 39.28 25.08 0.62
C LEU C 1657 38.95 26.25 1.53
N ASP C 1658 37.75 26.24 2.12
CA ASP C 1658 37.38 27.33 3.00
C ASP C 1658 38.23 27.33 4.26
N LYS C 1659 38.50 26.16 4.84
CA LYS C 1659 39.37 26.13 6.01
C LYS C 1659 40.75 26.66 5.68
N LEU C 1660 41.29 26.28 4.53
CA LEU C 1660 42.60 26.80 4.15
C LEU C 1660 42.58 28.30 3.99
N PHE C 1661 41.55 28.83 3.32
CA PHE C 1661 41.50 30.28 3.11
C PHE C 1661 41.35 31.02 4.42
N LEU C 1662 40.57 30.47 5.35
CA LEU C 1662 40.39 31.13 6.63
C LEU C 1662 41.67 31.10 7.46
N GLU C 1663 42.38 29.98 7.47
CA GLU C 1663 43.66 29.93 8.15
C GLU C 1663 44.63 30.92 7.55
N GLN C 1664 44.68 31.01 6.22
CA GLN C 1664 45.57 31.96 5.57
C GLN C 1664 45.20 33.39 5.92
N GLU C 1665 43.89 33.69 5.95
CA GLU C 1665 43.47 35.05 6.29
C GLU C 1665 43.82 35.39 7.73
N ASP C 1666 43.64 34.45 8.65
CA ASP C 1666 43.99 34.70 10.03
C ASP C 1666 45.50 34.89 10.19
N GLU C 1667 46.29 34.09 9.47
CA GLU C 1667 47.75 34.23 9.56
C GLU C 1667 48.21 35.55 8.95
N GLU C 1668 47.55 36.01 7.89
CA GLU C 1668 47.90 37.31 7.31
C GLU C 1668 47.47 38.46 8.20
N GLU C 1669 46.36 38.30 8.93
CA GLU C 1669 45.92 39.34 9.85
C GLU C 1669 46.84 39.41 11.06
N LYS C 1670 47.26 38.26 11.58
CA LYS C 1670 48.15 38.22 12.74
C LYS C 1670 49.59 38.53 12.33
N PRO C 1693 40.92 21.42 -20.32
CA PRO C 1693 42.31 20.99 -20.48
C PRO C 1693 42.64 19.74 -19.64
N SER C 1694 41.70 19.31 -18.82
CA SER C 1694 41.86 18.15 -17.97
C SER C 1694 40.64 17.26 -18.08
N PRO C 1695 40.81 15.96 -17.92
CA PRO C 1695 39.67 15.05 -18.03
C PRO C 1695 38.69 15.25 -16.91
N ALA C 1696 37.44 14.88 -17.16
CA ALA C 1696 36.40 14.86 -16.14
C ALA C 1696 36.28 13.42 -15.65
N ILE C 1697 36.74 13.18 -14.42
CA ILE C 1697 36.82 11.85 -13.86
C ILE C 1697 35.67 11.64 -12.89
N SER C 1698 34.91 10.58 -13.10
CA SER C 1698 33.83 10.20 -12.21
C SER C 1698 34.12 8.80 -11.67
N ILE C 1699 34.09 8.65 -10.36
CA ILE C 1699 34.50 7.42 -9.72
C ILE C 1699 33.27 6.65 -9.29
N LEU C 1700 33.31 5.34 -9.47
CA LEU C 1700 32.21 4.45 -9.17
C LEU C 1700 32.64 3.46 -8.11
N VAL C 1701 31.83 3.27 -7.09
CA VAL C 1701 32.16 2.38 -5.98
C VAL C 1701 31.17 1.24 -5.95
N LEU C 1702 31.68 0.01 -5.89
CA LEU C 1702 30.87 -1.19 -5.93
C LEU C 1702 31.00 -1.97 -4.64
N SER C 1703 29.92 -2.60 -4.24
CA SER C 1703 29.92 -3.44 -3.06
C SER C 1703 30.29 -4.85 -3.44
N PRO C 1704 31.29 -5.47 -2.81
CA PRO C 1704 31.76 -6.79 -3.26
C PRO C 1704 30.85 -7.92 -2.86
N ARG C 1705 29.77 -7.64 -2.16
CA ARG C 1705 28.75 -8.63 -1.86
C ARG C 1705 27.65 -8.66 -2.91
N CYS C 1706 27.75 -7.86 -3.95
CA CYS C 1706 26.69 -7.78 -4.95
C CYS C 1706 27.23 -7.89 -6.36
N TRP C 1707 28.45 -7.46 -6.58
CA TRP C 1707 29.00 -7.51 -7.91
C TRP C 1707 30.01 -8.63 -8.04
N PRO C 1708 29.99 -9.36 -9.14
CA PRO C 1708 30.97 -10.42 -9.36
C PRO C 1708 32.23 -9.92 -10.05
N VAL C 1709 33.05 -9.19 -9.33
CA VAL C 1709 34.32 -8.71 -9.88
C VAL C 1709 35.38 -9.75 -9.60
N SER C 1710 36.04 -10.19 -10.63
CA SER C 1710 37.00 -11.27 -10.49
C SER C 1710 38.31 -10.75 -9.91
N PRO C 1711 39.08 -11.62 -9.25
CA PRO C 1711 40.39 -11.22 -8.74
C PRO C 1711 41.47 -11.09 -9.79
N LEU C 1712 41.11 -11.06 -11.07
CA LEU C 1712 42.07 -10.84 -12.13
C LEU C 1712 42.11 -9.40 -12.58
N CYS C 1713 41.01 -8.67 -12.46
CA CYS C 1713 40.93 -7.29 -12.92
C CYS C 1713 41.15 -6.33 -11.75
N TYR C 1714 42.38 -6.32 -11.26
CA TYR C 1714 42.78 -5.46 -10.15
C TYR C 1714 43.97 -4.61 -10.59
N LEU C 1715 43.83 -3.29 -10.51
CA LEU C 1715 44.96 -2.40 -10.72
C LEU C 1715 45.67 -2.24 -9.40
N TYR C 1716 46.96 -2.54 -9.38
CA TYR C 1716 47.72 -2.68 -8.14
C TYR C 1716 48.66 -1.51 -7.87
N HIS C 1717 49.45 -1.14 -8.85
CA HIS C 1717 50.30 0.03 -8.70
C HIS C 1717 49.82 1.11 -9.65
N PRO C 1718 48.76 1.83 -9.29
CA PRO C 1718 48.24 2.85 -10.21
C PRO C 1718 49.28 3.86 -10.58
N ARG C 1719 50.12 4.26 -9.62
CA ARG C 1719 51.19 5.20 -9.91
C ARG C 1719 52.20 4.62 -10.88
N LYS C 1720 52.33 3.30 -10.93
CA LYS C 1720 53.24 2.67 -11.87
C LYS C 1720 52.60 2.40 -13.23
N CYS C 1721 51.28 2.45 -13.34
CA CYS C 1721 50.62 2.13 -14.59
C CYS C 1721 50.06 3.35 -15.33
N LEU C 1722 49.44 4.29 -14.64
CA LEU C 1722 48.70 5.37 -15.28
C LEU C 1722 49.38 6.72 -15.09
N PRO C 1723 49.02 7.71 -15.89
CA PRO C 1723 49.65 9.03 -15.78
C PRO C 1723 49.43 9.69 -14.43
N THR C 1724 50.24 10.74 -14.20
CA THR C 1724 50.29 11.38 -12.88
C THR C 1724 49.00 12.13 -12.57
N GLU C 1725 48.40 12.77 -13.56
CA GLU C 1725 47.17 13.52 -13.30
C GLU C 1725 46.06 12.59 -12.81
N PHE C 1726 45.80 11.51 -13.56
CA PHE C 1726 44.81 10.54 -13.14
C PHE C 1726 45.15 9.96 -11.78
N CYS C 1727 46.42 9.61 -11.57
CA CYS C 1727 46.80 9.01 -10.30
C CYS C 1727 46.49 9.96 -9.15
N ASP C 1728 46.75 11.25 -9.34
CA ASP C 1728 46.49 12.22 -8.28
C ASP C 1728 45.00 12.33 -8.01
N ALA C 1729 44.19 12.34 -9.06
CA ALA C 1729 42.74 12.42 -8.84
C ALA C 1729 42.24 11.22 -8.05
N LEU C 1730 42.70 10.02 -8.41
CA LEU C 1730 42.30 8.83 -7.68
C LEU C 1730 42.75 8.93 -6.23
N ASP C 1731 43.95 9.46 -5.99
CA ASP C 1731 44.45 9.59 -4.63
C ASP C 1731 43.57 10.52 -3.82
N ARG C 1732 43.15 11.65 -4.42
CA ARG C 1732 42.27 12.56 -3.72
C ARG C 1732 40.95 11.89 -3.34
N PHE C 1733 40.36 11.14 -4.27
CA PHE C 1733 39.11 10.48 -3.92
C PHE C 1733 39.31 9.44 -2.84
N SER C 1734 40.44 8.73 -2.87
CA SER C 1734 40.70 7.75 -1.83
C SER C 1734 40.82 8.44 -0.48
N SER C 1735 41.48 9.60 -0.46
CA SER C 1735 41.60 10.37 0.77
C SER C 1735 40.23 10.70 1.31
N PHE C 1736 39.34 11.19 0.44
CA PHE C 1736 38.01 11.55 0.90
C PHE C 1736 37.27 10.33 1.45
N TYR C 1737 37.32 9.22 0.72
CA TYR C 1737 36.57 8.06 1.15
C TYR C 1737 37.08 7.56 2.49
N SER C 1738 38.39 7.54 2.68
CA SER C 1738 38.95 7.09 3.94
C SER C 1738 38.51 7.99 5.07
N GLN C 1739 38.64 9.30 4.90
CA GLN C 1739 38.26 10.21 5.98
C GLN C 1739 36.76 10.26 6.20
N SER C 1740 35.96 9.75 5.28
CA SER C 1740 34.51 9.78 5.45
C SER C 1740 33.93 8.48 5.96
N GLN C 1741 34.61 7.37 5.75
CA GLN C 1741 34.12 6.08 6.24
C GLN C 1741 34.20 6.01 7.75
N ARG C 1752 37.06 0.35 5.53
CA ARG C 1752 36.71 0.02 4.17
C ARG C 1752 37.64 0.71 3.18
N ARG C 1753 38.68 0.00 2.76
CA ARG C 1753 39.65 0.57 1.84
C ARG C 1753 39.07 0.57 0.43
N LEU C 1754 39.90 0.87 -0.57
CA LEU C 1754 39.48 0.84 -1.97
C LEU C 1754 40.52 0.10 -2.79
N GLN C 1755 40.07 -0.82 -3.62
CA GLN C 1755 40.94 -1.55 -4.54
C GLN C 1755 40.52 -1.21 -5.96
N TRP C 1756 41.31 -0.41 -6.65
CA TRP C 1756 40.96 0.03 -7.98
C TRP C 1756 41.01 -1.14 -8.96
N THR C 1757 40.29 -1.00 -10.06
CA THR C 1757 40.11 -2.08 -11.01
C THR C 1757 40.33 -1.57 -12.42
N TRP C 1758 40.33 -2.51 -13.38
CA TRP C 1758 40.55 -2.18 -14.78
C TRP C 1758 39.26 -1.98 -15.55
N LEU C 1759 38.11 -2.06 -14.91
CA LEU C 1759 36.84 -1.89 -15.60
C LEU C 1759 36.51 -0.41 -15.73
N GLY C 1760 35.57 -0.12 -16.62
CA GLY C 1760 35.13 1.23 -16.85
C GLY C 1760 35.08 1.54 -18.32
N ARG C 1761 34.95 2.82 -18.64
CA ARG C 1761 34.89 3.26 -20.02
C ARG C 1761 35.45 4.67 -20.11
N ALA C 1762 35.76 5.10 -21.33
CA ALA C 1762 36.37 6.39 -21.51
C ALA C 1762 36.06 6.92 -22.90
N GLU C 1763 36.04 8.24 -23.02
CA GLU C 1763 35.80 8.91 -24.29
C GLU C 1763 37.06 9.68 -24.68
N LEU C 1764 37.51 9.46 -25.91
CA LEU C 1764 38.72 10.08 -26.43
C LEU C 1764 38.38 10.92 -27.65
N GLN C 1765 39.22 11.91 -27.90
CA GLN C 1765 39.13 12.74 -29.10
C GLN C 1765 40.44 12.62 -29.84
N PHE C 1766 40.37 12.03 -31.03
CA PHE C 1766 41.52 11.84 -31.91
C PHE C 1766 41.17 12.47 -33.24
N GLY C 1767 42.02 13.39 -33.71
CA GLY C 1767 41.71 14.10 -34.93
C GLY C 1767 40.40 14.83 -34.79
N LYS C 1768 39.37 14.32 -35.45
CA LYS C 1768 38.04 14.90 -35.36
C LYS C 1768 37.00 13.97 -34.75
N GLN C 1769 37.14 12.66 -34.94
CA GLN C 1769 36.10 11.73 -34.52
C GLN C 1769 36.22 11.38 -33.05
N ILE C 1770 35.08 11.27 -32.39
CA ILE C 1770 35.02 10.84 -30.99
C ILE C 1770 35.14 9.33 -30.94
N LEU C 1771 35.85 8.83 -29.93
CA LEU C 1771 36.05 7.40 -29.74
C LEU C 1771 35.57 7.00 -28.35
N HIS C 1772 35.01 5.81 -28.23
CA HIS C 1772 34.61 5.24 -26.96
C HIS C 1772 35.38 3.95 -26.75
N VAL C 1773 36.17 3.89 -25.68
CA VAL C 1773 37.03 2.75 -25.44
C VAL C 1773 36.84 2.28 -24.00
N SER C 1774 37.48 1.16 -23.68
CA SER C 1774 37.51 0.65 -22.33
C SER C 1774 38.76 1.15 -21.61
N THR C 1775 38.85 0.85 -20.32
CA THR C 1775 39.96 1.36 -19.53
C THR C 1775 41.29 0.79 -20.00
N VAL C 1776 41.34 -0.52 -20.26
CA VAL C 1776 42.57 -1.12 -20.77
C VAL C 1776 42.89 -0.55 -22.14
N GLN C 1777 41.86 -0.28 -22.94
CA GLN C 1777 42.09 0.35 -24.23
C GLN C 1777 42.65 1.75 -24.06
N MET C 1778 42.17 2.49 -23.05
CA MET C 1778 42.70 3.81 -22.79
C MET C 1778 44.15 3.74 -22.39
N TRP C 1779 44.49 2.79 -21.52
CA TRP C 1779 45.88 2.59 -21.11
C TRP C 1779 46.78 2.35 -22.30
N LEU C 1780 46.37 1.44 -23.18
CA LEU C 1780 47.19 1.13 -24.36
C LEU C 1780 47.32 2.33 -25.28
N LEU C 1781 46.19 2.97 -25.62
CA LEU C 1781 46.24 4.05 -26.59
C LEU C 1781 46.99 5.25 -26.05
N LEU C 1782 46.95 5.48 -24.74
CA LEU C 1782 47.79 6.52 -24.15
C LEU C 1782 49.26 6.15 -24.26
N LYS C 1783 49.59 4.88 -24.00
CA LYS C 1783 50.95 4.43 -24.27
C LYS C 1783 51.32 4.62 -25.72
N PHE C 1784 50.34 4.77 -26.61
CA PHE C 1784 50.58 5.03 -28.02
C PHE C 1784 50.65 6.53 -28.35
N ASN C 1785 51.06 7.37 -27.40
CA ASN C 1785 51.20 8.79 -27.69
C ASN C 1785 52.65 9.20 -27.90
N GLN C 1786 53.61 8.51 -27.28
CA GLN C 1786 55.00 8.90 -27.38
C GLN C 1786 55.71 8.16 -28.50
N THR C 1787 55.70 6.83 -28.46
CA THR C 1787 56.40 6.02 -29.45
C THR C 1787 55.44 5.61 -30.56
N GLU C 1788 55.99 5.47 -31.78
CA GLU C 1788 55.20 5.12 -32.95
C GLU C 1788 55.08 3.62 -33.17
N GLU C 1789 55.55 2.79 -32.24
CA GLU C 1789 55.38 1.36 -32.33
C GLU C 1789 55.50 0.76 -30.94
N VAL C 1790 54.74 -0.29 -30.67
CA VAL C 1790 54.69 -0.91 -29.35
C VAL C 1790 55.01 -2.39 -29.48
N SER C 1791 55.80 -2.91 -28.54
CA SER C 1791 56.13 -4.32 -28.49
C SER C 1791 55.19 -5.00 -27.49
N VAL C 1792 54.36 -5.91 -27.99
CA VAL C 1792 53.31 -6.51 -27.16
C VAL C 1792 53.88 -7.11 -25.90
N GLU C 1793 55.05 -7.74 -26.00
CA GLU C 1793 55.67 -8.32 -24.81
C GLU C 1793 55.98 -7.24 -23.79
N THR C 1794 56.49 -6.10 -24.24
CA THR C 1794 56.79 -5.01 -23.33
C THR C 1794 55.52 -4.51 -22.65
N LEU C 1795 54.44 -4.33 -23.44
CA LEU C 1795 53.19 -3.89 -22.86
C LEU C 1795 52.68 -4.87 -21.81
N LEU C 1796 52.81 -6.17 -22.09
CA LEU C 1796 52.36 -7.17 -21.12
C LEU C 1796 53.18 -7.10 -19.85
N LYS C 1797 54.51 -7.08 -19.99
CA LYS C 1797 55.37 -7.01 -18.82
C LYS C 1797 55.12 -5.75 -18.01
N ASP C 1798 54.73 -4.66 -18.68
CA ASP C 1798 54.47 -3.41 -17.97
C ASP C 1798 53.12 -3.44 -17.26
N SER C 1799 52.08 -3.95 -17.93
CA SER C 1799 50.74 -3.90 -17.36
C SER C 1799 50.55 -4.92 -16.25
N ASP C 1800 51.20 -6.08 -16.34
CA ASP C 1800 50.97 -7.18 -15.41
C ASP C 1800 49.50 -7.62 -15.42
N LEU C 1801 48.85 -7.45 -16.57
CA LEU C 1801 47.47 -7.87 -16.77
C LEU C 1801 47.46 -9.31 -17.30
N SER C 1802 46.30 -9.75 -17.77
CA SER C 1802 46.29 -11.12 -18.28
C SER C 1802 46.31 -11.12 -19.81
N PRO C 1803 47.05 -12.05 -20.40
CA PRO C 1803 47.11 -12.11 -21.85
C PRO C 1803 45.74 -12.29 -22.49
N GLU C 1804 44.86 -13.04 -21.85
CA GLU C 1804 43.53 -13.25 -22.40
C GLU C 1804 42.81 -11.94 -22.59
N LEU C 1805 42.68 -11.16 -21.52
CA LEU C 1805 41.97 -9.89 -21.63
C LEU C 1805 42.72 -8.92 -22.50
N LEU C 1806 44.05 -9.01 -22.55
CA LEU C 1806 44.81 -8.16 -23.46
C LEU C 1806 44.37 -8.41 -24.90
N LEU C 1807 44.29 -9.67 -25.30
CA LEU C 1807 43.83 -9.98 -26.64
C LEU C 1807 42.38 -9.55 -26.83
N GLN C 1808 41.55 -9.77 -25.82
CA GLN C 1808 40.14 -9.37 -25.90
C GLN C 1808 40.04 -7.88 -26.21
N ALA C 1809 40.92 -7.08 -25.63
CA ALA C 1809 40.91 -5.65 -25.91
C ALA C 1809 41.50 -5.36 -27.27
N LEU C 1810 42.53 -6.11 -27.67
CA LEU C 1810 43.25 -5.77 -28.90
C LEU C 1810 42.39 -6.01 -30.14
N VAL C 1811 41.67 -7.13 -30.18
CA VAL C 1811 40.98 -7.53 -31.41
C VAL C 1811 40.04 -6.43 -31.94
N PRO C 1812 39.10 -5.89 -31.17
CA PRO C 1812 38.18 -4.89 -31.73
C PRO C 1812 38.86 -3.61 -32.14
N LEU C 1813 40.14 -3.44 -31.81
CA LEU C 1813 40.91 -2.29 -32.23
C LEU C 1813 41.79 -2.61 -33.42
N THR C 1814 42.41 -3.78 -33.41
CA THR C 1814 43.22 -4.21 -34.55
C THR C 1814 42.38 -4.59 -35.75
N SER C 1815 41.08 -4.75 -35.59
CA SER C 1815 40.22 -5.09 -36.72
C SER C 1815 39.96 -3.84 -37.56
N GLY C 1816 39.00 -3.93 -38.48
CA GLY C 1816 38.70 -2.80 -39.33
C GLY C 1816 38.18 -1.61 -38.57
N ASN C 1817 38.22 -0.46 -39.23
CA ASN C 1817 37.79 0.83 -38.69
C ASN C 1817 38.56 1.25 -37.45
N GLY C 1818 39.64 0.54 -37.12
CA GLY C 1818 40.42 0.85 -35.95
C GLY C 1818 41.70 1.57 -36.32
N PRO C 1819 42.23 2.38 -35.40
CA PRO C 1819 43.42 3.17 -35.70
C PRO C 1819 44.75 2.48 -35.41
N LEU C 1820 44.73 1.26 -34.90
CA LEU C 1820 45.96 0.52 -34.64
C LEU C 1820 46.03 -0.71 -35.54
N THR C 1821 47.26 -1.11 -35.87
CA THR C 1821 47.50 -2.26 -36.72
C THR C 1821 48.79 -2.94 -36.31
N LEU C 1822 48.78 -4.27 -36.30
CA LEU C 1822 49.92 -5.07 -35.88
C LEU C 1822 50.45 -5.88 -37.06
N HIS C 1823 51.76 -6.07 -37.08
CA HIS C 1823 52.40 -6.84 -38.14
C HIS C 1823 52.82 -8.22 -37.64
N GLY C 1832 54.98 -8.87 -32.54
CA GLY C 1832 54.19 -8.13 -31.58
C GLY C 1832 54.38 -6.63 -31.67
N VAL C 1833 54.59 -6.14 -32.89
CA VAL C 1833 54.79 -4.72 -33.13
C VAL C 1833 53.44 -4.10 -33.46
N LEU C 1834 53.21 -2.91 -32.93
CA LEU C 1834 51.98 -2.17 -33.14
C LEU C 1834 52.31 -0.78 -33.67
N ARG C 1835 51.56 -0.36 -34.70
CA ARG C 1835 51.77 0.94 -35.30
C ARG C 1835 50.44 1.49 -35.76
N LEU C 1836 50.41 2.80 -35.98
CA LEU C 1836 49.19 3.46 -36.45
C LEU C 1836 48.93 3.07 -37.89
N HIS C 1837 47.75 2.49 -38.16
CA HIS C 1837 47.38 2.15 -39.52
C HIS C 1837 47.17 3.42 -40.35
N GLU C 1838 46.53 4.42 -39.77
CA GLU C 1838 46.30 5.70 -40.44
C GLU C 1838 45.59 5.53 -41.77
N GLU C 1846 32.48 10.27 -38.12
CA GLU C 1846 31.64 9.23 -37.55
C GLU C 1846 32.11 8.83 -36.16
N ALA C 1847 31.21 8.87 -35.19
CA ALA C 1847 31.53 8.52 -33.81
C ALA C 1847 31.67 7.01 -33.71
N LEU C 1848 32.91 6.55 -33.80
CA LEU C 1848 33.18 5.12 -33.68
C LEU C 1848 32.82 4.63 -32.28
N TRP C 1849 32.61 3.33 -32.16
CA TRP C 1849 32.32 2.68 -30.89
C TRP C 1849 33.13 1.40 -30.81
N LEU C 1850 34.25 1.45 -30.10
CA LEU C 1850 35.17 0.32 -30.05
C LEU C 1850 35.25 -0.19 -28.61
N ILE C 1851 34.33 -1.07 -28.25
CA ILE C 1851 34.30 -1.69 -26.92
C ILE C 1851 34.17 -3.20 -27.10
N PRO C 1852 34.96 -4.01 -26.43
CA PRO C 1852 34.87 -5.45 -26.61
C PRO C 1852 33.50 -5.98 -26.19
N PRO C 1853 32.86 -6.77 -27.04
CA PRO C 1853 31.52 -7.27 -26.71
C PRO C 1853 31.58 -8.50 -25.82
N GLN C 1854 30.47 -8.75 -25.14
CA GLN C 1854 30.40 -9.82 -24.14
C GLN C 1854 30.49 -11.17 -24.82
N ALA C 1855 31.49 -11.96 -24.44
CA ALA C 1855 31.62 -13.33 -24.89
C ALA C 1855 30.89 -14.22 -23.89
N TYR C 1856 29.83 -14.86 -24.34
CA TYR C 1856 28.93 -15.52 -23.41
C TYR C 1856 29.57 -16.76 -22.81
N LEU C 1857 29.08 -17.14 -21.63
CA LEU C 1857 29.53 -18.34 -20.96
C LEU C 1857 28.85 -19.57 -21.54
N ASN C 1858 29.64 -20.60 -21.79
CA ASN C 1858 29.13 -21.87 -22.28
C ASN C 1858 29.31 -22.91 -21.19
N VAL C 1859 28.20 -23.54 -20.78
CA VAL C 1859 28.27 -24.50 -19.69
C VAL C 1859 28.90 -25.78 -20.21
N GLU C 1860 30.20 -25.94 -19.95
CA GLU C 1860 30.95 -27.07 -20.47
C GLU C 1860 30.47 -28.36 -19.84
N ARG C 1865 29.86 -25.61 -14.41
CA ARG C 1865 29.87 -27.05 -14.18
C ARG C 1865 30.14 -27.36 -12.73
N THR C 1866 30.94 -26.52 -12.08
CA THR C 1866 31.26 -26.71 -10.68
C THR C 1866 30.02 -26.67 -9.80
N LEU C 1867 28.91 -26.15 -10.32
CA LEU C 1867 27.67 -26.15 -9.55
C LEU C 1867 27.23 -27.55 -9.21
N GLU C 1868 27.57 -28.53 -10.05
CA GLU C 1868 27.24 -29.93 -9.74
C GLU C 1868 27.97 -30.39 -8.48
N GLN C 1869 29.29 -30.15 -8.42
CA GLN C 1869 30.05 -30.49 -7.23
C GLN C 1869 29.52 -29.74 -6.00
N LYS C 1870 29.17 -28.47 -6.19
CA LYS C 1870 28.65 -27.68 -5.07
C LYS C 1870 27.37 -28.30 -4.52
N ARG C 1871 26.41 -28.61 -5.40
CA ARG C 1871 25.15 -29.17 -4.95
C ARG C 1871 25.35 -30.55 -4.33
N ASN C 1872 26.24 -31.36 -4.90
CA ASN C 1872 26.50 -32.67 -4.31
C ASN C 1872 27.02 -32.55 -2.89
N LEU C 1873 28.03 -31.69 -2.69
CA LEU C 1873 28.59 -31.53 -1.36
C LEU C 1873 27.57 -30.96 -0.39
N LEU C 1874 26.75 -30.01 -0.84
CA LEU C 1874 25.76 -29.41 0.04
C LEU C 1874 24.72 -30.45 0.47
N SER C 1875 24.26 -31.26 -0.48
CA SER C 1875 23.32 -32.32 -0.13
C SER C 1875 23.95 -33.31 0.85
N CYS C 1876 25.24 -33.62 0.65
CA CYS C 1876 25.92 -34.54 1.56
C CYS C 1876 25.94 -33.99 2.98
N LEU C 1877 26.38 -32.73 3.12
CA LEU C 1877 26.45 -32.13 4.44
C LEU C 1877 25.08 -32.03 5.10
N LEU C 1878 24.05 -31.70 4.31
CA LEU C 1878 22.71 -31.59 4.87
C LEU C 1878 22.22 -32.95 5.34
N VAL C 1879 22.50 -34.00 4.58
CA VAL C 1879 22.10 -35.34 4.99
C VAL C 1879 22.79 -35.72 6.29
N ARG C 1880 24.08 -35.41 6.38
CA ARG C 1880 24.82 -35.73 7.61
C ARG C 1880 24.22 -35.01 8.81
N ILE C 1881 23.91 -33.73 8.67
CA ILE C 1881 23.38 -32.96 9.79
C ILE C 1881 22.01 -33.49 10.19
N LEU C 1882 21.16 -33.83 9.21
CA LEU C 1882 19.84 -34.34 9.53
C LEU C 1882 19.93 -35.68 10.23
N LYS C 1883 20.81 -36.57 9.76
CA LYS C 1883 20.99 -37.86 10.41
C LYS C 1883 21.47 -37.68 11.85
N ALA C 1884 22.45 -36.80 12.05
CA ALA C 1884 22.94 -36.54 13.40
C ALA C 1884 21.82 -36.05 14.32
N HIS C 1885 21.01 -35.12 13.83
CA HIS C 1885 19.84 -34.70 14.60
C HIS C 1885 18.86 -35.84 14.80
N GLY C 1886 18.92 -36.87 13.97
CA GLY C 1886 18.11 -38.04 14.17
C GLY C 1886 16.62 -37.80 13.91
N GLU C 1887 15.81 -38.73 14.43
CA GLU C 1887 14.36 -38.70 14.25
C GLU C 1887 13.67 -37.66 15.10
N LYS C 1888 14.43 -36.77 15.75
CA LYS C 1888 13.82 -35.71 16.52
C LYS C 1888 13.39 -34.55 15.64
N GLY C 1889 14.16 -34.26 14.61
CA GLY C 1889 13.89 -33.11 13.74
C GLY C 1889 14.59 -31.86 14.21
N LEU C 1890 15.02 -31.05 13.25
CA LEU C 1890 15.76 -29.83 13.54
C LEU C 1890 15.14 -28.66 12.79
N HIS C 1891 15.28 -27.47 13.37
CA HIS C 1891 14.71 -26.28 12.75
C HIS C 1891 15.44 -25.94 11.45
N ILE C 1892 14.68 -25.49 10.46
CA ILE C 1892 15.23 -25.29 9.13
C ILE C 1892 16.28 -24.19 9.12
N ASP C 1893 15.97 -23.04 9.72
CA ASP C 1893 16.95 -21.98 9.82
C ASP C 1893 18.14 -22.42 10.65
N GLN C 1894 17.87 -23.15 11.72
CA GLN C 1894 18.95 -23.75 12.48
C GLN C 1894 19.80 -24.65 11.58
N LEU C 1895 19.15 -25.45 10.74
CA LEU C 1895 19.89 -26.32 9.85
C LEU C 1895 20.79 -25.52 8.92
N VAL C 1896 20.29 -24.40 8.42
CA VAL C 1896 21.08 -23.54 7.55
C VAL C 1896 22.29 -23.02 8.30
N CYS C 1897 22.09 -22.58 9.55
CA CYS C 1897 23.21 -22.09 10.34
C CYS C 1897 24.26 -23.18 10.55
N LEU C 1898 23.81 -24.38 10.89
CA LEU C 1898 24.74 -25.47 11.14
C LEU C 1898 25.53 -25.82 9.89
N VAL C 1899 24.84 -25.94 8.75
CA VAL C 1899 25.57 -26.35 7.55
C VAL C 1899 26.50 -25.24 7.09
N LEU C 1900 26.13 -23.98 7.33
CA LEU C 1900 27.03 -22.90 7.00
C LEU C 1900 28.30 -22.99 7.84
N GLU C 1901 28.12 -23.22 9.15
CA GLU C 1901 29.29 -23.38 10.02
C GLU C 1901 30.14 -24.57 9.57
N ALA C 1902 29.50 -25.65 9.12
CA ALA C 1902 30.23 -26.81 8.67
C ALA C 1902 31.04 -26.50 7.43
N TRP C 1903 30.44 -25.80 6.47
CA TRP C 1903 31.18 -25.39 5.29
C TRP C 1903 32.25 -24.37 5.63
N GLN C 1904 32.13 -23.68 6.76
CA GLN C 1904 33.12 -22.71 7.19
C GLN C 1904 34.27 -23.40 7.91
N CYS C 1923 29.57 -20.38 -0.64
CA CYS C 1923 28.37 -20.92 -0.01
C CYS C 1923 27.44 -19.80 0.44
N THR C 1924 26.15 -19.95 0.15
CA THR C 1924 25.15 -18.96 0.51
C THR C 1924 23.94 -19.64 1.13
N SER C 1925 23.19 -18.87 1.92
CA SER C 1925 21.95 -19.39 2.48
C SER C 1925 20.99 -19.83 1.38
N THR C 1926 20.98 -19.10 0.27
CA THR C 1926 20.14 -19.48 -0.86
C THR C 1926 20.58 -20.82 -1.44
N ASP C 1927 21.89 -21.06 -1.50
CA ASP C 1927 22.38 -22.34 -2.01
C ASP C 1927 22.01 -23.48 -1.07
N VAL C 1928 22.11 -23.23 0.23
CA VAL C 1928 21.68 -24.24 1.21
C VAL C 1928 20.21 -24.55 1.03
N LEU C 1929 19.38 -23.51 0.90
CA LEU C 1929 17.95 -23.73 0.72
C LEU C 1929 17.65 -24.47 -0.59
N SER C 1930 18.43 -24.22 -1.63
CA SER C 1930 18.21 -24.91 -2.90
C SER C 1930 18.55 -26.39 -2.79
N CYS C 1931 19.67 -26.71 -2.15
CA CYS C 1931 20.01 -28.12 -1.92
C CYS C 1931 18.93 -28.79 -1.06
N ILE C 1932 18.40 -28.06 -0.09
CA ILE C 1932 17.33 -28.60 0.75
C ILE C 1932 16.09 -28.88 -0.08
N LEU C 1933 15.74 -27.96 -0.98
CA LEU C 1933 14.57 -28.16 -1.83
C LEU C 1933 14.77 -29.35 -2.76
N HIS C 1934 15.99 -29.52 -3.28
CA HIS C 1934 16.26 -30.67 -4.13
C HIS C 1934 16.13 -31.98 -3.36
N LEU C 1935 16.69 -32.03 -2.15
CA LEU C 1935 16.56 -33.24 -1.34
C LEU C 1935 15.10 -33.51 -0.99
N LEU C 1936 14.32 -32.45 -0.77
CA LEU C 1936 12.91 -32.62 -0.47
C LEU C 1936 12.16 -33.18 -1.68
N GLY C 1937 12.45 -32.65 -2.87
CA GLY C 1937 11.82 -33.17 -4.06
C GLY C 1937 12.20 -34.60 -4.35
N GLN C 1938 13.44 -34.98 -4.02
CA GLN C 1938 13.86 -36.37 -4.20
C GLN C 1938 13.14 -37.28 -3.21
N GLY C 1939 13.32 -37.03 -1.92
CA GLY C 1939 12.65 -37.83 -0.91
C GLY C 1939 13.53 -38.29 0.22
N TYR C 1940 14.76 -37.77 0.30
CA TYR C 1940 15.63 -38.13 1.41
C TYR C 1940 15.13 -37.55 2.72
N VAL C 1941 14.54 -36.35 2.68
CA VAL C 1941 14.09 -35.67 3.88
C VAL C 1941 12.58 -35.45 3.76
N LYS C 1942 12.00 -34.91 4.83
CA LYS C 1942 10.59 -34.55 4.85
C LYS C 1942 10.38 -33.56 5.99
N ARG C 1943 9.12 -33.19 6.19
CA ARG C 1943 8.74 -32.21 7.21
C ARG C 1943 7.81 -32.86 8.22
N ARG C 1944 7.98 -32.49 9.49
CA ARG C 1944 7.11 -33.01 10.54
C ARG C 1944 5.76 -32.32 10.48
N ASP C 1945 4.69 -33.11 10.55
CA ASP C 1945 3.34 -32.55 10.48
C ASP C 1945 3.02 -31.69 11.69
N ASP C 1946 3.69 -31.91 12.82
CA ASP C 1946 3.42 -31.11 14.01
C ASP C 1946 4.27 -29.85 14.03
N ARG C 1947 5.51 -29.93 13.55
CA ARG C 1947 6.43 -28.79 13.53
C ARG C 1947 6.78 -28.45 12.09
N PRO C 1948 6.08 -27.50 11.46
CA PRO C 1948 6.44 -27.13 10.09
C PRO C 1948 7.81 -26.49 9.96
N GLN C 1949 8.28 -25.81 11.00
CA GLN C 1949 9.59 -25.17 10.99
C GLN C 1949 10.71 -26.14 11.35
N ILE C 1950 10.42 -27.43 11.47
CA ILE C 1950 11.41 -28.44 11.80
C ILE C 1950 11.32 -29.55 10.77
N LEU C 1951 12.41 -29.77 10.04
CA LEU C 1951 12.51 -30.86 9.08
C LEU C 1951 13.07 -32.11 9.75
N MET C 1952 12.92 -33.24 9.07
CA MET C 1952 13.31 -34.53 9.62
C MET C 1952 13.76 -35.45 8.51
N TYR C 1953 14.87 -36.14 8.74
CA TYR C 1953 15.30 -37.20 7.85
C TYR C 1953 14.26 -38.31 7.84
N ALA C 1954 14.13 -38.97 6.70
CA ALA C 1954 13.18 -40.06 6.56
C ALA C 1954 13.86 -41.30 6.00
N PHE C 2295 19.28 -35.15 -34.35
CA PHE C 2295 19.30 -33.90 -33.61
C PHE C 2295 18.44 -33.99 -32.36
N GLN C 2296 17.12 -33.89 -32.56
CA GLN C 2296 16.20 -33.98 -31.43
C GLN C 2296 16.27 -35.35 -30.78
N ASP C 2297 16.34 -36.41 -31.58
CA ASP C 2297 16.48 -37.75 -31.03
C ASP C 2297 17.83 -37.94 -30.34
N TYR C 2298 18.89 -37.40 -30.94
CA TYR C 2298 20.21 -37.47 -30.32
C TYR C 2298 20.24 -36.68 -29.01
N ASN C 2299 19.61 -35.50 -29.00
CA ASN C 2299 19.54 -34.72 -27.77
C ASN C 2299 18.75 -35.46 -26.69
N GLU C 2300 17.65 -36.10 -27.08
CA GLU C 2300 16.87 -36.87 -26.12
C GLU C 2300 17.67 -38.04 -25.56
N ARG C 2301 18.41 -38.74 -26.42
CA ARG C 2301 19.22 -39.86 -25.96
C ARG C 2301 20.33 -39.39 -25.03
N CYS C 2302 20.97 -38.26 -25.35
CA CYS C 2302 22.02 -37.74 -24.49
C CYS C 2302 21.46 -37.31 -23.13
N THR C 2303 20.30 -36.66 -23.13
CA THR C 2303 19.68 -36.26 -21.87
C THR C 2303 19.29 -37.47 -21.03
N PHE C 2304 18.75 -38.50 -21.67
CA PHE C 2304 18.38 -39.72 -20.95
C PHE C 2304 19.62 -40.39 -20.36
N HIS C 2305 20.70 -40.45 -21.13
CA HIS C 2305 21.93 -41.06 -20.63
C HIS C 2305 22.50 -40.27 -19.45
N HIS C 2306 22.50 -38.94 -19.54
CA HIS C 2306 22.99 -38.12 -18.44
C HIS C 2306 22.13 -38.30 -17.19
N GLN C 2307 20.81 -38.34 -17.36
CA GLN C 2307 19.93 -38.53 -16.21
C GLN C 2307 20.13 -39.91 -15.59
N ALA C 2308 20.30 -40.94 -16.42
CA ALA C 2308 20.54 -42.28 -15.88
C ALA C 2308 21.86 -42.33 -15.13
N ARG C 2309 22.91 -41.70 -15.67
CA ARG C 2309 24.19 -41.68 -14.98
C ARG C 2309 24.08 -40.94 -13.66
N GLU C 2310 23.35 -39.82 -13.63
CA GLU C 2310 23.19 -39.08 -12.38
C GLU C 2310 22.43 -39.90 -11.35
N PHE C 2311 21.36 -40.59 -11.79
CA PHE C 2311 20.60 -41.42 -10.86
C PHE C 2311 21.43 -42.58 -10.34
N ALA C 2312 22.26 -43.17 -11.20
CA ALA C 2312 23.12 -44.27 -10.76
C ALA C 2312 24.16 -43.78 -9.77
N VAL C 2313 24.74 -42.60 -10.01
CA VAL C 2313 25.71 -42.04 -9.08
C VAL C 2313 25.05 -41.73 -7.74
N ASN C 2314 23.82 -41.21 -7.78
CA ASN C 2314 23.10 -40.93 -6.53
C ASN C 2314 22.79 -42.21 -5.77
N LEU C 2315 22.40 -43.27 -6.48
CA LEU C 2315 22.10 -44.54 -5.82
C LEU C 2315 23.37 -45.15 -5.23
N ARG C 2316 24.50 -45.04 -5.93
CA ARG C 2316 25.76 -45.54 -5.39
C ARG C 2316 26.22 -44.74 -4.19
N ASN C 2317 25.95 -43.44 -4.18
CA ASN C 2317 26.33 -42.61 -3.04
C ASN C 2317 25.46 -42.91 -1.82
N ARG C 2318 24.15 -43.03 -2.03
CA ARG C 2318 23.23 -43.32 -0.94
C ARG C 2318 22.02 -44.11 -1.43
N PRO C 2328 14.32 -60.80 1.56
CA PRO C 2328 14.85 -59.58 0.94
C PRO C 2328 14.95 -59.68 -0.57
N ARG C 2329 13.92 -60.26 -1.21
CA ARG C 2329 13.94 -60.39 -2.66
C ARG C 2329 13.87 -59.04 -3.35
N SER C 2330 13.19 -58.06 -2.73
CA SER C 2330 13.12 -56.73 -3.33
C SER C 2330 14.50 -56.09 -3.41
N PHE C 2331 15.31 -56.24 -2.36
CA PHE C 2331 16.65 -55.67 -2.37
C PHE C 2331 17.53 -56.30 -3.45
N THR C 2332 17.45 -57.62 -3.59
CA THR C 2332 18.24 -58.29 -4.62
C THR C 2332 17.77 -57.89 -6.01
N PHE C 2333 16.46 -57.77 -6.21
CA PHE C 2333 15.94 -57.32 -7.51
C PHE C 2333 16.40 -55.90 -7.81
N LEU C 2334 16.38 -55.03 -6.81
CA LEU C 2334 16.83 -53.65 -7.02
C LEU C 2334 18.32 -53.60 -7.33
N ASN C 2335 19.12 -54.45 -6.66
CA ASN C 2335 20.55 -54.48 -6.95
C ASN C 2335 20.83 -54.99 -8.37
N ASP C 2336 20.11 -56.03 -8.79
CA ASP C 2336 20.27 -56.53 -10.14
C ASP C 2336 19.85 -55.48 -11.18
N ALA C 2337 18.73 -54.79 -10.92
CA ALA C 2337 18.29 -53.74 -11.84
C ALA C 2337 19.30 -52.61 -11.90
N CYS C 2338 19.90 -52.26 -10.76
CA CYS C 2338 20.91 -51.20 -10.74
C CYS C 2338 22.16 -51.61 -11.50
N GLN C 2339 22.58 -52.86 -11.36
CA GLN C 2339 23.74 -53.34 -12.11
C GLN C 2339 23.45 -53.32 -13.62
N GLY C 2340 22.27 -53.79 -14.02
CA GLY C 2340 21.90 -53.76 -15.42
C GLY C 2340 21.81 -52.34 -15.96
N LEU C 2341 21.28 -51.42 -15.15
CA LEU C 2341 21.18 -50.03 -15.57
C LEU C 2341 22.56 -49.40 -15.70
N GLU C 2342 23.49 -49.74 -14.80
CA GLU C 2342 24.85 -49.22 -14.91
C GLU C 2342 25.53 -49.74 -16.16
N GLN C 2343 25.36 -51.03 -16.47
CA GLN C 2343 25.94 -51.57 -17.70
C GLN C 2343 25.33 -50.90 -18.93
N ALA C 2344 24.01 -50.73 -18.94
CA ALA C 2344 23.35 -50.10 -20.08
C ALA C 2344 23.77 -48.65 -20.23
N ARG C 2345 23.99 -47.96 -19.11
CA ARG C 2345 24.44 -46.58 -19.17
C ARG C 2345 25.87 -46.49 -19.69
N LYS C 2346 26.73 -47.44 -19.30
CA LYS C 2346 28.06 -47.49 -19.87
C LYS C 2346 27.99 -47.71 -21.38
N VAL C 2347 27.12 -48.62 -21.81
CA VAL C 2347 26.97 -48.88 -23.24
C VAL C 2347 26.48 -47.64 -23.96
N LEU C 2348 25.53 -46.93 -23.36
CA LEU C 2348 24.99 -45.73 -23.99
C LEU C 2348 26.02 -44.62 -24.06
N ALA C 2349 26.85 -44.50 -23.02
CA ALA C 2349 27.92 -43.51 -23.04
C ALA C 2349 28.93 -43.84 -24.14
N TYR C 2350 29.28 -45.12 -24.28
CA TYR C 2350 30.15 -45.51 -25.38
C TYR C 2350 29.51 -45.21 -26.73
N ALA C 2351 28.20 -45.45 -26.85
CA ALA C 2351 27.51 -45.19 -28.10
C ALA C 2351 27.52 -43.71 -28.44
N CYS C 2352 27.25 -42.86 -27.46
CA CYS C 2352 27.29 -41.42 -27.70
C CYS C 2352 28.69 -40.94 -28.03
N VAL C 2353 29.70 -41.52 -27.39
CA VAL C 2353 31.08 -41.15 -27.70
C VAL C 2353 31.44 -41.56 -29.11
N TYR C 2354 30.97 -42.73 -29.56
CA TYR C 2354 31.24 -43.18 -30.92
C TYR C 2354 30.49 -42.32 -31.93
N SER C 2355 29.27 -41.91 -31.60
CA SER C 2355 28.50 -41.08 -32.51
C SER C 2355 29.10 -39.67 -32.60
N PHE C 2356 29.69 -39.19 -31.52
CA PHE C 2356 30.31 -37.88 -31.50
C PHE C 2356 31.68 -37.86 -32.16
N TYR C 2357 32.24 -39.03 -32.49
CA TYR C 2357 33.56 -39.11 -33.12
C TYR C 2357 33.64 -40.30 -34.05
N TYR C 2363 18.02 -51.17 -41.43
CA TYR C 2363 17.05 -50.87 -40.38
C TYR C 2363 17.60 -49.86 -39.39
N MET C 2364 18.03 -48.70 -39.90
CA MET C 2364 18.57 -47.67 -39.02
C MET C 2364 17.49 -47.10 -38.11
N ASP C 2365 16.30 -46.85 -38.66
CA ASP C 2365 15.21 -46.33 -37.83
C ASP C 2365 14.79 -47.35 -36.77
N VAL C 2366 14.74 -48.63 -37.13
CA VAL C 2366 14.38 -49.66 -36.16
C VAL C 2366 15.44 -49.75 -35.08
N VAL C 2367 16.72 -49.65 -35.44
CA VAL C 2367 17.78 -49.71 -34.45
C VAL C 2367 17.71 -48.51 -33.51
N GLU C 2368 17.42 -47.33 -34.06
CA GLU C 2368 17.29 -46.14 -33.23
C GLU C 2368 16.11 -46.26 -32.28
N GLN C 2369 14.98 -46.78 -32.77
CA GLN C 2369 13.82 -46.98 -31.92
C GLN C 2369 14.12 -47.98 -30.81
N GLN C 2370 14.83 -49.06 -31.14
CA GLN C 2370 15.21 -50.03 -30.11
C GLN C 2370 16.13 -49.43 -29.07
N THR C 2371 17.09 -48.60 -29.52
CA THR C 2371 17.98 -47.95 -28.57
C THR C 2371 17.22 -47.00 -27.66
N GLU C 2372 16.29 -46.23 -28.23
CA GLU C 2372 15.50 -45.31 -27.41
C GLU C 2372 14.64 -46.08 -26.42
N ASN C 2373 14.05 -47.21 -26.85
CA ASN C 2373 13.23 -48.00 -25.95
C ASN C 2373 14.06 -48.59 -24.82
N LEU C 2374 15.27 -49.08 -25.14
CA LEU C 2374 16.14 -49.62 -24.10
C LEU C 2374 16.57 -48.54 -23.12
N GLU C 2375 16.88 -47.34 -23.63
CA GLU C 2375 17.24 -46.24 -22.75
C GLU C 2375 16.07 -45.87 -21.83
N LEU C 2376 14.85 -45.82 -22.38
CA LEU C 2376 13.69 -45.50 -21.58
C LEU C 2376 13.44 -46.56 -20.52
N HIS C 2377 13.60 -47.84 -20.88
CA HIS C 2377 13.41 -48.92 -19.92
C HIS C 2377 14.44 -48.85 -18.81
N THR C 2378 15.71 -48.60 -19.16
CA THR C 2378 16.75 -48.48 -18.13
C THR C 2378 16.48 -47.29 -17.21
N ASN C 2379 16.07 -46.16 -17.78
CA ASN C 2379 15.77 -44.99 -16.96
C ASN C 2379 14.60 -45.26 -16.02
N ALA C 2380 13.55 -45.91 -16.52
CA ALA C 2380 12.40 -46.22 -15.67
C ALA C 2380 12.78 -47.20 -14.56
N LEU C 2381 13.59 -48.21 -14.89
CA LEU C 2381 14.03 -49.16 -13.86
C LEU C 2381 14.86 -48.47 -12.80
N GLN C 2382 15.77 -47.58 -13.22
CA GLN C 2382 16.59 -46.87 -12.25
C GLN C 2382 15.73 -45.95 -11.38
N ILE C 2383 14.75 -45.27 -11.98
CA ILE C 2383 13.89 -44.38 -11.21
C ILE C 2383 13.07 -45.17 -10.21
N LEU C 2384 12.56 -46.34 -10.60
CA LEU C 2384 11.82 -47.17 -9.68
C LEU C 2384 12.71 -47.66 -8.55
N LEU C 2385 13.92 -48.11 -8.88
CA LEU C 2385 14.85 -48.59 -7.84
C LEU C 2385 15.19 -47.48 -6.86
N GLU C 2386 15.35 -46.25 -7.35
CA GLU C 2386 15.59 -45.13 -6.46
C GLU C 2386 14.35 -44.82 -5.62
N GLU C 2387 13.16 -45.00 -6.20
CA GLU C 2387 11.93 -44.79 -5.45
C GLU C 2387 11.62 -45.96 -4.53
N THR C 2388 12.13 -47.16 -4.83
CA THR C 2388 11.89 -48.31 -3.98
C THR C 2388 12.66 -48.20 -2.67
N LEU C 2389 13.88 -47.70 -2.72
CA LEU C 2389 14.72 -47.57 -1.53
C LEU C 2389 14.18 -46.48 -0.61
N ASP C 2405 9.61 -65.89 -12.93
CA ASP C 2405 8.95 -64.86 -12.13
C ASP C 2405 9.69 -63.54 -12.21
N CYS C 2406 9.71 -62.80 -11.10
CA CYS C 2406 10.40 -61.51 -11.06
C CYS C 2406 11.90 -61.69 -11.19
N LEU C 2407 12.47 -62.67 -10.47
CA LEU C 2407 13.91 -62.90 -10.56
C LEU C 2407 14.31 -63.37 -11.96
N SER C 2408 13.51 -64.25 -12.56
CA SER C 2408 13.81 -64.71 -13.91
C SER C 2408 13.71 -63.56 -14.91
N THR C 2409 12.70 -62.71 -14.75
CA THR C 2409 12.56 -61.56 -15.65
C THR C 2409 13.75 -60.61 -15.50
N GLY C 2410 14.18 -60.36 -14.26
CA GLY C 2410 15.34 -59.51 -14.06
C GLY C 2410 16.61 -60.08 -14.64
N MET C 2411 16.81 -61.40 -14.46
CA MET C 2411 17.99 -62.04 -15.05
C MET C 2411 17.96 -61.98 -16.56
N GLU C 2412 16.78 -62.19 -17.17
CA GLU C 2412 16.67 -62.10 -18.62
C GLU C 2412 16.94 -60.68 -19.10
N LEU C 2413 16.43 -59.68 -18.38
CA LEU C 2413 16.67 -58.29 -18.76
C LEU C 2413 18.16 -57.95 -18.66
N LEU C 2414 18.82 -58.41 -17.59
CA LEU C 2414 20.25 -58.14 -17.46
C LEU C 2414 21.05 -58.83 -18.55
N ARG C 2415 20.69 -60.06 -18.89
CA ARG C 2415 21.39 -60.77 -19.96
C ARG C 2415 21.18 -60.08 -21.30
N ARG C 2416 19.96 -59.63 -21.58
CA ARG C 2416 19.70 -58.92 -22.82
C ARG C 2416 20.45 -57.60 -22.88
N ILE C 2417 20.53 -56.90 -21.74
CA ILE C 2417 21.27 -55.64 -21.71
C ILE C 2417 22.75 -55.87 -21.96
N GLN C 2418 23.32 -56.90 -21.33
CA GLN C 2418 24.73 -57.21 -21.55
C GLN C 2418 24.99 -57.61 -23.00
N GLU C 2419 24.06 -58.37 -23.58
CA GLU C 2419 24.22 -58.76 -24.98
C GLU C 2419 24.14 -57.56 -25.90
N ARG C 2420 23.22 -56.63 -25.63
CA ARG C 2420 23.12 -55.42 -26.43
C ARG C 2420 24.38 -54.57 -26.29
N LEU C 2421 24.94 -54.51 -25.09
CA LEU C 2421 26.18 -53.77 -24.88
C LEU C 2421 27.32 -54.40 -25.68
N LEU C 2422 27.44 -55.71 -25.63
CA LEU C 2422 28.49 -56.40 -26.38
C LEU C 2422 28.30 -56.19 -27.89
N ALA C 2423 27.05 -56.22 -28.36
CA ALA C 2423 26.79 -56.03 -29.77
C ALA C 2423 27.13 -54.62 -30.22
N ILE C 2424 26.79 -53.62 -29.39
CA ILE C 2424 27.13 -52.24 -29.71
C ILE C 2424 28.64 -52.05 -29.72
N LEU C 2425 29.34 -52.69 -28.77
CA LEU C 2425 30.79 -52.60 -28.75
C LEU C 2425 31.40 -53.24 -30.00
N GLN C 2426 30.85 -54.38 -30.43
CA GLN C 2426 31.34 -55.03 -31.63
C GLN C 2426 31.09 -54.17 -32.86
N HIS C 2427 29.91 -53.55 -32.94
CA HIS C 2427 29.61 -52.68 -34.07
C HIS C 2427 30.55 -51.47 -34.09
N SER C 2428 30.85 -50.92 -32.91
CA SER C 2428 31.77 -49.80 -32.84
C SER C 2428 33.18 -50.21 -33.27
N ALA C 2429 33.63 -51.38 -32.82
CA ALA C 2429 34.94 -51.87 -33.21
C ALA C 2429 35.01 -52.14 -34.71
N GLN C 2430 33.91 -52.60 -35.31
CA GLN C 2430 33.90 -52.83 -36.75
C GLN C 2430 33.86 -51.53 -37.52
N ASP C 2431 33.15 -50.52 -37.01
CA ASP C 2431 33.07 -49.24 -37.70
C ASP C 2431 34.40 -48.48 -37.62
N PHE C 2432 35.05 -48.50 -36.46
CA PHE C 2432 36.32 -47.81 -36.29
C PHE C 2432 37.10 -48.39 -35.13
N ARG D 21 48.37 12.60 -31.80
CA ARG D 21 48.25 12.51 -30.35
C ARG D 21 46.81 12.24 -29.94
N PHE D 22 46.61 11.89 -28.68
CA PHE D 22 45.31 11.58 -28.13
C PHE D 22 45.02 12.53 -26.97
N GLU D 23 43.74 12.88 -26.81
CA GLU D 23 43.33 13.76 -25.72
C GLU D 23 42.17 13.11 -24.97
N VAL D 24 42.39 12.76 -23.71
CA VAL D 24 41.33 12.18 -22.91
C VAL D 24 40.33 13.27 -22.56
N LYS D 25 39.07 13.09 -22.97
CA LYS D 25 38.03 14.07 -22.69
C LYS D 25 37.09 13.65 -21.57
N LYS D 26 37.05 12.36 -21.23
CA LYS D 26 36.28 11.89 -20.10
C LYS D 26 36.83 10.53 -19.69
N TRP D 27 36.64 10.19 -18.43
CA TRP D 27 37.07 8.89 -17.94
C TRP D 27 36.21 8.48 -16.77
N ASN D 28 36.01 7.19 -16.63
CA ASN D 28 35.11 6.62 -15.63
C ASN D 28 35.84 5.51 -14.90
N ALA D 29 36.42 5.84 -13.76
CA ALA D 29 37.21 4.89 -12.99
C ALA D 29 36.32 4.06 -12.09
N VAL D 30 36.74 2.84 -11.82
CA VAL D 30 35.98 1.88 -11.05
C VAL D 30 36.81 1.40 -9.88
N ALA D 31 36.20 1.30 -8.71
CA ALA D 31 36.92 0.88 -7.51
C ALA D 31 36.02 0.05 -6.62
N LEU D 32 36.52 -1.11 -6.23
CA LEU D 32 35.84 -1.93 -5.24
C LEU D 32 36.17 -1.45 -3.85
N TRP D 33 35.23 -1.61 -2.93
CA TRP D 33 35.49 -1.35 -1.53
C TRP D 33 35.61 -2.67 -0.81
N ALA D 34 36.72 -2.86 -0.11
CA ALA D 34 37.00 -4.09 0.60
C ALA D 34 37.37 -3.77 2.04
N TRP D 35 37.00 -4.66 2.94
CA TRP D 35 37.27 -4.47 4.36
C TRP D 35 38.76 -4.40 4.63
N ASP D 40 30.97 -12.79 14.82
CA ASP D 40 29.73 -12.83 14.06
C ASP D 40 28.64 -13.54 14.85
N ASN D 41 28.44 -13.09 16.08
CA ASN D 41 27.34 -13.59 16.91
C ASN D 41 26.11 -12.72 16.67
N CYS D 42 25.07 -12.88 17.48
CA CYS D 42 23.83 -12.11 17.29
C CYS D 42 24.11 -10.69 17.77
N ALA D 43 24.73 -9.92 16.87
CA ALA D 43 25.31 -8.63 17.22
C ALA D 43 24.35 -7.76 18.01
N ILE D 44 23.05 -7.83 17.69
CA ILE D 44 22.10 -6.91 18.30
C ILE D 44 22.00 -7.15 19.82
N CYS D 45 21.96 -8.41 20.24
CA CYS D 45 22.00 -8.69 21.67
C CYS D 45 23.32 -9.30 22.12
N ARG D 46 24.25 -9.54 21.21
CA ARG D 46 25.63 -9.91 21.49
C ARG D 46 25.78 -11.30 22.12
N ASN D 47 24.71 -12.06 22.29
CA ASN D 47 24.90 -13.42 22.76
C ASN D 47 25.51 -14.27 21.65
N HIS D 48 25.96 -15.46 22.01
CA HIS D 48 26.60 -16.33 21.03
C HIS D 48 25.61 -16.68 19.93
N ILE D 49 26.15 -16.84 18.71
CA ILE D 49 25.30 -16.92 17.52
C ILE D 49 24.30 -18.07 17.65
N MET D 50 24.75 -19.22 18.13
CA MET D 50 23.88 -20.37 18.32
C MET D 50 23.26 -20.42 19.70
N ASP D 51 23.65 -19.51 20.60
CA ASP D 51 23.17 -19.55 21.98
C ASP D 51 21.78 -18.93 22.05
N LEU D 52 21.29 -18.71 23.27
CA LEU D 52 19.93 -18.26 23.48
C LEU D 52 19.87 -16.74 23.60
N CYS D 53 18.67 -16.24 23.87
CA CYS D 53 18.37 -14.82 23.84
C CYS D 53 18.54 -14.21 25.22
N ILE D 54 19.29 -13.12 25.31
CA ILE D 54 19.62 -12.58 26.63
C ILE D 54 18.39 -11.96 27.30
N GLU D 55 17.55 -11.30 26.51
CA GLU D 55 16.30 -10.76 27.04
C GLU D 55 15.52 -11.83 27.79
N CYS D 56 15.35 -12.99 27.16
CA CYS D 56 14.74 -14.12 27.83
C CYS D 56 15.74 -14.95 28.63
N GLN D 57 17.05 -14.69 28.49
CA GLN D 57 17.98 -15.37 29.38
C GLN D 57 17.93 -14.81 30.79
N ALA D 58 17.45 -13.57 30.94
CA ALA D 58 17.16 -13.06 32.27
C ALA D 58 15.96 -13.79 32.87
N ASN D 59 14.90 -13.96 32.08
CA ASN D 59 13.73 -14.73 32.50
C ASN D 59 13.92 -16.18 32.04
N GLN D 60 14.76 -16.89 32.78
CA GLN D 60 15.06 -18.28 32.43
C GLN D 60 13.80 -19.13 32.46
N ALA D 61 13.60 -19.90 31.40
CA ALA D 61 12.42 -20.75 31.24
C ALA D 61 11.12 -19.94 31.37
N GLU D 66 13.94 -19.35 26.82
CA GLU D 66 14.63 -19.97 25.69
C GLU D 66 13.63 -20.43 24.63
N GLU D 67 12.97 -19.46 24.00
CA GLU D 67 11.96 -19.77 22.99
C GLU D 67 12.18 -19.03 21.67
N CYS D 68 13.28 -18.29 21.53
CA CYS D 68 13.53 -17.52 20.33
C CYS D 68 14.22 -18.40 19.29
N THR D 69 13.55 -18.64 18.18
CA THR D 69 14.22 -19.24 17.03
C THR D 69 14.99 -18.17 16.27
N VAL D 70 15.99 -18.60 15.53
CA VAL D 70 16.75 -17.65 14.74
C VAL D 70 15.94 -17.26 13.51
N ALA D 71 16.15 -16.03 13.06
CA ALA D 71 15.50 -15.46 11.89
C ALA D 71 16.57 -15.07 10.89
N TRP D 72 16.25 -15.30 9.62
CA TRP D 72 17.10 -14.97 8.50
C TRP D 72 16.40 -13.93 7.64
N GLY D 73 17.20 -13.10 6.97
CA GLY D 73 16.65 -12.08 6.12
C GLY D 73 17.46 -11.97 4.83
N VAL D 74 16.81 -11.39 3.82
CA VAL D 74 17.38 -11.33 2.48
C VAL D 74 18.79 -10.78 2.51
N CYS D 75 19.06 -9.85 3.41
CA CYS D 75 20.37 -9.22 3.52
C CYS D 75 21.40 -10.12 4.14
N ASN D 76 21.04 -11.38 4.38
CA ASN D 76 21.99 -12.42 4.77
C ASN D 76 22.62 -12.14 6.14
N HIS D 77 21.78 -11.79 7.11
CA HIS D 77 22.20 -11.84 8.50
C HIS D 77 21.24 -12.70 9.30
N ALA D 78 21.75 -13.28 10.39
CA ALA D 78 20.98 -14.16 11.26
C ALA D 78 20.86 -13.55 12.64
N PHE D 79 19.62 -13.30 13.07
CA PHE D 79 19.38 -12.67 14.36
C PHE D 79 18.27 -13.40 15.10
N HIS D 80 18.11 -13.11 16.39
CA HIS D 80 17.06 -13.77 17.16
C HIS D 80 15.69 -13.18 16.88
N PHE D 81 14.69 -14.05 16.72
CA PHE D 81 13.33 -13.60 16.50
C PHE D 81 12.86 -12.64 17.59
N HIS D 82 13.33 -12.82 18.82
CA HIS D 82 12.98 -11.90 19.89
C HIS D 82 13.59 -10.53 19.65
N CYS D 83 14.92 -10.50 19.51
CA CYS D 83 15.66 -9.28 19.18
C CYS D 83 14.96 -8.54 18.05
N ILE D 84 14.77 -9.25 16.93
CA ILE D 84 14.25 -8.64 15.72
C ILE D 84 12.82 -8.18 15.93
N SER D 85 11.99 -9.00 16.57
CA SER D 85 10.62 -8.59 16.81
C SER D 85 10.59 -7.23 17.50
N ARG D 86 11.29 -7.12 18.62
CA ARG D 86 11.34 -5.86 19.34
C ARG D 86 11.87 -4.74 18.45
N TRP D 87 13.11 -4.89 17.98
CA TRP D 87 13.79 -3.85 17.20
C TRP D 87 12.92 -3.35 16.06
N LEU D 88 12.35 -4.29 15.29
CA LEU D 88 11.48 -3.91 14.18
C LEU D 88 10.25 -3.16 14.66
N LYS D 89 9.64 -3.63 15.75
CA LYS D 89 8.53 -2.88 16.33
C LYS D 89 8.96 -1.45 16.64
N THR D 90 10.25 -1.25 16.91
CA THR D 90 10.76 0.12 17.08
C THR D 90 11.04 0.77 15.74
N ARG D 91 11.94 0.20 14.94
CA ARG D 91 12.38 0.82 13.70
C ARG D 91 12.27 -0.19 12.57
N GLN D 92 12.33 0.29 11.33
CA GLN D 92 11.96 -0.52 10.17
C GLN D 92 13.07 -0.57 9.14
N VAL D 93 14.30 -0.80 9.60
CA VAL D 93 15.46 -0.98 8.74
C VAL D 93 16.26 -2.15 9.32
N CYS D 94 17.12 -2.74 8.50
CA CYS D 94 18.05 -3.74 9.06
C CYS D 94 19.10 -3.03 9.89
N PRO D 95 19.22 -3.35 11.18
CA PRO D 95 20.20 -2.64 12.02
C PRO D 95 21.64 -2.84 11.59
N LEU D 96 21.93 -3.76 10.67
CA LEU D 96 23.31 -4.03 10.31
C LEU D 96 23.72 -3.47 8.95
N ASP D 97 22.78 -3.26 8.02
CA ASP D 97 23.16 -2.84 6.68
C ASP D 97 22.28 -1.74 6.10
N ASN D 98 21.40 -1.14 6.88
CA ASN D 98 20.66 0.06 6.49
C ASN D 98 19.71 -0.19 5.32
N ARG D 99 19.14 -1.39 5.23
CA ARG D 99 18.14 -1.72 4.22
C ARG D 99 16.86 -2.17 4.89
N GLU D 100 15.73 -1.94 4.22
CA GLU D 100 14.45 -2.38 4.75
C GLU D 100 14.45 -3.88 4.95
N TRP D 101 14.31 -4.30 6.20
CA TRP D 101 14.35 -5.72 6.53
C TRP D 101 13.23 -6.46 5.82
N GLU D 102 13.58 -7.62 5.26
CA GLU D 102 12.61 -8.47 4.57
C GLU D 102 12.77 -9.89 5.08
N PHE D 103 11.74 -10.41 5.75
CA PHE D 103 11.80 -11.75 6.28
C PHE D 103 11.93 -12.75 5.15
N GLN D 104 13.00 -13.54 5.18
CA GLN D 104 13.31 -14.44 4.08
C GLN D 104 12.28 -15.55 4.01
N LYS D 105 11.57 -15.65 2.90
CA LYS D 105 10.54 -16.66 2.72
C LYS D 105 10.85 -17.62 1.59
N TYR D 106 12.08 -17.63 1.10
CA TYR D 106 12.50 -18.63 0.14
C TYR D 106 12.67 -19.98 0.82
N GLY D 107 12.54 -21.04 0.04
CA GLY D 107 12.81 -22.39 0.53
C GLY D 107 11.90 -22.82 1.66
N HIS D 108 10.94 -21.97 2.01
CA HIS D 108 10.08 -22.20 3.16
C HIS D 108 8.75 -22.79 2.74
#